data_9BZM
#
_entry.id   9BZM
#
loop_
_entity.id
_entity.type
_entity.pdbx_description
1 polymer 'Ribonucleoside-diphosphate reductase subunit alpha'
2 polymer 'Ribonucleoside-diphosphate reductase subunit beta'
3 non-polymer "ADENOSINE-5'-TRIPHOSPHATE"
4 non-polymer "GUANOSINE-5'-DIPHOSPHATE"
5 non-polymer "THYMIDINE-5'-TRIPHOSPHATE"
6 non-polymer 'MAGNESIUM ION'
7 non-polymer 'MANGANESE (II) ION'
#
loop_
_entity_poly.entity_id
_entity_poly.type
_entity_poly.pdbx_seq_one_letter_code
_entity_poly.pdbx_strand_id
1 'polypeptide(L)'
;MSQNQVPKWIQLNNEIMIQKDGKFQFDKDKEAVHSYFVDYINQNTVFFHNLKEKLDYLVENQYYEEEFLSLYSFEDIKEV
FKTAYAKKFRFPSFMSAFKFYNDYALKTNDKKKILERYEDRISIVALFFANGDTEKAKEYVNLMINQEYQPSTPTFLNAG
RKRRGELVSCFLLEVNDSLNDISRAIDISMQLSKLGGGVSLNLSKLRAKGEAIKDVENATKGVVGVMKLLDNAFRYADQM
GQRQGSGAAYLNIFHRDINDFLDTKKISADEDVRVKTLSIGVVIPDKFVELAREDKAAYVFYPHTIYKEYGQHMDEMDMN
EMYDKFVDNPRVKKEKINPRKLLEKLAMLRSESGYPYIMFQDNVNKVHANNHISKVKFSNLCSEVLQASQVSSYTDYDEE
DEIGLDISCNLGSLNILNVMEHKSIEKTVKLATDSLTHVSETTDIRNAPAVRRANKAMKSIGLGAMNLHGYLAQNGIAYE
SPEARDFANTFFMMVNFYSIQRSAEIAKEKGETFDQYEGSTYATGEYFDKYVSTDFSPKYEKIANLFEGMHIPTTEDWKK
LKAFVAEHGMYHSYRLCIAPTGSISYVQSSTASVMPIMERIEERTYGNSKTYYPMPGLASNNWFFYKEAYDMDMFKVVDM
IATIQQHIDQGISFTLFLKDTMTTRDLNRIDLYAHHRGIKTIYYARTKDTGQDSCLSCVV
;
A,B
2 'polypeptide(L)'
;MGSSHHHHHHSSGLVPRGSHMMTKIYDAANWSKHEDDFTQMFYNQNVKQFWLPEEIALNGDLLTWKYLGKNEQDTYMKVL
AGLTLLDTEQGNTGMPIVAEHVDGHQRKAVLNFMAMMENAVHAKSYSNIFMTLAPTETINEVFEWVKQNKYLQKKAQMIV
GLYKAIQKDDEISLFKAMVASVYLESFLFYSGFYYPLYFYGQGKLMQSGEIINLILRDEAIHGVYVGLLAQEIYNKQTEE
KKAELREFAIDLLNQLYENELEYTEDLYDQVGLSHDVKKFIRYNANKALMNLGFDPYFEEEDINPIVLNGLNTKTKSHDF
FSMKGNGYKKATVEPLKDDDFYFEDEKEQI
;
C,D
#
loop_
_chem_comp.id
_chem_comp.type
_chem_comp.name
_chem_comp.formula
ATP non-polymer ADENOSINE-5'-TRIPHOSPHATE 'C10 H16 N5 O13 P3'
GDP RNA linking GUANOSINE-5'-DIPHOSPHATE 'C10 H15 N5 O11 P2'
MG non-polymer 'MAGNESIUM ION' 'Mg 2'
MN non-polymer 'MANGANESE (II) ION' 'Mn 2'
TTP non-polymer THYMIDINE-5'-TRIPHOSPHATE 'C10 H17 N2 O14 P3'
#
# COMPACT_ATOMS: atom_id res chain seq x y z
N VAL A 6 -6.21 5.08 -40.65
CA VAL A 6 -4.80 4.73 -40.54
C VAL A 6 -3.94 5.62 -41.44
N PRO A 7 -2.92 6.23 -40.85
CA PRO A 7 -2.05 7.12 -41.64
C PRO A 7 -1.18 6.34 -42.61
N LYS A 8 -0.73 7.05 -43.65
CA LYS A 8 0.01 6.39 -44.73
C LYS A 8 1.32 5.80 -44.23
N TRP A 9 2.04 6.51 -43.37
CA TRP A 9 3.30 5.99 -42.86
C TRP A 9 3.09 4.74 -42.03
N ILE A 10 1.97 4.66 -41.31
CA ILE A 10 1.69 3.46 -40.52
C ILE A 10 1.38 2.28 -41.42
N GLN A 11 0.67 2.51 -42.53
CA GLN A 11 0.47 1.43 -43.49
C GLN A 11 1.78 0.97 -44.10
N LEU A 12 2.66 1.92 -44.46
CA LEU A 12 3.95 1.56 -45.02
C LEU A 12 4.81 0.81 -44.01
N ASN A 13 4.66 1.11 -42.72
CA ASN A 13 5.39 0.39 -41.68
C ASN A 13 4.83 -1.01 -41.46
N ASN A 14 3.51 -1.15 -41.44
CA ASN A 14 2.90 -2.46 -41.30
C ASN A 14 3.09 -3.33 -42.54
N GLU A 15 3.44 -2.73 -43.68
CA GLU A 15 3.74 -3.52 -44.86
C GLU A 15 5.04 -4.31 -44.73
N ILE A 16 5.83 -4.07 -43.67
CA ILE A 16 7.05 -4.84 -43.45
C ILE A 16 6.72 -6.31 -43.26
N MET A 17 5.73 -6.60 -42.41
CA MET A 17 5.40 -7.99 -42.10
C MET A 17 4.85 -8.72 -43.31
N ILE A 18 4.23 -8.00 -44.25
CA ILE A 18 3.72 -8.61 -45.47
C ILE A 18 4.93 -9.12 -46.26
N GLN A 19 5.01 -10.44 -46.46
CA GLN A 19 6.19 -11.05 -47.03
C GLN A 19 6.08 -11.10 -48.56
N LYS A 20 7.11 -10.60 -49.23
CA LYS A 20 7.22 -10.68 -50.68
C LYS A 20 8.39 -11.59 -51.03
N ASP A 21 8.11 -12.61 -51.84
CA ASP A 21 9.11 -13.63 -52.20
C ASP A 21 9.68 -14.29 -50.95
N GLY A 22 8.83 -14.50 -49.95
CA GLY A 22 9.27 -15.12 -48.72
C GLY A 22 10.21 -14.31 -47.88
N LYS A 23 10.25 -12.99 -48.08
CA LYS A 23 11.15 -12.12 -47.33
C LYS A 23 10.38 -10.91 -46.82
N PHE A 24 10.79 -10.44 -45.64
CA PHE A 24 10.19 -9.24 -45.07
C PHE A 24 10.59 -8.02 -45.87
N GLN A 25 9.64 -7.10 -46.08
CA GLN A 25 9.90 -5.86 -46.82
C GLN A 25 10.48 -4.84 -45.85
N PHE A 26 11.75 -5.04 -45.50
CA PHE A 26 12.44 -4.13 -44.60
C PHE A 26 12.59 -2.74 -45.22
N ASP A 27 12.91 -2.68 -46.51
CA ASP A 27 13.13 -1.39 -47.16
C ASP A 27 11.89 -0.52 -47.12
N LYS A 28 10.69 -1.13 -47.06
CA LYS A 28 9.47 -0.35 -46.95
C LYS A 28 9.49 0.56 -45.73
N ASP A 29 10.14 0.12 -44.65
CA ASP A 29 10.27 0.98 -43.48
C ASP A 29 10.86 2.33 -43.84
N LYS A 30 11.91 2.33 -44.67
CA LYS A 30 12.50 3.60 -45.11
C LYS A 30 11.43 4.48 -45.75
N GLU A 31 10.62 3.92 -46.65
CA GLU A 31 9.56 4.69 -47.27
C GLU A 31 8.64 5.27 -46.21
N ALA A 32 8.30 4.48 -45.19
CA ALA A 32 7.46 4.97 -44.10
C ALA A 32 8.04 6.24 -43.51
N VAL A 33 9.35 6.25 -43.26
CA VAL A 33 9.99 7.45 -42.69
C VAL A 33 9.70 8.64 -43.57
N HIS A 34 9.90 8.49 -44.88
CA HIS A 34 9.62 9.57 -45.82
C HIS A 34 8.19 10.05 -45.65
N SER A 35 7.24 9.11 -45.63
CA SER A 35 5.85 9.49 -45.42
C SER A 35 5.69 10.20 -44.08
N TYR A 36 6.30 9.65 -43.02
CA TYR A 36 6.17 10.26 -41.71
C TYR A 36 6.70 11.68 -41.69
N PHE A 37 7.60 12.01 -42.62
CA PHE A 37 8.09 13.37 -42.75
C PHE A 37 7.36 14.17 -43.82
N VAL A 38 6.84 13.50 -44.85
CA VAL A 38 6.14 14.24 -45.89
C VAL A 38 4.72 14.59 -45.46
N ASP A 39 4.08 13.71 -44.69
CA ASP A 39 2.69 13.89 -44.31
C ASP A 39 2.51 14.53 -42.93
N TYR A 40 3.36 14.21 -41.96
CA TYR A 40 3.13 14.63 -40.58
C TYR A 40 4.18 15.60 -40.07
N ILE A 41 5.46 15.24 -40.10
CA ILE A 41 6.47 16.00 -39.37
C ILE A 41 6.62 17.40 -39.95
N ASN A 42 6.75 17.49 -41.28
CA ASN A 42 6.93 18.80 -41.90
C ASN A 42 5.68 19.66 -41.77
N GLN A 43 4.49 19.04 -41.82
CA GLN A 43 3.25 19.80 -41.69
C GLN A 43 3.11 20.40 -40.30
N ASN A 44 3.50 19.66 -39.26
CA ASN A 44 3.33 20.09 -37.88
C ASN A 44 4.61 20.67 -37.28
N THR A 45 5.61 20.98 -38.10
CA THR A 45 6.84 21.60 -37.62
C THR A 45 6.75 23.11 -37.81
N VAL A 46 6.96 23.85 -36.72
CA VAL A 46 6.92 25.31 -36.79
C VAL A 46 8.18 25.81 -37.47
N PHE A 47 8.01 26.62 -38.52
CA PHE A 47 9.12 27.17 -39.26
C PHE A 47 9.19 28.68 -39.06
N PHE A 48 10.42 29.20 -39.06
CA PHE A 48 10.67 30.61 -38.86
C PHE A 48 11.45 31.17 -40.04
N HIS A 49 11.36 32.48 -40.23
CA HIS A 49 12.06 33.12 -41.34
C HIS A 49 13.56 32.97 -41.23
N ASN A 50 14.09 32.96 -40.01
CA ASN A 50 15.51 32.75 -39.78
C ASN A 50 15.71 32.19 -38.39
N LEU A 51 16.91 31.69 -38.12
CA LEU A 51 17.21 31.07 -36.83
C LEU A 51 17.14 32.09 -35.70
N LYS A 52 17.41 33.36 -35.99
CA LYS A 52 17.31 34.39 -34.95
C LYS A 52 15.89 34.49 -34.42
N GLU A 53 14.91 34.48 -35.32
CA GLU A 53 13.51 34.53 -34.90
C GLU A 53 13.13 33.28 -34.10
N LYS A 54 13.60 32.11 -34.54
CA LYS A 54 13.30 30.88 -33.83
C LYS A 54 13.86 30.91 -32.41
N LEU A 55 15.11 31.34 -32.27
CA LEU A 55 15.73 31.40 -30.94
C LEU A 55 15.05 32.43 -30.06
N ASP A 56 14.68 33.59 -30.64
CA ASP A 56 13.97 34.60 -29.86
C ASP A 56 12.62 34.08 -29.39
N TYR A 57 11.88 33.40 -30.27
CA TYR A 57 10.58 32.86 -29.89
C TYR A 57 10.73 31.79 -28.81
N LEU A 58 11.73 30.93 -28.92
CA LEU A 58 11.89 29.86 -27.95
C LEU A 58 12.34 30.40 -26.61
N VAL A 59 13.22 31.41 -26.60
CA VAL A 59 13.69 31.99 -25.34
C VAL A 59 12.57 32.78 -24.68
N GLU A 60 11.86 33.61 -25.46
CA GLU A 60 10.84 34.48 -24.89
C GLU A 60 9.67 33.67 -24.34
N ASN A 61 9.27 32.60 -25.02
CA ASN A 61 8.16 31.76 -24.58
C ASN A 61 8.56 30.74 -23.54
N GLN A 62 9.70 30.93 -22.89
CA GLN A 62 10.17 30.07 -21.79
C GLN A 62 10.37 28.63 -22.23
N TYR A 63 10.77 28.43 -23.49
CA TYR A 63 11.14 27.09 -23.95
C TYR A 63 12.61 26.80 -23.65
N TYR A 64 13.49 27.75 -23.94
CA TYR A 64 14.92 27.61 -23.72
C TYR A 64 15.38 28.43 -22.52
N GLU A 65 16.65 28.23 -22.17
CA GLU A 65 17.29 29.05 -21.15
C GLU A 65 18.13 30.13 -21.81
N GLU A 66 18.12 31.33 -21.23
CA GLU A 66 18.91 32.43 -21.76
C GLU A 66 20.39 32.28 -21.47
N GLU A 67 20.74 31.64 -20.36
CA GLU A 67 22.12 31.64 -19.89
C GLU A 67 23.04 30.92 -20.87
N PHE A 68 22.66 29.72 -21.31
CA PHE A 68 23.55 28.94 -22.15
C PHE A 68 23.64 29.50 -23.57
N LEU A 69 22.56 30.13 -24.05
CA LEU A 69 22.61 30.76 -25.36
C LEU A 69 23.37 32.08 -25.34
N SER A 70 23.38 32.77 -24.20
CA SER A 70 24.06 34.05 -24.10
C SER A 70 25.57 33.91 -24.14
N LEU A 71 26.10 32.71 -23.90
CA LEU A 71 27.54 32.51 -23.93
C LEU A 71 28.12 32.56 -25.34
N TYR A 72 27.28 32.49 -26.37
CA TYR A 72 27.72 32.53 -27.75
C TYR A 72 27.13 33.76 -28.44
N SER A 73 27.89 34.29 -29.40
CA SER A 73 27.30 35.23 -30.34
C SER A 73 26.34 34.50 -31.27
N PHE A 74 25.41 35.25 -31.85
CA PHE A 74 24.43 34.62 -32.73
C PHE A 74 25.09 33.98 -33.94
N GLU A 75 26.21 34.53 -34.40
CA GLU A 75 26.93 33.94 -35.52
C GLU A 75 27.44 32.55 -35.17
N ASP A 76 27.95 32.38 -33.96
CA ASP A 76 28.43 31.06 -33.53
C ASP A 76 27.30 30.06 -33.41
N ILE A 77 26.15 30.48 -32.87
CA ILE A 77 25.01 29.59 -32.77
C ILE A 77 24.51 29.19 -34.15
N LYS A 78 24.46 30.15 -35.07
CA LYS A 78 24.05 29.86 -36.44
C LYS A 78 25.03 28.91 -37.11
N GLU A 79 26.32 29.07 -36.85
CA GLU A 79 27.32 28.17 -37.42
C GLU A 79 27.15 26.75 -36.86
N VAL A 80 26.85 26.64 -35.56
CA VAL A 80 26.62 25.32 -34.96
C VAL A 80 25.38 24.66 -35.58
N PHE A 81 24.31 25.43 -35.75
CA PHE A 81 23.10 24.89 -36.37
C PHE A 81 23.38 24.48 -37.82
N LYS A 82 24.16 25.28 -38.55
CA LYS A 82 24.50 24.94 -39.92
C LYS A 82 25.34 23.67 -39.98
N THR A 83 26.27 23.51 -39.03
CA THR A 83 27.04 22.27 -38.96
C THR A 83 26.14 21.07 -38.69
N ALA A 84 25.14 21.25 -37.83
CA ALA A 84 24.20 20.17 -37.57
C ALA A 84 23.40 19.82 -38.82
N TYR A 85 22.93 20.82 -39.56
CA TYR A 85 22.11 20.59 -40.73
C TYR A 85 22.90 20.18 -41.97
N ALA A 86 24.22 20.40 -41.97
CA ALA A 86 25.03 20.03 -43.13
C ALA A 86 25.15 18.52 -43.30
N LYS A 87 24.97 17.75 -42.22
CA LYS A 87 25.01 16.31 -42.32
C LYS A 87 23.87 15.76 -43.17
N LYS A 88 22.75 16.49 -43.23
CA LYS A 88 21.53 16.02 -43.88
C LYS A 88 21.10 14.68 -43.31
N PHE A 89 21.10 14.60 -41.98
CA PHE A 89 20.78 13.36 -41.29
C PHE A 89 19.36 12.91 -41.62
N ARG A 90 19.21 11.62 -41.91
CA ARG A 90 17.91 11.02 -42.17
C ARG A 90 17.72 9.83 -41.26
N PHE A 91 16.58 9.77 -40.59
CA PHE A 91 16.26 8.61 -39.77
C PHE A 91 16.08 7.39 -40.66
N PRO A 92 16.81 6.30 -40.40
CA PRO A 92 16.71 5.13 -41.29
C PRO A 92 15.46 4.30 -41.10
N SER A 93 14.78 4.42 -39.95
CA SER A 93 13.59 3.66 -39.66
C SER A 93 12.51 4.59 -39.13
N PHE A 94 11.25 4.18 -39.33
CA PHE A 94 10.13 5.01 -38.90
C PHE A 94 10.12 5.17 -37.38
N MET A 95 10.44 4.11 -36.65
CA MET A 95 10.37 4.18 -35.20
C MET A 95 11.38 5.15 -34.61
N SER A 96 12.54 5.31 -35.25
CA SER A 96 13.51 6.28 -34.76
C SER A 96 12.94 7.70 -34.75
N ALA A 97 12.42 8.13 -35.90
CA ALA A 97 11.83 9.45 -36.00
C ALA A 97 10.59 9.58 -35.13
N PHE A 98 9.77 8.54 -35.07
CA PHE A 98 8.56 8.59 -34.25
C PHE A 98 8.92 8.75 -32.78
N LYS A 99 9.89 7.99 -32.29
CA LYS A 99 10.30 8.09 -30.89
C LYS A 99 10.91 9.45 -30.60
N PHE A 100 11.73 9.98 -31.51
CA PHE A 100 12.31 11.30 -31.26
C PHE A 100 11.23 12.37 -31.21
N TYR A 101 10.35 12.40 -32.21
CA TYR A 101 9.36 13.47 -32.30
C TYR A 101 8.17 13.27 -31.38
N ASN A 102 8.07 12.12 -30.72
CA ASN A 102 7.05 11.90 -29.70
C ASN A 102 7.58 12.01 -28.28
N ASP A 103 8.89 11.82 -28.08
CA ASP A 103 9.46 11.83 -26.74
C ASP A 103 10.45 12.96 -26.50
N TYR A 104 11.24 13.34 -27.49
CA TYR A 104 12.35 14.26 -27.27
C TYR A 104 12.21 15.59 -27.99
N ALA A 105 11.54 15.65 -29.14
CA ALA A 105 11.40 16.90 -29.86
C ALA A 105 10.57 17.89 -29.05
N LEU A 106 11.03 19.13 -28.99
CA LEU A 106 10.33 20.17 -28.25
C LEU A 106 9.02 20.53 -28.95
N LYS A 107 7.93 20.52 -28.19
CA LYS A 107 6.61 20.85 -28.70
C LYS A 107 6.08 22.09 -27.99
N THR A 108 5.09 22.72 -28.62
CA THR A 108 4.45 23.89 -28.03
C THR A 108 3.71 23.50 -26.74
N ASN A 109 3.27 24.51 -26.00
CA ASN A 109 2.54 24.26 -24.77
C ASN A 109 1.25 23.49 -25.02
N ASP A 110 0.65 23.66 -26.20
CA ASP A 110 -0.55 22.93 -26.59
C ASP A 110 -0.26 21.57 -27.18
N LYS A 111 1.02 21.21 -27.35
CA LYS A 111 1.43 19.87 -27.78
C LYS A 111 0.83 19.47 -29.13
N LYS A 112 0.69 20.43 -30.04
CA LYS A 112 0.19 20.14 -31.37
C LYS A 112 1.16 20.51 -32.47
N LYS A 113 2.22 21.25 -32.16
CA LYS A 113 3.21 21.67 -33.14
C LYS A 113 4.60 21.27 -32.67
N ILE A 114 5.50 21.11 -33.63
CA ILE A 114 6.87 20.68 -33.36
C ILE A 114 7.78 21.88 -33.51
N LEU A 115 8.45 22.25 -32.42
CA LEU A 115 9.38 23.38 -32.44
C LEU A 115 10.81 22.96 -32.75
N GLU A 116 11.19 21.74 -32.40
CA GLU A 116 12.56 21.27 -32.54
C GLU A 116 12.62 20.09 -33.50
N ARG A 117 13.52 20.18 -34.49
CA ARG A 117 13.89 19.03 -35.29
C ARG A 117 15.00 18.27 -34.57
N TYR A 118 15.47 17.18 -35.20
CA TYR A 118 16.61 16.47 -34.64
C TYR A 118 17.86 17.34 -34.63
N GLU A 119 18.10 18.06 -35.73
CA GLU A 119 19.26 18.94 -35.81
C GLU A 119 19.16 20.08 -34.80
N ASP A 120 17.96 20.61 -34.59
CA ASP A 120 17.79 21.69 -33.62
C ASP A 120 18.09 21.21 -32.20
N ARG A 121 17.54 20.06 -31.82
CA ARG A 121 17.80 19.52 -30.50
C ARG A 121 19.27 19.20 -30.31
N ILE A 122 19.90 18.61 -31.34
CA ILE A 122 21.32 18.28 -31.24
C ILE A 122 22.16 19.55 -31.11
N SER A 123 21.83 20.59 -31.87
CA SER A 123 22.56 21.85 -31.79
C SER A 123 22.40 22.48 -30.41
N ILE A 124 21.19 22.44 -29.86
CA ILE A 124 20.97 23.03 -28.53
C ILE A 124 21.75 22.26 -27.48
N VAL A 125 21.73 20.93 -27.55
CA VAL A 125 22.47 20.13 -26.58
C VAL A 125 23.97 20.37 -26.71
N ALA A 126 24.46 20.52 -27.95
CA ALA A 126 25.88 20.80 -28.16
C ALA A 126 26.27 22.16 -27.60
N LEU A 127 25.44 23.18 -27.83
CA LEU A 127 25.72 24.50 -27.29
C LEU A 127 25.71 24.50 -25.78
N PHE A 128 24.78 23.73 -25.18
CA PHE A 128 24.78 23.58 -23.72
C PHE A 128 26.05 22.89 -23.24
N PHE A 129 26.48 21.84 -23.96
CA PHE A 129 27.67 21.10 -23.57
C PHE A 129 28.92 21.98 -23.62
N ALA A 130 29.08 22.76 -24.68
CA ALA A 130 30.33 23.47 -24.91
C ALA A 130 30.52 24.62 -23.92
N ASN A 131 29.44 25.18 -23.39
CA ASN A 131 29.49 26.22 -22.37
C ASN A 131 30.26 27.45 -22.87
N GLY A 132 30.07 27.81 -24.13
CA GLY A 132 30.63 29.03 -24.70
C GLY A 132 31.68 28.83 -25.77
N ASP A 133 32.11 27.59 -26.03
CA ASP A 133 33.12 27.30 -27.03
C ASP A 133 32.44 26.88 -28.32
N THR A 134 32.52 27.74 -29.35
CA THR A 134 31.86 27.44 -30.62
C THR A 134 32.48 26.22 -31.30
N GLU A 135 33.81 26.09 -31.26
CA GLU A 135 34.45 24.93 -31.87
C GLU A 135 34.09 23.65 -31.11
N LYS A 136 34.06 23.71 -29.78
CA LYS A 136 33.64 22.55 -29.01
C LYS A 136 32.17 22.22 -29.29
N ALA A 137 31.34 23.24 -29.45
CA ALA A 137 29.94 23.01 -29.80
C ALA A 137 29.82 22.32 -31.16
N LYS A 138 30.62 22.73 -32.13
CA LYS A 138 30.60 22.09 -33.44
C LYS A 138 31.10 20.66 -33.34
N GLU A 139 32.10 20.40 -32.49
CA GLU A 139 32.56 19.04 -32.28
C GLU A 139 31.46 18.18 -31.68
N TYR A 140 30.72 18.71 -30.71
CA TYR A 140 29.61 17.98 -30.13
C TYR A 140 28.51 17.72 -31.16
N VAL A 141 28.25 18.72 -32.01
CA VAL A 141 27.23 18.57 -33.06
C VAL A 141 27.64 17.47 -34.03
N ASN A 142 28.92 17.44 -34.42
CA ASN A 142 29.38 16.38 -35.30
C ASN A 142 29.35 15.02 -34.60
N LEU A 143 29.57 14.99 -33.29
CA LEU A 143 29.51 13.74 -32.54
C LEU A 143 28.08 13.19 -32.51
N MET A 144 27.10 14.06 -32.25
CA MET A 144 25.72 13.62 -32.10
C MET A 144 24.99 13.45 -33.42
N ILE A 145 25.36 14.19 -34.45
CA ILE A 145 24.72 14.03 -35.75
C ILE A 145 25.30 12.84 -36.52
N ASN A 146 26.56 12.48 -36.25
CA ASN A 146 27.07 11.18 -36.66
C ASN A 146 26.52 10.06 -35.79
N GLN A 147 25.82 10.41 -34.71
CA GLN A 147 25.21 9.44 -33.80
C GLN A 147 26.25 8.52 -33.19
N GLU A 148 27.46 9.04 -32.98
CA GLU A 148 28.49 8.29 -32.29
C GLU A 148 28.25 8.27 -30.79
N TYR A 149 27.79 9.38 -30.23
CA TYR A 149 27.49 9.49 -28.82
C TYR A 149 26.08 10.00 -28.64
N GLN A 150 25.40 9.49 -27.63
CA GLN A 150 24.03 9.88 -27.32
C GLN A 150 23.94 10.23 -25.85
N PRO A 151 23.68 11.49 -25.50
CA PRO A 151 23.38 11.81 -24.11
C PRO A 151 22.12 11.09 -23.66
N SER A 152 22.06 10.79 -22.36
CA SER A 152 20.93 10.05 -21.81
C SER A 152 19.63 10.81 -22.05
N THR A 153 18.53 10.11 -21.84
CA THR A 153 17.21 10.73 -21.97
C THR A 153 17.05 12.01 -21.18
N PRO A 154 17.46 12.09 -19.90
CA PRO A 154 17.38 13.39 -19.21
C PRO A 154 18.20 14.47 -19.88
N THR A 155 19.48 14.18 -20.17
CA THR A 155 20.34 15.18 -20.79
C THR A 155 19.85 15.56 -22.18
N PHE A 156 19.55 14.54 -23.00
CA PHE A 156 19.13 14.82 -24.37
C PHE A 156 17.81 15.59 -24.41
N LEU A 157 16.87 15.23 -23.54
CA LEU A 157 15.55 15.86 -23.57
C LEU A 157 15.58 17.27 -22.95
N ASN A 158 16.34 17.46 -21.87
CA ASN A 158 16.20 18.66 -21.07
C ASN A 158 17.31 19.67 -21.25
N ALA A 159 18.40 19.34 -21.93
CA ALA A 159 19.50 20.27 -22.07
C ALA A 159 19.06 21.51 -22.83
N GLY A 160 19.26 22.68 -22.22
CA GLY A 160 18.91 23.94 -22.84
C GLY A 160 17.45 24.33 -22.72
N ARG A 161 16.64 23.58 -21.99
CA ARG A 161 15.22 23.87 -21.84
C ARG A 161 14.93 24.45 -20.47
N LYS A 162 14.15 25.53 -20.43
CA LYS A 162 13.81 26.15 -19.15
C LYS A 162 12.82 25.30 -18.36
N ARG A 163 11.79 24.79 -19.04
CA ARG A 163 10.81 23.90 -18.41
C ARG A 163 11.37 22.48 -18.50
N ARG A 164 12.11 22.08 -17.48
CA ARG A 164 12.85 20.84 -17.53
C ARG A 164 13.03 20.28 -16.13
N GLY A 165 13.31 18.98 -16.07
CA GLY A 165 13.80 18.34 -14.87
C GLY A 165 15.31 18.37 -14.82
N GLU A 166 15.86 17.65 -13.83
CA GLU A 166 17.31 17.57 -13.72
C GLU A 166 17.87 16.68 -14.82
N LEU A 167 19.14 16.94 -15.18
CA LEU A 167 19.81 16.15 -16.19
C LEU A 167 20.29 14.80 -15.67
N VAL A 168 20.24 14.59 -14.37
CA VAL A 168 20.58 13.30 -13.76
C VAL A 168 19.28 12.64 -13.33
N SER A 169 19.14 11.34 -13.64
CA SER A 169 17.96 10.59 -13.24
C SER A 169 18.28 9.32 -12.47
N CYS A 170 19.55 9.03 -12.19
CA CYS A 170 19.91 7.93 -11.32
C CYS A 170 20.48 8.50 -10.03
N PHE A 171 19.80 8.21 -8.92
CA PHE A 171 20.19 8.70 -7.61
C PHE A 171 20.21 7.54 -6.64
N LEU A 172 21.29 7.44 -5.86
CA LEU A 172 21.43 6.41 -4.84
C LEU A 172 21.51 7.09 -3.49
N LEU A 173 20.63 6.71 -2.58
CA LEU A 173 20.56 7.30 -1.26
C LEU A 173 20.92 6.26 -0.20
N GLU A 174 21.71 6.69 0.78
CA GLU A 174 21.97 5.91 1.98
C GLU A 174 21.03 6.36 3.08
N VAL A 175 20.35 5.40 3.71
CA VAL A 175 19.40 5.67 4.77
C VAL A 175 20.00 5.17 6.08
N ASN A 176 20.19 6.07 7.04
CA ASN A 176 20.70 5.69 8.34
C ASN A 176 19.56 5.20 9.23
N ASP A 177 19.92 4.46 10.28
CA ASP A 177 18.95 3.78 11.13
C ASP A 177 18.42 4.77 12.17
N SER A 178 17.52 5.64 11.72
CA SER A 178 16.86 6.58 12.60
C SER A 178 15.58 7.07 11.93
N LEU A 179 14.66 7.55 12.75
CA LEU A 179 13.42 8.11 12.21
C LEU A 179 13.68 9.41 11.46
N ASN A 180 14.59 10.23 11.97
CA ASN A 180 14.96 11.46 11.26
C ASN A 180 15.56 11.13 9.90
N ASP A 181 16.44 10.13 9.85
CA ASP A 181 17.06 9.75 8.58
C ASP A 181 16.05 9.13 7.63
N ILE A 182 15.10 8.35 8.16
CA ILE A 182 14.07 7.75 7.32
C ILE A 182 13.17 8.83 6.72
N SER A 183 12.76 9.81 7.54
CA SER A 183 11.94 10.90 7.04
C SER A 183 12.71 11.74 6.02
N ARG A 184 13.99 11.99 6.28
CA ARG A 184 14.79 12.74 5.31
C ARG A 184 14.96 11.95 4.01
N ALA A 185 15.10 10.63 4.10
CA ALA A 185 15.19 9.81 2.90
C ALA A 185 13.90 9.87 2.09
N ILE A 186 12.75 9.83 2.78
CA ILE A 186 11.46 9.96 2.10
C ILE A 186 11.37 11.31 1.40
N ASP A 187 11.76 12.37 2.10
CA ASP A 187 11.72 13.72 1.53
C ASP A 187 12.63 13.83 0.31
N ILE A 188 13.85 13.32 0.42
CA ILE A 188 14.79 13.42 -0.69
C ILE A 188 14.32 12.58 -1.87
N SER A 189 13.74 11.40 -1.60
CA SER A 189 13.18 10.59 -2.68
C SER A 189 12.07 11.33 -3.40
N MET A 190 11.20 12.00 -2.64
CA MET A 190 10.13 12.79 -3.25
C MET A 190 10.69 13.93 -4.09
N GLN A 191 11.71 14.62 -3.57
CA GLN A 191 12.29 15.75 -4.29
C GLN A 191 12.98 15.31 -5.57
N LEU A 192 13.65 14.16 -5.53
CA LEU A 192 14.35 13.67 -6.71
C LEU A 192 13.41 13.06 -7.73
N SER A 193 12.33 12.43 -7.29
CA SER A 193 11.29 11.99 -8.22
C SER A 193 10.58 13.19 -8.85
N LYS A 194 10.43 14.26 -8.08
CA LYS A 194 9.90 15.51 -8.63
C LYS A 194 10.80 16.03 -9.76
N LEU A 195 12.11 15.93 -9.57
CA LEU A 195 13.06 16.31 -10.62
C LEU A 195 13.06 15.36 -11.80
N GLY A 196 12.38 14.22 -11.69
CA GLY A 196 12.33 13.25 -12.76
C GLY A 196 13.34 12.13 -12.67
N GLY A 197 14.01 11.97 -11.53
CA GLY A 197 15.04 10.97 -11.39
C GLY A 197 14.56 9.69 -10.72
N GLY A 198 15.19 8.59 -11.10
CA GLY A 198 14.96 7.32 -10.41
C GLY A 198 15.83 7.24 -9.18
N VAL A 199 15.23 6.89 -8.05
CA VAL A 199 15.88 6.96 -6.75
C VAL A 199 16.05 5.55 -6.22
N SER A 200 17.28 5.21 -5.83
CA SER A 200 17.58 3.95 -5.18
C SER A 200 18.01 4.23 -3.74
N LEU A 201 17.47 3.47 -2.80
CA LEU A 201 17.73 3.66 -1.38
C LEU A 201 18.31 2.38 -0.81
N ASN A 202 19.38 2.51 -0.03
CA ASN A 202 19.97 1.39 0.69
C ASN A 202 19.28 1.28 2.04
N LEU A 203 18.67 0.13 2.30
CA LEU A 203 17.94 -0.10 3.54
C LEU A 203 18.65 -1.09 4.47
N SER A 204 19.91 -1.43 4.17
CA SER A 204 20.61 -2.42 4.97
C SER A 204 21.00 -1.87 6.35
N LYS A 205 21.27 -0.58 6.45
CA LYS A 205 21.58 0.01 7.75
C LYS A 205 20.38 0.07 8.68
N LEU A 206 19.17 0.03 8.12
CA LEU A 206 17.97 0.05 8.94
C LEU A 206 17.84 -1.24 9.73
N ARG A 207 17.49 -1.12 11.01
CA ARG A 207 17.38 -2.28 11.86
C ARG A 207 16.14 -3.10 11.50
N ALA A 208 16.21 -4.40 11.73
CA ALA A 208 15.20 -5.32 11.26
C ALA A 208 13.94 -5.23 12.12
N LYS A 209 12.93 -6.02 11.74
CA LYS A 209 11.68 -6.03 12.49
C LYS A 209 11.86 -6.77 13.81
N GLY A 210 11.31 -6.20 14.88
CA GLY A 210 11.47 -6.77 16.20
C GLY A 210 12.68 -6.29 16.96
N GLU A 211 13.28 -5.17 16.57
CA GLU A 211 14.42 -4.60 17.26
C GLU A 211 13.96 -3.52 18.24
N ALA A 212 14.91 -3.04 19.03
CA ALA A 212 14.61 -2.13 20.12
C ALA A 212 14.75 -0.67 19.68
N ILE A 213 13.81 0.16 20.10
CA ILE A 213 13.87 1.60 19.93
C ILE A 213 13.91 2.22 21.32
N LYS A 214 15.03 2.84 21.67
CA LYS A 214 15.25 3.42 23.00
C LYS A 214 15.03 2.37 24.08
N ASP A 215 15.57 1.16 23.85
CA ASP A 215 15.59 0.08 24.83
C ASP A 215 14.17 -0.37 25.22
N VAL A 216 13.27 -0.36 24.25
CA VAL A 216 11.98 -1.03 24.37
C VAL A 216 11.92 -2.10 23.29
N GLU A 217 11.56 -3.32 23.68
CA GLU A 217 11.77 -4.48 22.82
C GLU A 217 10.62 -4.66 21.83
N ASN A 218 10.95 -5.33 20.72
CA ASN A 218 9.97 -5.69 19.68
C ASN A 218 9.22 -4.46 19.16
N ALA A 219 9.95 -3.38 18.94
CA ALA A 219 9.35 -2.11 18.57
C ALA A 219 9.51 -1.74 17.10
N THR A 220 10.60 -2.14 16.47
CA THR A 220 10.87 -1.74 15.10
C THR A 220 9.94 -2.47 14.14
N LYS A 221 9.46 -1.73 13.12
CA LYS A 221 8.66 -2.33 12.06
C LYS A 221 9.50 -2.98 10.98
N GLY A 222 10.82 -2.82 11.03
CA GLY A 222 11.69 -3.38 10.02
C GLY A 222 11.80 -2.50 8.79
N VAL A 223 12.44 -3.06 7.77
CA VAL A 223 12.58 -2.32 6.52
C VAL A 223 11.32 -2.35 5.68
N VAL A 224 10.37 -3.24 5.98
CA VAL A 224 9.15 -3.31 5.18
C VAL A 224 8.26 -2.09 5.38
N GLY A 225 8.17 -1.59 6.62
CA GLY A 225 7.44 -0.35 6.84
C GLY A 225 8.08 0.83 6.14
N VAL A 226 9.42 0.88 6.14
CA VAL A 226 10.12 1.93 5.40
C VAL A 226 9.86 1.79 3.91
N MET A 227 9.78 0.55 3.42
CA MET A 227 9.48 0.33 2.01
C MET A 227 8.07 0.79 1.68
N LYS A 228 7.12 0.56 2.59
CA LYS A 228 5.76 1.07 2.37
C LYS A 228 5.74 2.58 2.31
N LEU A 229 6.48 3.23 3.23
CA LEU A 229 6.56 4.69 3.21
C LEU A 229 7.19 5.19 1.91
N LEU A 230 8.27 4.54 1.47
CA LEU A 230 8.94 4.95 0.24
C LEU A 230 8.05 4.71 -0.98
N ASP A 231 7.31 3.60 -0.97
CA ASP A 231 6.39 3.32 -2.08
C ASP A 231 5.30 4.37 -2.16
N ASN A 232 4.76 4.78 -1.02
CA ASN A 232 3.78 5.86 -1.02
C ASN A 232 4.40 7.17 -1.50
N ALA A 233 5.62 7.45 -1.07
CA ALA A 233 6.29 8.67 -1.50
C ALA A 233 6.53 8.68 -3.00
N PHE A 234 6.91 7.53 -3.57
CA PHE A 234 7.16 7.45 -5.00
C PHE A 234 5.87 7.47 -5.81
N ARG A 235 4.79 6.91 -5.26
CA ARG A 235 3.49 7.05 -5.91
C ARG A 235 3.04 8.50 -5.93
N TYR A 236 3.28 9.21 -4.84
CA TYR A 236 2.87 10.62 -4.77
C TYR A 236 3.68 11.48 -5.73
N ALA A 237 5.00 11.29 -5.75
CA ALA A 237 5.89 12.08 -6.61
C ALA A 237 6.08 11.31 -7.91
N ASP A 238 5.30 11.67 -8.92
CA ASP A 238 5.26 10.96 -10.19
C ASP A 238 5.43 11.93 -11.35
N GLN A 239 6.42 12.81 -11.25
CA GLN A 239 6.77 13.77 -12.32
C GLN A 239 5.57 14.61 -12.74
N MET A 240 4.86 15.15 -11.75
CA MET A 240 3.69 16.00 -11.99
C MET A 240 2.63 15.24 -12.79
N GLY A 241 2.44 13.97 -12.47
CA GLY A 241 1.45 13.16 -13.16
C GLY A 241 1.76 12.88 -14.61
N GLN A 242 3.03 12.59 -14.93
CA GLN A 242 3.43 12.25 -16.29
C GLN A 242 3.89 10.80 -16.40
N ARG A 243 4.85 10.39 -15.56
CA ARG A 243 5.32 9.02 -15.51
C ARG A 243 5.11 8.46 -14.12
N GLN A 244 5.00 7.13 -14.03
CA GLN A 244 4.84 6.48 -12.73
C GLN A 244 6.13 6.59 -11.93
N GLY A 245 6.02 7.06 -10.69
CA GLY A 245 7.17 7.22 -9.83
C GLY A 245 7.92 5.92 -9.62
N SER A 246 9.20 5.91 -9.97
CA SER A 246 10.01 4.69 -9.95
C SER A 246 11.06 4.80 -8.86
N GLY A 247 11.07 3.81 -7.96
CA GLY A 247 12.06 3.76 -6.92
C GLY A 247 12.55 2.34 -6.71
N ALA A 248 13.74 2.23 -6.14
CA ALA A 248 14.36 0.95 -5.85
C ALA A 248 14.83 0.94 -4.41
N ALA A 249 14.74 -0.24 -3.79
CA ALA A 249 15.23 -0.46 -2.44
C ALA A 249 16.19 -1.64 -2.46
N TYR A 250 17.36 -1.45 -1.85
CA TYR A 250 18.37 -2.49 -1.79
C TYR A 250 18.57 -2.93 -0.35
N LEU A 251 18.60 -4.23 -0.13
CA LEU A 251 18.84 -4.81 1.18
C LEU A 251 19.91 -5.87 1.07
N ASN A 252 20.83 -5.89 2.04
CA ASN A 252 21.81 -6.96 2.10
C ASN A 252 21.13 -8.28 2.43
N ILE A 253 21.63 -9.36 1.82
CA ILE A 253 21.01 -10.66 2.01
C ILE A 253 21.19 -11.19 3.43
N PHE A 254 22.13 -10.63 4.19
CA PHE A 254 22.33 -11.01 5.58
C PHE A 254 21.51 -10.18 6.55
N HIS A 255 20.81 -9.15 6.05
CA HIS A 255 19.80 -8.48 6.85
C HIS A 255 18.68 -9.45 7.16
N ARG A 256 18.13 -9.37 8.37
CA ARG A 256 17.15 -10.36 8.79
C ARG A 256 15.85 -10.21 8.03
N ASP A 257 15.49 -8.98 7.66
CA ASP A 257 14.27 -8.70 6.92
C ASP A 257 14.30 -9.21 5.50
N ILE A 258 15.38 -9.90 5.09
CA ILE A 258 15.57 -10.21 3.68
C ILE A 258 14.39 -11.01 3.13
N ASN A 259 13.84 -11.92 3.94
CA ASN A 259 12.66 -12.67 3.50
C ASN A 259 11.46 -11.75 3.35
N ASP A 260 11.17 -10.96 4.39
CA ASP A 260 10.04 -10.04 4.33
C ASP A 260 10.22 -9.04 3.20
N PHE A 261 11.43 -8.48 3.08
CA PHE A 261 11.85 -7.73 1.91
C PHE A 261 11.40 -8.43 0.63
N LEU A 262 11.87 -9.67 0.44
CA LEU A 262 11.49 -10.43 -0.75
C LEU A 262 9.99 -10.67 -0.79
N ASP A 263 9.38 -10.87 0.38
CA ASP A 263 7.94 -11.10 0.44
C ASP A 263 7.15 -9.90 -0.06
N THR A 264 7.78 -8.74 -0.18
CA THR A 264 7.07 -7.59 -0.73
C THR A 264 6.78 -7.75 -2.22
N LYS A 265 7.46 -8.67 -2.90
CA LYS A 265 7.27 -8.87 -4.33
C LYS A 265 6.46 -10.12 -4.67
N LYS A 266 6.04 -10.90 -3.68
CA LYS A 266 5.22 -12.06 -3.95
C LYS A 266 3.80 -11.63 -4.31
N ILE A 267 3.18 -12.38 -5.23
CA ILE A 267 1.81 -12.08 -5.63
C ILE A 267 0.85 -12.36 -4.49
N SER A 268 1.12 -13.39 -3.69
CA SER A 268 0.25 -13.74 -2.57
C SER A 268 0.37 -12.77 -1.40
N ALA A 269 1.31 -11.83 -1.45
CA ALA A 269 1.47 -10.88 -0.35
C ALA A 269 0.23 -10.00 -0.20
N ASP A 270 -0.07 -9.67 1.05
CA ASP A 270 -1.23 -8.85 1.36
C ASP A 270 -0.97 -7.39 0.96
N GLU A 271 -2.04 -6.58 1.06
CA GLU A 271 -1.93 -5.17 0.68
C GLU A 271 -1.02 -4.39 1.62
N ASP A 272 -0.91 -4.81 2.88
CA ASP A 272 -0.05 -4.16 3.84
C ASP A 272 1.38 -4.69 3.79
N VAL A 273 1.69 -5.60 2.87
CA VAL A 273 3.02 -6.16 2.73
C VAL A 273 3.63 -5.82 1.37
N ARG A 274 2.84 -5.87 0.30
CA ARG A 274 3.35 -5.72 -1.05
C ARG A 274 3.54 -4.25 -1.40
N VAL A 275 4.69 -3.92 -2.00
CA VAL A 275 4.95 -2.60 -2.56
C VAL A 275 4.98 -2.75 -4.08
N LYS A 276 4.21 -1.91 -4.77
CA LYS A 276 4.00 -2.08 -6.20
C LYS A 276 4.90 -1.21 -7.06
N THR A 277 5.17 0.03 -6.65
CA THR A 277 6.01 0.94 -7.43
C THR A 277 7.43 1.02 -6.89
N LEU A 278 7.83 0.13 -6.01
CA LEU A 278 9.17 0.11 -5.43
C LEU A 278 9.88 -1.15 -5.88
N SER A 279 10.84 -0.99 -6.79
CA SER A 279 11.71 -2.08 -7.16
C SER A 279 12.58 -2.49 -5.98
N ILE A 280 12.99 -3.75 -5.95
CA ILE A 280 13.82 -4.27 -4.87
C ILE A 280 15.06 -4.90 -5.45
N GLY A 281 16.18 -4.71 -4.77
CA GLY A 281 17.42 -5.39 -5.11
C GLY A 281 18.03 -5.98 -3.87
N VAL A 282 18.73 -7.11 -4.06
CA VAL A 282 19.37 -7.84 -2.98
C VAL A 282 20.87 -7.82 -3.20
N VAL A 283 21.61 -7.45 -2.16
CA VAL A 283 23.07 -7.45 -2.20
C VAL A 283 23.55 -8.76 -1.60
N ILE A 284 24.30 -9.52 -2.38
CA ILE A 284 24.73 -10.86 -2.00
C ILE A 284 26.25 -10.86 -1.87
N PRO A 285 26.77 -10.83 -0.65
CA PRO A 285 28.22 -10.98 -0.46
C PRO A 285 28.69 -12.39 -0.80
N ASP A 286 30.01 -12.52 -0.99
CA ASP A 286 30.57 -13.82 -1.29
C ASP A 286 30.33 -14.82 -0.17
N LYS A 287 30.17 -14.35 1.06
CA LYS A 287 29.94 -15.25 2.18
C LYS A 287 28.64 -16.02 2.02
N PHE A 288 27.59 -15.36 1.54
CA PHE A 288 26.32 -16.05 1.31
C PHE A 288 26.47 -17.13 0.24
N VAL A 289 27.22 -16.84 -0.83
CA VAL A 289 27.41 -17.82 -1.89
C VAL A 289 28.25 -18.98 -1.38
N GLU A 290 29.24 -18.72 -0.53
CA GLU A 290 30.02 -19.80 0.05
C GLU A 290 29.17 -20.67 0.96
N LEU A 291 28.30 -20.05 1.76
CA LEU A 291 27.42 -20.81 2.65
C LEU A 291 26.44 -21.66 1.86
N ALA A 292 25.86 -21.12 0.80
CA ALA A 292 24.95 -21.89 -0.05
C ALA A 292 25.69 -23.02 -0.75
N ARG A 293 26.91 -22.76 -1.21
CA ARG A 293 27.69 -23.77 -1.93
C ARG A 293 28.01 -24.96 -1.03
N GLU A 294 28.39 -24.70 0.21
CA GLU A 294 28.72 -25.77 1.16
C GLU A 294 27.49 -26.31 1.87
N ASP A 295 26.31 -25.77 1.59
CA ASP A 295 25.04 -26.17 2.18
C ASP A 295 24.98 -25.92 3.68
N LYS A 296 25.95 -25.21 4.25
CA LYS A 296 25.89 -24.83 5.65
C LYS A 296 24.76 -23.84 5.87
N ALA A 297 24.03 -24.01 6.98
CA ALA A 297 22.96 -23.09 7.31
C ALA A 297 23.55 -21.72 7.64
N ALA A 298 22.92 -20.67 7.09
CA ALA A 298 23.40 -19.32 7.26
C ALA A 298 22.62 -18.62 8.37
N TYR A 299 23.07 -17.41 8.71
CA TYR A 299 22.43 -16.61 9.73
C TYR A 299 22.14 -15.22 9.16
N VAL A 300 20.92 -14.75 9.32
CA VAL A 300 20.55 -13.38 9.00
C VAL A 300 20.55 -12.59 10.29
N PHE A 301 21.25 -11.46 10.30
CA PHE A 301 21.56 -10.75 11.52
C PHE A 301 20.67 -9.53 11.72
N TYR A 302 20.45 -9.19 12.99
CA TYR A 302 19.77 -7.95 13.35
C TYR A 302 20.78 -6.82 13.30
N PRO A 303 20.60 -5.85 12.41
CA PRO A 303 21.63 -4.82 12.22
C PRO A 303 21.90 -3.97 13.46
N HIS A 304 20.87 -3.68 14.25
CA HIS A 304 21.07 -2.78 15.38
C HIS A 304 21.90 -3.44 16.48
N THR A 305 21.74 -4.75 16.68
CA THR A 305 22.59 -5.45 17.65
C THR A 305 24.05 -5.43 17.22
N ILE A 306 24.31 -5.62 15.93
CA ILE A 306 25.68 -5.54 15.42
C ILE A 306 26.21 -4.12 15.60
N TYR A 307 25.40 -3.11 15.33
CA TYR A 307 25.83 -1.73 15.50
C TYR A 307 26.16 -1.43 16.96
N LYS A 308 25.33 -1.92 17.88
CA LYS A 308 25.57 -1.71 19.30
C LYS A 308 26.84 -2.42 19.75
N GLU A 309 27.08 -3.63 19.23
CA GLU A 309 28.24 -4.40 19.68
C GLU A 309 29.55 -3.85 19.12
N TYR A 310 29.55 -3.46 17.84
CA TYR A 310 30.78 -3.11 17.15
C TYR A 310 30.90 -1.62 16.82
N GLY A 311 29.83 -0.84 16.95
CA GLY A 311 29.88 0.57 16.63
C GLY A 311 29.80 0.89 15.15
N GLN A 312 29.64 -0.12 14.29
CA GLN A 312 29.53 0.07 12.86
C GLN A 312 28.34 -0.72 12.34
N HIS A 313 27.80 -0.27 11.23
CA HIS A 313 26.66 -0.96 10.63
C HIS A 313 27.09 -2.29 10.02
N MET A 314 26.12 -3.20 9.89
CA MET A 314 26.42 -4.53 9.36
C MET A 314 26.92 -4.45 7.92
N ASP A 315 26.35 -3.57 7.11
CA ASP A 315 26.75 -3.43 5.72
C ASP A 315 28.00 -2.58 5.54
N GLU A 316 28.54 -2.00 6.61
CA GLU A 316 29.74 -1.18 6.52
C GLU A 316 31.02 -1.97 6.73
N MET A 317 30.94 -3.24 7.13
CA MET A 317 32.10 -4.08 7.33
C MET A 317 32.06 -5.28 6.41
N ASP A 318 33.22 -5.90 6.21
CA ASP A 318 33.36 -7.04 5.31
C ASP A 318 32.75 -8.26 5.98
N MET A 319 31.64 -8.76 5.42
CA MET A 319 30.97 -9.93 5.98
C MET A 319 31.82 -11.19 5.87
N ASN A 320 32.77 -11.25 4.93
CA ASN A 320 33.60 -12.44 4.79
C ASN A 320 34.42 -12.68 6.05
N GLU A 321 34.97 -11.61 6.64
CA GLU A 321 35.74 -11.73 7.87
C GLU A 321 34.91 -11.48 9.12
N MET A 322 33.70 -10.95 8.97
CA MET A 322 32.87 -10.60 10.12
C MET A 322 31.78 -11.62 10.43
N TYR A 323 31.48 -12.54 9.50
CA TYR A 323 30.35 -13.44 9.67
C TYR A 323 30.55 -14.39 10.85
N ASP A 324 31.75 -14.98 10.94
CA ASP A 324 32.02 -15.90 12.04
C ASP A 324 31.98 -15.18 13.38
N LYS A 325 32.51 -13.96 13.43
CA LYS A 325 32.47 -13.19 14.67
C LYS A 325 31.04 -12.81 15.05
N PHE A 326 30.21 -12.48 14.05
CA PHE A 326 28.80 -12.20 14.33
C PHE A 326 28.11 -13.44 14.88
N VAL A 327 28.36 -14.59 14.27
CA VAL A 327 27.70 -15.82 14.69
C VAL A 327 28.14 -16.21 16.10
N ASP A 328 29.44 -16.09 16.39
CA ASP A 328 29.96 -16.47 17.69
C ASP A 328 29.73 -15.43 18.77
N ASN A 329 29.21 -14.25 18.41
CA ASN A 329 28.96 -13.20 19.38
C ASN A 329 27.58 -13.39 20.00
N PRO A 330 27.48 -13.63 21.31
CA PRO A 330 26.15 -13.79 21.92
C PRO A 330 25.34 -12.50 21.91
N ARG A 331 26.00 -11.34 21.91
CA ARG A 331 25.29 -10.06 21.93
C ARG A 331 24.78 -9.65 20.55
N VAL A 332 25.11 -10.40 19.51
CA VAL A 332 24.57 -10.18 18.17
C VAL A 332 23.41 -11.14 17.98
N LYS A 333 22.22 -10.61 17.72
CA LYS A 333 21.04 -11.42 17.51
C LYS A 333 20.93 -11.83 16.05
N LYS A 334 20.60 -13.09 15.82
CA LYS A 334 20.58 -13.65 14.48
C LYS A 334 19.50 -14.72 14.39
N GLU A 335 19.08 -15.01 13.16
CA GLU A 335 18.10 -16.05 12.87
C GLU A 335 18.68 -17.03 11.86
N LYS A 336 18.41 -18.31 12.09
CA LYS A 336 18.87 -19.38 11.22
C LYS A 336 18.07 -19.40 9.93
N ILE A 337 18.78 -19.50 8.79
CA ILE A 337 18.14 -19.62 7.48
C ILE A 337 18.91 -20.66 6.67
N ASN A 338 18.28 -21.13 5.60
CA ASN A 338 18.95 -22.00 4.64
C ASN A 338 19.34 -21.19 3.43
N PRO A 339 20.63 -20.94 3.19
CA PRO A 339 21.02 -20.12 2.04
C PRO A 339 20.58 -20.68 0.70
N ARG A 340 20.55 -22.01 0.54
CA ARG A 340 20.07 -22.58 -0.71
C ARG A 340 18.58 -22.34 -0.89
N LYS A 341 17.81 -22.43 0.20
CA LYS A 341 16.39 -22.08 0.13
C LYS A 341 16.21 -20.62 -0.23
N LEU A 342 17.05 -19.75 0.31
CA LEU A 342 16.97 -18.33 -0.03
C LEU A 342 17.31 -18.08 -1.49
N LEU A 343 18.31 -18.80 -2.02
CA LEU A 343 18.65 -18.69 -3.44
C LEU A 343 17.50 -19.17 -4.31
N GLU A 344 16.86 -20.27 -3.92
CA GLU A 344 15.71 -20.76 -4.68
C GLU A 344 14.55 -19.78 -4.61
N LYS A 345 14.36 -19.13 -3.46
CA LYS A 345 13.34 -18.09 -3.35
C LYS A 345 13.65 -16.91 -4.25
N LEU A 346 14.92 -16.50 -4.31
CA LEU A 346 15.31 -15.43 -5.23
C LEU A 346 15.02 -15.81 -6.68
N ALA A 347 15.37 -17.05 -7.07
CA ALA A 347 15.12 -17.49 -8.44
C ALA A 347 13.62 -17.55 -8.74
N MET A 348 12.83 -18.05 -7.79
CA MET A 348 11.39 -18.12 -7.99
C MET A 348 10.79 -16.72 -8.13
N LEU A 349 11.21 -15.79 -7.28
CA LEU A 349 10.70 -14.43 -7.36
C LEU A 349 11.11 -13.76 -8.67
N ARG A 350 12.33 -14.00 -9.12
CA ARG A 350 12.75 -13.45 -10.41
C ARG A 350 11.97 -14.07 -11.57
N SER A 351 11.62 -15.35 -11.46
CA SER A 351 10.77 -15.96 -12.48
C SER A 351 9.39 -15.34 -12.49
N GLU A 352 8.81 -15.09 -11.32
CA GLU A 352 7.46 -14.53 -11.25
C GLU A 352 7.43 -13.08 -11.72
N SER A 353 8.36 -12.25 -11.24
CA SER A 353 8.27 -10.81 -11.46
C SER A 353 9.55 -10.15 -11.93
N GLY A 354 10.65 -10.89 -12.05
CA GLY A 354 11.92 -10.29 -12.42
C GLY A 354 12.68 -9.65 -11.29
N TYR A 355 12.14 -9.67 -10.08
CA TYR A 355 12.74 -9.10 -8.89
C TYR A 355 13.26 -10.20 -7.97
N PRO A 356 14.27 -9.93 -7.16
CA PRO A 356 15.01 -8.67 -6.99
C PRO A 356 16.19 -8.53 -7.94
N TYR A 357 16.74 -7.33 -8.05
CA TYR A 357 18.06 -7.19 -8.65
C TYR A 357 19.10 -7.83 -7.75
N ILE A 358 20.11 -8.43 -8.36
CA ILE A 358 21.17 -9.14 -7.65
C ILE A 358 22.45 -8.32 -7.75
N MET A 359 23.01 -7.98 -6.59
CA MET A 359 24.31 -7.33 -6.52
C MET A 359 25.29 -8.28 -5.83
N PHE A 360 26.32 -8.69 -6.56
CA PHE A 360 27.38 -9.51 -5.99
C PHE A 360 28.41 -8.57 -5.39
N GLN A 361 28.34 -8.39 -4.08
CA GLN A 361 29.10 -7.34 -3.40
C GLN A 361 30.60 -7.50 -3.61
N ASP A 362 31.11 -8.72 -3.45
CA ASP A 362 32.55 -8.93 -3.59
C ASP A 362 33.01 -8.82 -5.03
N ASN A 363 32.16 -9.20 -5.98
CA ASN A 363 32.50 -8.99 -7.39
C ASN A 363 32.65 -7.51 -7.70
N VAL A 364 31.81 -6.68 -7.09
CA VAL A 364 31.93 -5.24 -7.28
C VAL A 364 33.17 -4.70 -6.59
N ASN A 365 33.42 -5.14 -5.35
CA ASN A 365 34.42 -4.51 -4.49
C ASN A 365 35.83 -5.06 -4.67
N LYS A 366 36.01 -6.19 -5.35
CA LYS A 366 37.34 -6.69 -5.63
C LYS A 366 38.02 -5.93 -6.76
N VAL A 367 37.25 -5.19 -7.55
CA VAL A 367 37.77 -4.31 -8.59
C VAL A 367 37.41 -2.86 -8.35
N HIS A 368 36.74 -2.55 -7.24
CA HIS A 368 36.38 -1.18 -6.92
C HIS A 368 37.63 -0.36 -6.63
N ALA A 369 37.75 0.79 -7.30
CA ALA A 369 38.94 1.62 -7.16
C ALA A 369 38.88 2.53 -5.93
N ASN A 370 37.71 2.73 -5.36
CA ASN A 370 37.52 3.67 -4.26
C ASN A 370 36.99 2.99 -3.01
N ASN A 371 37.56 1.82 -2.68
CA ASN A 371 37.19 1.14 -1.45
C ASN A 371 37.63 1.91 -0.21
N HIS A 372 38.65 2.76 -0.32
CA HIS A 372 39.06 3.57 0.82
C HIS A 372 37.97 4.55 1.22
N ILE A 373 37.31 5.17 0.24
CA ILE A 373 36.18 6.04 0.55
C ILE A 373 35.05 5.23 1.17
N SER A 374 34.68 4.13 0.51
CA SER A 374 33.62 3.24 0.97
C SER A 374 33.53 2.05 0.03
N LYS A 375 33.05 0.91 0.53
CA LYS A 375 32.72 -0.19 -0.36
C LYS A 375 31.34 0.02 -0.96
N VAL A 376 31.17 -0.45 -2.19
CA VAL A 376 29.89 -0.34 -2.87
C VAL A 376 28.90 -1.25 -2.17
N LYS A 377 27.89 -0.66 -1.51
CA LYS A 377 26.93 -1.42 -0.74
C LYS A 377 25.65 -1.72 -1.49
N PHE A 378 25.34 -0.96 -2.53
CA PHE A 378 24.10 -1.15 -3.27
C PHE A 378 24.24 -0.49 -4.63
N SER A 379 23.23 -0.72 -5.47
CA SER A 379 23.21 -0.22 -6.85
C SER A 379 22.02 0.71 -7.04
N ASN A 380 21.79 1.11 -8.29
CA ASN A 380 20.75 2.05 -8.63
C ASN A 380 19.48 1.31 -9.04
N LEU A 381 18.50 2.07 -9.53
CA LEU A 381 17.25 1.49 -10.00
C LEU A 381 17.45 0.60 -11.22
N CYS A 382 18.48 0.84 -12.02
CA CYS A 382 18.78 0.02 -13.19
C CYS A 382 19.92 -0.97 -12.92
N SER A 383 20.45 -0.98 -11.70
CA SER A 383 21.47 -1.96 -11.29
C SER A 383 22.70 -1.91 -12.16
N GLU A 384 23.19 -0.70 -12.45
CA GLU A 384 24.47 -0.54 -13.13
C GLU A 384 25.38 0.50 -12.51
N VAL A 385 24.88 1.34 -11.62
CA VAL A 385 25.71 2.31 -10.92
C VAL A 385 26.26 1.65 -9.66
N LEU A 386 27.59 1.57 -9.57
CA LEU A 386 28.27 0.93 -8.45
C LEU A 386 29.37 1.86 -7.96
N GLN A 387 29.08 2.62 -6.92
CA GLN A 387 29.99 3.65 -6.43
C GLN A 387 30.05 3.61 -4.91
N ALA A 388 31.14 4.18 -4.38
CA ALA A 388 31.26 4.33 -2.95
C ALA A 388 30.27 5.36 -2.43
N SER A 389 29.62 5.04 -1.31
CA SER A 389 28.66 5.95 -0.70
C SER A 389 28.89 5.95 0.81
N GLN A 390 28.74 7.14 1.41
CA GLN A 390 28.84 7.30 2.85
C GLN A 390 27.49 7.77 3.37
N VAL A 391 26.99 7.10 4.41
CA VAL A 391 25.69 7.45 4.96
C VAL A 391 25.75 8.82 5.64
N SER A 392 24.63 9.51 5.65
CA SER A 392 24.51 10.80 6.29
C SER A 392 23.76 10.67 7.61
N SER A 393 24.15 11.49 8.58
CA SER A 393 23.52 11.53 9.89
C SER A 393 22.64 12.78 9.93
N TYR A 394 21.38 12.61 9.53
CA TYR A 394 20.42 13.71 9.59
C TYR A 394 19.85 13.77 11.00
N THR A 395 20.24 14.80 11.74
CA THR A 395 19.87 14.93 13.14
C THR A 395 18.51 15.62 13.27
N ASP A 396 18.15 16.02 14.48
CA ASP A 396 16.91 16.73 14.72
C ASP A 396 16.96 18.12 14.10
N TYR A 397 15.87 18.86 14.25
CA TYR A 397 15.86 20.24 13.80
C TYR A 397 16.88 21.05 14.62
N ASP A 398 17.15 22.26 14.13
CA ASP A 398 18.11 23.23 14.67
C ASP A 398 19.38 22.55 15.17
N GLU A 399 19.79 21.49 14.48
CA GLU A 399 21.00 20.74 14.77
C GLU A 399 21.68 20.40 13.47
N GLU A 400 23.00 20.56 13.43
CA GLU A 400 23.73 20.39 12.19
C GLU A 400 23.76 18.93 11.77
N ASP A 401 23.40 18.68 10.51
CA ASP A 401 23.45 17.33 9.96
C ASP A 401 24.88 16.99 9.52
N GLU A 402 25.20 15.70 9.56
CA GLU A 402 26.47 15.20 9.04
C GLU A 402 26.17 14.69 7.63
N ILE A 403 26.57 15.47 6.64
CA ILE A 403 26.24 15.16 5.26
C ILE A 403 27.29 14.18 4.71
N GLY A 404 26.82 13.05 4.19
CA GLY A 404 27.66 12.04 3.60
C GLY A 404 27.73 12.15 2.10
N LEU A 405 27.87 11.01 1.44
CA LEU A 405 27.96 10.94 -0.02
C LEU A 405 26.83 10.06 -0.54
N ASP A 406 25.98 10.63 -1.38
CA ASP A 406 24.92 9.90 -2.06
C ASP A 406 25.19 9.91 -3.56
N ILE A 407 25.15 8.74 -4.16
CA ILE A 407 25.62 8.56 -5.53
C ILE A 407 24.63 9.17 -6.51
N SER A 408 25.15 9.89 -7.49
CA SER A 408 24.36 10.37 -8.61
C SER A 408 25.31 10.52 -9.79
N CYS A 409 25.33 9.52 -10.68
CA CYS A 409 26.24 9.54 -11.81
C CYS A 409 25.54 10.06 -13.06
N ASN A 410 26.35 10.43 -14.04
CA ASN A 410 25.91 11.12 -15.24
C ASN A 410 25.94 10.15 -16.42
N LEU A 411 24.79 9.94 -17.05
CA LEU A 411 24.65 8.91 -18.06
C LEU A 411 24.90 9.45 -19.47
N GLY A 412 25.45 8.59 -20.32
CA GLY A 412 25.69 8.88 -21.72
C GLY A 412 26.24 7.64 -22.41
N SER A 413 25.79 7.34 -23.62
CA SER A 413 26.09 6.06 -24.25
C SER A 413 26.78 6.25 -25.59
N LEU A 414 27.86 5.51 -25.81
CA LEU A 414 28.47 5.43 -27.12
C LEU A 414 27.69 4.47 -28.00
N ASN A 415 27.53 4.84 -29.27
CA ASN A 415 26.94 3.96 -30.27
C ASN A 415 28.09 3.18 -30.89
N ILE A 416 28.23 1.91 -30.51
CA ILE A 416 29.41 1.13 -30.89
C ILE A 416 29.53 1.01 -32.40
N LEU A 417 28.40 0.80 -33.08
CA LEU A 417 28.43 0.70 -34.54
C LEU A 417 28.91 2.00 -35.16
N ASN A 418 28.30 3.13 -34.79
CA ASN A 418 28.67 4.41 -35.36
C ASN A 418 30.08 4.83 -34.94
N VAL A 419 30.45 4.55 -33.69
CA VAL A 419 31.79 4.90 -33.21
C VAL A 419 32.85 4.11 -33.97
N MET A 420 32.63 2.81 -34.18
CA MET A 420 33.67 1.99 -34.78
C MET A 420 33.72 2.16 -36.30
N GLU A 421 32.58 2.44 -36.94
CA GLU A 421 32.63 2.68 -38.39
C GLU A 421 33.29 4.00 -38.72
N HIS A 422 33.29 4.95 -37.79
CA HIS A 422 33.99 6.22 -37.95
C HIS A 422 35.43 6.16 -37.44
N LYS A 423 35.84 5.02 -36.87
CA LYS A 423 37.19 4.84 -36.34
C LYS A 423 37.55 5.96 -35.36
N SER A 424 36.61 6.28 -34.47
CA SER A 424 36.72 7.42 -33.58
C SER A 424 36.39 7.03 -32.15
N ILE A 425 36.99 5.94 -31.66
CA ILE A 425 36.79 5.55 -30.26
C ILE A 425 37.36 6.63 -29.34
N GLU A 426 38.59 7.06 -29.60
CA GLU A 426 39.25 8.02 -28.73
C GLU A 426 38.51 9.35 -28.69
N LYS A 427 38.23 9.93 -29.87
CA LYS A 427 37.60 11.24 -29.91
C LYS A 427 36.20 11.19 -29.32
N THR A 428 35.42 10.16 -29.64
CA THR A 428 34.07 10.05 -29.09
C THR A 428 34.10 9.87 -27.58
N VAL A 429 35.00 9.01 -27.07
CA VAL A 429 35.07 8.79 -25.63
C VAL A 429 35.46 10.07 -24.92
N LYS A 430 36.46 10.80 -25.44
CA LYS A 430 36.90 12.02 -24.78
C LYS A 430 35.84 13.11 -24.83
N LEU A 431 35.15 13.27 -25.96
CA LEU A 431 34.11 14.28 -26.05
C LEU A 431 32.92 13.92 -25.16
N ALA A 432 32.56 12.64 -25.09
CA ALA A 432 31.49 12.21 -24.20
C ALA A 432 31.87 12.44 -22.74
N THR A 433 33.13 12.17 -22.40
CA THR A 433 33.61 12.45 -21.04
C THR A 433 33.52 13.93 -20.71
N ASP A 434 33.90 14.79 -21.67
CA ASP A 434 33.81 16.22 -21.45
C ASP A 434 32.36 16.67 -21.27
N SER A 435 31.46 16.15 -22.09
CA SER A 435 30.04 16.50 -21.96
C SER A 435 29.47 16.02 -20.62
N LEU A 436 29.84 14.80 -20.21
CA LEU A 436 29.36 14.29 -18.92
C LEU A 436 29.92 15.10 -17.76
N THR A 437 31.19 15.52 -17.86
CA THR A 437 31.76 16.39 -16.85
C THR A 437 31.03 17.71 -16.78
N HIS A 438 30.69 18.29 -17.94
CA HIS A 438 29.96 19.55 -17.95
C HIS A 438 28.59 19.40 -17.31
N VAL A 439 27.87 18.32 -17.64
CA VAL A 439 26.54 18.12 -17.07
C VAL A 439 26.63 17.86 -15.57
N SER A 440 27.65 17.13 -15.12
CA SER A 440 27.83 16.91 -13.69
C SER A 440 28.15 18.22 -12.97
N GLU A 441 28.95 19.08 -13.59
CA GLU A 441 29.30 20.36 -12.97
C GLU A 441 28.12 21.32 -12.95
N THR A 442 27.24 21.23 -13.94
CA THR A 442 26.08 22.13 -14.01
C THR A 442 24.88 21.60 -13.23
N THR A 443 25.00 20.45 -12.58
CA THR A 443 23.94 19.90 -11.77
C THR A 443 24.03 20.43 -10.34
N ASP A 444 22.95 21.03 -9.86
CA ASP A 444 22.91 21.60 -8.51
C ASP A 444 21.54 21.29 -7.92
N ILE A 445 21.49 20.32 -7.02
CA ILE A 445 20.25 19.88 -6.39
C ILE A 445 20.21 20.44 -4.97
N ARG A 446 19.24 21.30 -4.70
CA ARG A 446 19.17 22.03 -3.45
C ARG A 446 18.33 21.34 -2.37
N ASN A 447 17.80 20.14 -2.66
CA ASN A 447 17.00 19.40 -1.70
C ASN A 447 17.59 18.05 -1.37
N ALA A 448 18.73 17.67 -1.98
CA ALA A 448 19.44 16.44 -1.68
C ALA A 448 20.86 16.82 -1.30
N PRO A 449 21.14 17.00 0.00
CA PRO A 449 22.47 17.52 0.38
C PRO A 449 23.59 16.54 0.09
N ALA A 450 23.39 15.25 0.38
CA ALA A 450 24.43 14.26 0.13
C ALA A 450 24.64 14.02 -1.36
N VAL A 451 23.56 14.06 -2.15
CA VAL A 451 23.69 13.93 -3.60
C VAL A 451 24.52 15.07 -4.15
N ARG A 452 24.23 16.30 -3.73
CA ARG A 452 24.98 17.46 -4.19
C ARG A 452 26.43 17.39 -3.75
N ARG A 453 26.67 17.01 -2.50
CA ARG A 453 28.04 16.92 -1.99
C ARG A 453 28.84 15.87 -2.75
N ALA A 454 28.23 14.71 -3.02
CA ALA A 454 28.92 13.66 -3.75
C ALA A 454 29.13 14.03 -5.21
N ASN A 455 28.20 14.78 -5.80
CA ASN A 455 28.39 15.25 -7.17
C ASN A 455 29.56 16.23 -7.23
N LYS A 456 29.67 17.12 -6.24
CA LYS A 456 30.78 18.07 -6.22
C LYS A 456 32.11 17.38 -5.96
N ALA A 457 32.11 16.38 -5.07
CA ALA A 457 33.36 15.76 -4.64
C ALA A 457 33.81 14.66 -5.60
N MET A 458 32.97 13.64 -5.80
CA MET A 458 33.35 12.48 -6.59
C MET A 458 33.47 12.80 -8.08
N LYS A 459 32.62 13.69 -8.59
CA LYS A 459 32.60 14.04 -10.01
C LYS A 459 32.43 12.78 -10.87
N SER A 460 31.59 11.87 -10.40
CA SER A 460 31.42 10.58 -11.05
C SER A 460 30.46 10.70 -12.24
N ILE A 461 30.86 10.09 -13.36
CA ILE A 461 30.05 10.06 -14.56
C ILE A 461 29.91 8.61 -15.01
N GLY A 462 28.85 8.35 -15.76
CA GLY A 462 28.70 7.03 -16.36
C GLY A 462 28.66 7.09 -17.88
N LEU A 463 29.72 6.62 -18.51
CA LEU A 463 29.79 6.56 -19.98
C LEU A 463 29.49 5.13 -20.40
N GLY A 464 28.33 4.93 -21.02
CA GLY A 464 27.90 3.61 -21.45
C GLY A 464 28.12 3.39 -22.93
N ALA A 465 27.70 2.21 -23.38
CA ALA A 465 27.76 1.84 -24.78
C ALA A 465 26.47 1.14 -25.17
N MET A 466 26.14 1.22 -26.45
CA MET A 466 24.95 0.56 -26.98
C MET A 466 25.24 0.11 -28.41
N ASN A 467 24.28 -0.60 -28.99
CA ASN A 467 24.39 -1.14 -30.34
C ASN A 467 25.51 -2.16 -30.46
N LEU A 468 25.82 -2.85 -29.36
CA LEU A 468 26.82 -3.92 -29.43
C LEU A 468 26.32 -5.07 -30.28
N HIS A 469 25.11 -5.56 -30.01
CA HIS A 469 24.57 -6.65 -30.80
C HIS A 469 24.27 -6.21 -32.22
N GLY A 470 23.80 -4.97 -32.40
CA GLY A 470 23.60 -4.45 -33.74
C GLY A 470 24.89 -4.43 -34.53
N TYR A 471 25.96 -3.91 -33.93
CA TYR A 471 27.25 -3.86 -34.61
C TYR A 471 27.75 -5.25 -34.94
N LEU A 472 27.63 -6.19 -33.99
CA LEU A 472 28.12 -7.55 -34.22
C LEU A 472 27.32 -8.26 -35.30
N ALA A 473 26.00 -8.06 -35.32
CA ALA A 473 25.16 -8.73 -36.31
C ALA A 473 25.37 -8.15 -37.70
N GLN A 474 25.51 -6.81 -37.81
CA GLN A 474 25.80 -6.21 -39.10
C GLN A 474 27.21 -6.49 -39.60
N ASN A 475 28.07 -7.08 -38.76
CA ASN A 475 29.42 -7.45 -39.16
C ASN A 475 29.59 -8.96 -39.23
N GLY A 476 28.50 -9.71 -39.25
CA GLY A 476 28.58 -11.16 -39.37
C GLY A 476 29.22 -11.83 -38.18
N ILE A 477 28.90 -11.40 -36.97
CA ILE A 477 29.45 -11.97 -35.75
C ILE A 477 28.31 -12.33 -34.81
N ALA A 478 28.27 -13.57 -34.37
CA ALA A 478 27.26 -14.00 -33.42
C ALA A 478 27.58 -13.43 -32.04
N TYR A 479 26.53 -13.02 -31.32
CA TYR A 479 26.71 -12.41 -30.00
C TYR A 479 27.37 -13.38 -29.03
N GLU A 480 27.10 -14.67 -29.16
CA GLU A 480 27.67 -15.67 -28.28
C GLU A 480 29.01 -16.20 -28.76
N SER A 481 29.50 -15.75 -29.91
CA SER A 481 30.74 -16.27 -30.45
C SER A 481 31.93 -15.73 -29.65
N PRO A 482 33.03 -16.49 -29.60
CA PRO A 482 34.25 -15.96 -28.96
C PRO A 482 34.78 -14.71 -29.66
N GLU A 483 34.52 -14.56 -30.96
CA GLU A 483 34.92 -13.34 -31.66
C GLU A 483 34.20 -12.12 -31.13
N ALA A 484 32.91 -12.27 -30.79
CA ALA A 484 32.16 -11.16 -30.21
C ALA A 484 32.75 -10.75 -28.87
N ARG A 485 33.11 -11.73 -28.03
CA ARG A 485 33.73 -11.40 -26.76
C ARG A 485 35.11 -10.78 -26.94
N ASP A 486 35.86 -11.23 -27.94
CA ASP A 486 37.15 -10.61 -28.25
C ASP A 486 36.97 -9.15 -28.65
N PHE A 487 35.98 -8.88 -29.50
CA PHE A 487 35.71 -7.50 -29.89
C PHE A 487 35.27 -6.66 -28.70
N ALA A 488 34.40 -7.21 -27.85
CA ALA A 488 33.97 -6.47 -26.67
C ALA A 488 35.15 -6.16 -25.76
N ASN A 489 36.01 -7.14 -25.54
CA ASN A 489 37.20 -6.94 -24.73
C ASN A 489 38.04 -5.80 -25.28
N THR A 490 38.38 -5.86 -26.57
CA THR A 490 39.24 -4.82 -27.15
C THR A 490 38.55 -3.46 -27.13
N PHE A 491 37.30 -3.39 -27.57
CA PHE A 491 36.60 -2.12 -27.68
C PHE A 491 36.46 -1.45 -26.32
N PHE A 492 36.04 -2.22 -25.31
CA PHE A 492 35.85 -1.62 -24.00
C PHE A 492 37.16 -1.38 -23.27
N MET A 493 38.24 -2.10 -23.60
CA MET A 493 39.53 -1.72 -23.07
C MET A 493 39.98 -0.39 -23.64
N MET A 494 39.75 -0.17 -24.95
CA MET A 494 40.06 1.15 -25.52
C MET A 494 39.17 2.23 -24.92
N VAL A 495 37.90 1.92 -24.68
CA VAL A 495 37.00 2.90 -24.07
C VAL A 495 37.49 3.27 -22.68
N ASN A 496 37.90 2.26 -21.89
CA ASN A 496 38.43 2.52 -20.56
C ASN A 496 39.73 3.32 -20.64
N PHE A 497 40.60 2.98 -21.59
CA PHE A 497 41.87 3.68 -21.74
C PHE A 497 41.64 5.16 -22.03
N TYR A 498 40.77 5.46 -23.00
CA TYR A 498 40.56 6.85 -23.37
C TYR A 498 39.73 7.59 -22.33
N SER A 499 38.86 6.89 -21.60
CA SER A 499 38.13 7.54 -20.51
C SER A 499 39.09 7.92 -19.39
N ILE A 500 40.00 7.02 -19.03
CA ILE A 500 41.00 7.33 -18.00
C ILE A 500 41.91 8.45 -18.49
N GLN A 501 42.30 8.43 -19.76
CA GLN A 501 43.16 9.48 -20.30
C GLN A 501 42.46 10.83 -20.26
N ARG A 502 41.18 10.88 -20.63
CA ARG A 502 40.44 12.13 -20.58
C ARG A 502 40.24 12.60 -19.16
N SER A 503 39.97 11.68 -18.23
CA SER A 503 39.83 12.07 -16.83
C SER A 503 41.12 12.65 -16.28
N ALA A 504 42.26 12.04 -16.61
CA ALA A 504 43.55 12.56 -16.17
C ALA A 504 43.87 13.88 -16.83
N GLU A 505 43.50 14.04 -18.10
CA GLU A 505 43.72 15.31 -18.79
C GLU A 505 42.88 16.43 -18.17
N ILE A 506 41.63 16.14 -17.82
CA ILE A 506 40.78 17.13 -17.16
C ILE A 506 41.34 17.47 -15.78
N ALA A 507 41.83 16.45 -15.05
CA ALA A 507 42.44 16.71 -13.75
C ALA A 507 43.67 17.61 -13.89
N LYS A 508 44.50 17.35 -14.91
CA LYS A 508 45.68 18.18 -15.14
C LYS A 508 45.29 19.60 -15.53
N GLU A 509 44.28 19.76 -16.40
CA GLU A 509 43.88 21.08 -16.85
C GLU A 509 43.29 21.90 -15.71
N LYS A 510 42.36 21.31 -14.96
CA LYS A 510 41.72 22.02 -13.85
C LYS A 510 42.57 22.00 -12.58
N GLY A 511 43.61 21.17 -12.53
CA GLY A 511 44.46 21.11 -11.35
C GLY A 511 43.84 20.42 -10.16
N GLU A 512 42.73 19.72 -10.34
CA GLU A 512 42.04 19.07 -9.23
C GLU A 512 41.59 17.68 -9.65
N THR A 513 41.63 16.76 -8.69
CA THR A 513 41.11 15.41 -8.85
C THR A 513 39.81 15.29 -8.06
N PHE A 514 39.25 14.08 -8.03
CA PHE A 514 38.08 13.85 -7.19
C PHE A 514 38.52 13.68 -5.75
N ASP A 515 37.59 13.97 -4.83
CA ASP A 515 37.91 13.93 -3.41
C ASP A 515 38.34 12.53 -3.00
N GLN A 516 39.39 12.46 -2.18
CA GLN A 516 39.96 11.20 -1.71
C GLN A 516 40.48 10.35 -2.88
N TYR A 517 41.01 11.00 -3.92
CA TYR A 517 41.62 10.25 -5.01
C TYR A 517 42.93 9.59 -4.59
N GLU A 518 43.67 10.22 -3.67
CA GLU A 518 44.99 9.72 -3.30
C GLU A 518 44.92 8.32 -2.72
N GLY A 519 43.81 7.96 -2.07
CA GLY A 519 43.66 6.61 -1.57
C GLY A 519 43.15 5.61 -2.58
N SER A 520 42.77 6.05 -3.78
CA SER A 520 42.21 5.17 -4.77
C SER A 520 43.29 4.32 -5.43
N THR A 521 42.85 3.24 -6.07
CA THR A 521 43.77 2.36 -6.78
C THR A 521 44.35 3.03 -8.02
N TYR A 522 43.69 4.08 -8.54
CA TYR A 522 44.29 4.87 -9.60
C TYR A 522 45.57 5.54 -9.12
N ALA A 523 45.53 6.13 -7.93
CA ALA A 523 46.72 6.81 -7.39
C ALA A 523 47.84 5.84 -7.10
N THR A 524 47.51 4.67 -6.53
CA THR A 524 48.51 3.68 -6.21
C THR A 524 48.96 2.87 -7.42
N GLY A 525 48.27 2.99 -8.55
CA GLY A 525 48.63 2.25 -9.74
C GLY A 525 48.15 0.83 -9.79
N GLU A 526 47.43 0.37 -8.75
CA GLU A 526 46.93 -1.01 -8.74
C GLU A 526 45.90 -1.22 -9.85
N TYR A 527 45.07 -0.21 -10.12
CA TYR A 527 44.03 -0.33 -11.14
C TYR A 527 44.60 -0.74 -12.48
N PHE A 528 45.80 -0.24 -12.80
CA PHE A 528 46.42 -0.50 -14.09
C PHE A 528 47.20 -1.81 -14.14
N ASP A 529 47.22 -2.57 -13.05
CA ASP A 529 48.01 -3.80 -12.99
C ASP A 529 47.67 -4.73 -14.16
N LYS A 530 46.41 -5.16 -14.23
CA LYS A 530 45.99 -6.04 -15.32
C LYS A 530 46.17 -5.40 -16.69
N TYR A 531 46.28 -4.08 -16.74
CA TYR A 531 46.49 -3.39 -18.01
C TYR A 531 47.96 -3.28 -18.38
N VAL A 532 48.86 -3.33 -17.40
CA VAL A 532 50.30 -3.25 -17.71
C VAL A 532 50.92 -4.63 -17.85
N SER A 533 50.14 -5.70 -17.69
CA SER A 533 50.64 -7.06 -17.82
C SER A 533 49.92 -7.88 -18.87
N THR A 534 48.63 -7.63 -19.10
CA THR A 534 47.83 -8.37 -20.06
C THR A 534 47.57 -7.50 -21.28
N ASP A 535 47.86 -8.04 -22.46
CA ASP A 535 47.59 -7.35 -23.72
C ASP A 535 46.16 -7.66 -24.16
N PHE A 536 45.39 -6.61 -24.43
CA PHE A 536 43.98 -6.75 -24.79
C PHE A 536 43.74 -6.52 -26.27
N SER A 537 44.78 -6.67 -27.09
CA SER A 537 44.61 -6.62 -28.54
C SER A 537 43.78 -7.82 -29.00
N PRO A 538 43.03 -7.67 -30.09
CA PRO A 538 42.19 -8.78 -30.56
C PRO A 538 43.00 -10.02 -30.87
N LYS A 539 42.46 -11.17 -30.48
CA LYS A 539 43.07 -12.46 -30.75
C LYS A 539 42.59 -13.08 -32.05
N TYR A 540 41.59 -12.49 -32.69
CA TYR A 540 41.05 -12.97 -33.95
C TYR A 540 41.33 -11.97 -35.05
N GLU A 541 41.64 -12.49 -36.25
CA GLU A 541 41.97 -11.62 -37.37
C GLU A 541 40.79 -10.76 -37.78
N LYS A 542 39.58 -11.30 -37.70
CA LYS A 542 38.39 -10.55 -38.07
C LYS A 542 38.21 -9.32 -37.18
N ILE A 543 38.39 -9.48 -35.87
CA ILE A 543 38.24 -8.37 -34.96
C ILE A 543 39.36 -7.35 -35.18
N ALA A 544 40.57 -7.81 -35.45
CA ALA A 544 41.67 -6.90 -35.73
C ALA A 544 41.39 -6.09 -36.99
N ASN A 545 40.83 -6.72 -38.02
CA ASN A 545 40.44 -5.98 -39.21
C ASN A 545 39.30 -5.02 -38.92
N LEU A 546 38.41 -5.37 -37.99
CA LEU A 546 37.38 -4.43 -37.55
C LEU A 546 38.01 -3.20 -36.92
N PHE A 547 39.06 -3.39 -36.12
CA PHE A 547 39.75 -2.29 -35.47
C PHE A 547 40.80 -1.63 -36.36
N GLU A 548 40.84 -1.97 -37.64
CA GLU A 548 41.82 -1.37 -38.55
C GLU A 548 41.57 0.13 -38.67
N GLY A 549 42.67 0.89 -38.76
CA GLY A 549 42.60 2.33 -38.81
C GLY A 549 42.54 3.02 -37.46
N MET A 550 42.55 2.26 -36.37
CA MET A 550 42.48 2.81 -35.02
C MET A 550 43.63 2.24 -34.20
N HIS A 551 44.30 3.10 -33.45
CA HIS A 551 45.40 2.65 -32.60
C HIS A 551 44.83 1.93 -31.37
N ILE A 552 45.23 0.68 -31.19
CA ILE A 552 44.79 -0.13 -30.05
C ILE A 552 45.83 0.03 -28.94
N PRO A 553 45.45 0.55 -27.77
CA PRO A 553 46.45 0.75 -26.70
C PRO A 553 47.08 -0.57 -26.28
N THR A 554 48.41 -0.57 -26.20
CA THR A 554 49.18 -1.74 -25.81
C THR A 554 49.53 -1.65 -24.33
N THR A 555 50.38 -2.57 -23.86
CA THR A 555 50.82 -2.52 -22.48
C THR A 555 51.71 -1.32 -22.21
N GLU A 556 52.53 -0.92 -23.20
CA GLU A 556 53.35 0.28 -23.03
C GLU A 556 52.48 1.53 -22.96
N ASP A 557 51.43 1.60 -23.79
CA ASP A 557 50.51 2.72 -23.72
C ASP A 557 49.81 2.77 -22.36
N TRP A 558 49.44 1.60 -21.83
CA TRP A 558 48.82 1.55 -20.51
C TRP A 558 49.80 1.95 -19.41
N LYS A 559 51.08 1.59 -19.55
CA LYS A 559 52.07 2.04 -18.59
C LYS A 559 52.23 3.56 -18.63
N LYS A 560 52.24 4.13 -19.84
CA LYS A 560 52.31 5.58 -19.97
C LYS A 560 51.09 6.24 -19.35
N LEU A 561 49.90 5.67 -19.57
CA LEU A 561 48.69 6.20 -18.96
C LEU A 561 48.73 6.09 -17.44
N LYS A 562 49.27 4.99 -16.92
CA LYS A 562 49.42 4.84 -15.48
C LYS A 562 50.35 5.89 -14.90
N ALA A 563 51.46 6.16 -15.58
CA ALA A 563 52.38 7.21 -15.13
C ALA A 563 51.71 8.58 -15.21
N PHE A 564 50.92 8.82 -16.27
CA PHE A 564 50.23 10.09 -16.41
C PHE A 564 49.21 10.29 -15.29
N VAL A 565 48.48 9.22 -14.94
CA VAL A 565 47.52 9.31 -13.84
C VAL A 565 48.24 9.52 -12.51
N ALA A 566 49.39 8.87 -12.32
CA ALA A 566 50.15 9.07 -11.10
C ALA A 566 50.62 10.52 -10.99
N GLU A 567 51.06 11.11 -12.10
CA GLU A 567 51.56 12.49 -12.05
C GLU A 567 50.44 13.50 -11.90
N HIS A 568 49.32 13.30 -12.60
CA HIS A 568 48.29 14.32 -12.70
C HIS A 568 46.99 13.98 -11.98
N GLY A 569 46.79 12.73 -11.60
CA GLY A 569 45.54 12.35 -10.96
C GLY A 569 44.43 12.05 -11.96
N MET A 570 43.24 11.84 -11.42
CA MET A 570 42.07 11.55 -12.22
C MET A 570 40.91 12.40 -11.73
N TYR A 571 40.22 13.06 -12.66
CA TYR A 571 39.16 13.99 -12.29
C TYR A 571 37.90 13.29 -11.83
N HIS A 572 37.56 12.16 -12.43
CA HIS A 572 36.32 11.45 -12.13
C HIS A 572 36.62 10.24 -11.26
N SER A 573 35.86 10.10 -10.17
CA SER A 573 35.95 8.89 -9.37
C SER A 573 35.46 7.67 -10.15
N TYR A 574 34.40 7.85 -10.94
CA TYR A 574 33.86 6.81 -11.79
C TYR A 574 33.58 7.39 -13.16
N ARG A 575 33.81 6.60 -14.20
CA ARG A 575 33.70 7.07 -15.57
C ARG A 575 32.72 6.29 -16.42
N LEU A 576 32.69 4.97 -16.29
CA LEU A 576 31.96 4.12 -17.22
C LEU A 576 30.89 3.33 -16.48
N CYS A 577 29.66 3.39 -16.96
CA CYS A 577 28.58 2.52 -16.53
C CYS A 577 27.63 2.33 -17.70
N ILE A 578 27.22 1.09 -17.93
CA ILE A 578 26.40 0.75 -19.09
C ILE A 578 24.96 0.67 -18.63
N ALA A 579 24.19 1.71 -18.94
CA ALA A 579 22.78 1.85 -18.64
C ALA A 579 21.93 1.10 -19.66
N PRO A 580 20.68 0.78 -19.31
CA PRO A 580 19.83 0.06 -20.28
C PRO A 580 19.57 0.81 -21.58
N THR A 581 19.54 2.15 -21.56
CA THR A 581 19.29 2.96 -22.74
C THR A 581 17.98 2.59 -23.42
N GLY A 582 16.89 2.85 -22.70
CA GLY A 582 15.57 2.42 -23.13
C GLY A 582 15.08 2.99 -24.43
N SER A 583 14.82 4.30 -24.47
CA SER A 583 14.21 4.92 -25.63
C SER A 583 15.20 5.64 -26.55
N ILE A 584 16.36 6.03 -26.04
CA ILE A 584 17.35 6.68 -26.89
C ILE A 584 17.92 5.71 -27.92
N SER A 585 17.83 4.41 -27.67
CA SER A 585 18.30 3.43 -28.65
C SER A 585 17.43 3.45 -29.90
N TYR A 586 16.15 3.80 -29.76
CA TYR A 586 15.29 3.95 -30.93
C TYR A 586 15.74 5.12 -31.79
N VAL A 587 15.94 6.29 -31.17
CA VAL A 587 16.30 7.49 -31.91
C VAL A 587 17.64 7.30 -32.60
N GLN A 588 18.56 6.61 -31.96
CA GLN A 588 19.88 6.36 -32.54
C GLN A 588 19.88 5.18 -33.50
N SER A 589 18.73 4.52 -33.69
CA SER A 589 18.63 3.31 -34.50
C SER A 589 19.67 2.29 -34.07
N SER A 590 19.57 1.89 -32.81
CA SER A 590 20.56 1.03 -32.19
C SER A 590 19.86 0.01 -31.30
N THR A 591 20.53 -1.11 -31.07
CA THR A 591 20.06 -2.08 -30.09
C THR A 591 20.34 -1.57 -28.68
N ALA A 592 19.47 -1.94 -27.75
CA ALA A 592 19.52 -1.37 -26.41
C ALA A 592 20.71 -1.90 -25.64
N SER A 593 21.55 -0.98 -25.15
CA SER A 593 22.67 -1.29 -24.27
C SER A 593 23.60 -2.30 -24.95
N VAL A 594 24.34 -3.07 -24.14
CA VAL A 594 25.13 -4.19 -24.64
C VAL A 594 24.34 -5.48 -24.59
N MET A 595 23.05 -5.41 -24.29
CA MET A 595 22.22 -6.61 -24.25
C MET A 595 21.97 -7.13 -25.66
N PRO A 596 21.78 -8.44 -25.80
CA PRO A 596 21.29 -8.97 -27.07
C PRO A 596 19.83 -8.59 -27.29
N ILE A 597 19.44 -8.57 -28.57
CA ILE A 597 18.09 -8.14 -28.92
C ILE A 597 17.07 -9.17 -28.42
N MET A 598 15.93 -8.67 -27.94
CA MET A 598 14.87 -9.55 -27.48
C MET A 598 14.09 -10.13 -28.66
N GLU A 599 13.76 -9.28 -29.64
CA GLU A 599 13.04 -9.69 -30.83
C GLU A 599 13.73 -9.10 -32.06
N ARG A 600 13.65 -9.83 -33.17
CA ARG A 600 14.20 -9.29 -34.42
C ARG A 600 13.34 -8.14 -34.93
N ILE A 601 12.03 -8.32 -34.94
CA ILE A 601 11.07 -7.27 -35.24
C ILE A 601 10.11 -7.18 -34.07
N GLU A 602 9.99 -5.99 -33.49
CA GLU A 602 9.12 -5.79 -32.34
C GLU A 602 7.83 -5.11 -32.77
N GLU A 603 6.72 -5.62 -32.25
CA GLU A 603 5.39 -5.10 -32.52
C GLU A 603 4.94 -4.24 -31.35
N ARG A 604 4.56 -3.00 -31.64
CA ARG A 604 4.11 -2.07 -30.61
C ARG A 604 2.75 -1.51 -30.97
N THR A 605 2.00 -1.09 -29.95
CA THR A 605 0.68 -0.51 -30.13
C THR A 605 0.70 0.91 -29.58
N TYR A 606 0.57 1.89 -30.47
CA TYR A 606 0.49 3.29 -30.09
C TYR A 606 -0.90 3.82 -30.45
N GLY A 607 -1.59 4.38 -29.46
CA GLY A 607 -2.98 4.73 -29.67
C GLY A 607 -3.78 3.49 -30.01
N ASN A 608 -4.50 3.55 -31.13
CA ASN A 608 -5.21 2.40 -31.66
C ASN A 608 -4.54 1.85 -32.91
N SER A 609 -3.26 2.14 -33.10
CA SER A 609 -2.53 1.74 -34.29
C SER A 609 -1.38 0.81 -33.92
N LYS A 610 -1.05 -0.08 -34.85
CA LYS A 610 0.05 -1.03 -34.68
C LYS A 610 1.25 -0.57 -35.49
N THR A 611 2.44 -0.81 -34.94
CA THR A 611 3.68 -0.41 -35.60
C THR A 611 4.71 -1.51 -35.42
N TYR A 612 5.66 -1.54 -36.36
CA TYR A 612 6.62 -2.63 -36.47
C TYR A 612 8.02 -2.03 -36.56
N TYR A 613 8.89 -2.40 -35.62
CA TYR A 613 10.28 -1.94 -35.62
C TYR A 613 11.22 -3.11 -35.80
N PRO A 614 11.79 -3.30 -36.98
CA PRO A 614 12.89 -4.27 -37.12
C PRO A 614 14.14 -3.74 -36.43
N MET A 615 14.98 -4.67 -36.00
CA MET A 615 16.25 -4.27 -35.40
C MET A 615 17.12 -3.59 -36.45
N PRO A 616 17.94 -2.62 -36.04
CA PRO A 616 18.68 -1.81 -37.03
C PRO A 616 19.61 -2.67 -37.88
N GLY A 617 19.56 -2.44 -39.19
CA GLY A 617 20.37 -3.20 -40.11
C GLY A 617 19.91 -4.62 -40.35
N LEU A 618 18.71 -4.97 -39.90
CA LEU A 618 18.22 -6.34 -40.09
C LEU A 618 17.87 -6.57 -41.55
N ALA A 619 18.33 -7.69 -42.09
CA ALA A 619 18.06 -8.07 -43.47
C ALA A 619 18.06 -9.59 -43.55
N SER A 620 17.95 -10.11 -44.77
CA SER A 620 17.99 -11.55 -44.96
C SER A 620 19.39 -12.11 -44.69
N ASN A 621 20.43 -11.35 -45.02
CA ASN A 621 21.80 -11.84 -44.85
C ASN A 621 22.18 -11.93 -43.38
N ASN A 622 21.75 -10.97 -42.57
CA ASN A 622 22.09 -10.93 -41.15
C ASN A 622 20.91 -11.31 -40.25
N TRP A 623 19.90 -11.98 -40.82
CA TRP A 623 18.77 -12.44 -40.01
C TRP A 623 19.23 -13.46 -38.98
N PHE A 624 20.12 -14.37 -39.38
CA PHE A 624 20.61 -15.39 -38.45
C PHE A 624 21.52 -14.80 -37.39
N PHE A 625 22.33 -13.79 -37.74
CA PHE A 625 23.22 -13.17 -36.76
C PHE A 625 22.45 -12.32 -35.76
N TYR A 626 21.24 -11.87 -36.10
CA TYR A 626 20.41 -11.14 -35.15
C TYR A 626 19.63 -12.11 -34.29
N LYS A 627 20.32 -13.05 -33.66
CA LYS A 627 19.67 -14.04 -32.81
C LYS A 627 18.97 -13.37 -31.65
N GLU A 628 17.77 -13.85 -31.33
CA GLU A 628 17.03 -13.30 -30.20
C GLU A 628 17.68 -13.70 -28.88
N ALA A 629 17.52 -12.83 -27.88
CA ALA A 629 18.18 -13.04 -26.59
C ALA A 629 17.67 -14.30 -25.91
N TYR A 630 16.38 -14.59 -26.02
CA TYR A 630 15.82 -15.75 -25.34
C TYR A 630 16.35 -17.05 -25.92
N ASP A 631 16.61 -17.09 -27.23
CA ASP A 631 17.18 -18.27 -27.86
C ASP A 631 18.64 -18.48 -27.53
N MET A 632 19.30 -17.49 -26.95
CA MET A 632 20.73 -17.57 -26.69
C MET A 632 21.01 -18.33 -25.40
N ASP A 633 22.23 -18.88 -25.32
CA ASP A 633 22.71 -19.49 -24.09
C ASP A 633 23.08 -18.40 -23.10
N MET A 634 22.43 -18.39 -21.94
CA MET A 634 22.68 -17.35 -20.96
C MET A 634 24.09 -17.41 -20.39
N PHE A 635 24.74 -18.57 -20.42
CA PHE A 635 26.13 -18.65 -19.98
C PHE A 635 27.05 -17.83 -20.88
N LYS A 636 26.83 -17.88 -22.19
CA LYS A 636 27.66 -17.10 -23.10
C LYS A 636 27.34 -15.61 -23.01
N VAL A 637 26.08 -15.26 -22.75
CA VAL A 637 25.75 -13.86 -22.49
C VAL A 637 26.45 -13.39 -21.22
N VAL A 638 26.48 -14.23 -20.20
CA VAL A 638 27.22 -13.90 -18.97
C VAL A 638 28.70 -13.73 -19.27
N ASP A 639 29.25 -14.59 -20.14
CA ASP A 639 30.66 -14.47 -20.50
C ASP A 639 30.95 -13.15 -21.19
N MET A 640 30.08 -12.75 -22.13
CA MET A 640 30.27 -11.47 -22.80
C MET A 640 30.14 -10.31 -21.83
N ILE A 641 29.15 -10.37 -20.94
CA ILE A 641 28.96 -9.26 -20.00
C ILE A 641 30.13 -9.17 -19.03
N ALA A 642 30.71 -10.31 -18.62
CA ALA A 642 31.89 -10.28 -17.78
C ALA A 642 33.10 -9.74 -18.53
N THR A 643 33.22 -10.10 -19.81
CA THR A 643 34.30 -9.57 -20.64
C THR A 643 34.21 -8.05 -20.72
N ILE A 644 33.00 -7.52 -20.90
CA ILE A 644 32.83 -6.06 -20.89
C ILE A 644 33.08 -5.49 -19.50
N GLN A 645 32.59 -6.17 -18.46
CA GLN A 645 32.67 -5.67 -17.10
C GLN A 645 34.10 -5.55 -16.60
N GLN A 646 35.00 -6.38 -17.13
CA GLN A 646 36.39 -6.26 -16.72
C GLN A 646 37.02 -4.93 -17.14
N HIS A 647 36.36 -4.18 -18.04
CA HIS A 647 36.85 -2.87 -18.45
C HIS A 647 35.93 -1.74 -18.01
N ILE A 648 34.89 -2.03 -17.24
CA ILE A 648 33.94 -1.03 -16.75
C ILE A 648 34.11 -0.92 -15.25
N ASP A 649 34.37 0.29 -14.76
CA ASP A 649 34.59 0.48 -13.32
C ASP A 649 33.30 0.31 -12.54
N GLN A 650 32.18 0.78 -13.08
CA GLN A 650 30.88 0.56 -12.47
C GLN A 650 30.27 -0.70 -13.07
N GLY A 651 28.98 -0.93 -12.84
CA GLY A 651 28.33 -2.13 -13.33
C GLY A 651 27.70 -1.96 -14.70
N ILE A 652 27.11 -3.06 -15.16
CA ILE A 652 26.40 -3.12 -16.43
C ILE A 652 24.98 -3.60 -16.15
N SER A 653 24.00 -2.91 -16.70
CA SER A 653 22.62 -3.36 -16.59
C SER A 653 22.47 -4.66 -17.36
N PHE A 654 22.43 -5.76 -16.62
CA PHE A 654 22.48 -7.10 -17.20
C PHE A 654 21.14 -7.79 -16.94
N THR A 655 20.31 -7.84 -17.96
CA THR A 655 19.02 -8.51 -17.89
C THR A 655 19.17 -9.96 -18.36
N LEU A 656 18.68 -10.89 -17.55
CA LEU A 656 18.62 -12.28 -17.97
C LEU A 656 17.40 -12.49 -18.87
N PHE A 657 17.58 -13.29 -19.91
CA PHE A 657 16.51 -13.59 -20.86
C PHE A 657 16.25 -15.09 -20.81
N LEU A 658 15.12 -15.47 -20.21
CA LEU A 658 14.82 -16.86 -19.94
C LEU A 658 13.61 -17.31 -20.75
N LYS A 659 13.58 -18.61 -21.07
CA LYS A 659 12.42 -19.24 -21.64
C LYS A 659 11.50 -19.73 -20.53
N ASP A 660 10.21 -19.88 -20.85
CA ASP A 660 9.26 -20.39 -19.88
C ASP A 660 9.55 -21.84 -19.50
N THR A 661 10.32 -22.56 -20.31
CA THR A 661 10.60 -23.97 -20.02
C THR A 661 11.59 -24.12 -18.87
N MET A 662 12.61 -23.27 -18.83
CA MET A 662 13.63 -23.41 -17.79
C MET A 662 13.06 -23.07 -16.42
N THR A 663 13.58 -23.76 -15.42
CA THR A 663 13.05 -23.70 -14.05
C THR A 663 13.91 -22.76 -13.21
N THR A 664 13.61 -22.71 -11.90
CA THR A 664 14.39 -21.88 -11.00
C THR A 664 15.81 -22.40 -10.80
N ARG A 665 16.04 -23.70 -11.01
CA ARG A 665 17.39 -24.22 -10.96
C ARG A 665 18.26 -23.61 -12.05
N ASP A 666 17.71 -23.46 -13.26
CA ASP A 666 18.45 -22.83 -14.34
C ASP A 666 18.75 -21.37 -14.04
N LEU A 667 17.77 -20.65 -13.47
CA LEU A 667 17.98 -19.26 -13.09
C LEU A 667 19.08 -19.15 -12.03
N ASN A 668 19.04 -20.03 -11.03
CA ASN A 668 20.06 -20.02 -10.00
C ASN A 668 21.43 -20.36 -10.57
N ARG A 669 21.47 -21.29 -11.54
CA ARG A 669 22.73 -21.63 -12.18
C ARG A 669 23.29 -20.45 -12.96
N ILE A 670 22.43 -19.71 -13.66
CA ILE A 670 22.89 -18.52 -14.36
C ILE A 670 23.41 -17.48 -13.37
N ASP A 671 22.71 -17.29 -12.25
CA ASP A 671 23.16 -16.35 -11.24
C ASP A 671 24.50 -16.75 -10.64
N LEU A 672 24.68 -18.04 -10.36
CA LEU A 672 25.92 -18.51 -9.77
C LEU A 672 27.07 -18.47 -10.77
N TYR A 673 26.79 -18.69 -12.05
CA TYR A 673 27.83 -18.55 -13.07
C TYR A 673 28.20 -17.09 -13.27
N ALA A 674 27.22 -16.20 -13.16
CA ALA A 674 27.51 -14.77 -13.19
C ALA A 674 28.40 -14.37 -12.01
N HIS A 675 28.07 -14.87 -10.82
CA HIS A 675 28.92 -14.62 -9.66
C HIS A 675 30.32 -15.19 -9.87
N HIS A 676 30.42 -16.37 -10.45
CA HIS A 676 31.71 -17.00 -10.70
C HIS A 676 32.52 -16.23 -11.74
N ARG A 677 31.84 -15.72 -12.78
CA ARG A 677 32.52 -15.04 -13.87
C ARG A 677 32.84 -13.58 -13.57
N GLY A 678 32.47 -13.09 -12.39
CA GLY A 678 32.76 -11.72 -12.03
C GLY A 678 31.69 -10.72 -12.39
N ILE A 679 30.47 -11.17 -12.68
CA ILE A 679 29.37 -10.25 -12.95
C ILE A 679 29.05 -9.48 -11.68
N LYS A 680 28.95 -8.16 -11.80
CA LYS A 680 28.71 -7.31 -10.64
C LYS A 680 27.23 -7.24 -10.28
N THR A 681 26.37 -7.04 -11.27
CA THR A 681 24.94 -6.91 -11.04
C THR A 681 24.16 -7.70 -12.08
N ILE A 682 23.00 -8.19 -11.67
CA ILE A 682 22.03 -8.81 -12.57
C ILE A 682 20.75 -8.00 -12.48
N TYR A 683 20.27 -7.50 -13.62
CA TYR A 683 19.17 -6.53 -13.61
C TYR A 683 17.81 -7.23 -13.54
N TYR A 684 17.45 -7.99 -14.58
CA TYR A 684 16.11 -8.50 -14.70
C TYR A 684 16.13 -9.93 -15.20
N ALA A 685 15.05 -10.66 -14.90
CA ALA A 685 14.82 -12.00 -15.41
C ALA A 685 13.55 -11.94 -16.24
N ARG A 686 13.70 -11.59 -17.52
CA ARG A 686 12.56 -11.49 -18.42
C ARG A 686 12.28 -12.87 -19.02
N THR A 687 11.10 -13.40 -18.74
CA THR A 687 10.68 -14.70 -19.25
C THR A 687 9.83 -14.52 -20.49
N LYS A 688 10.16 -15.27 -21.54
CA LYS A 688 9.44 -15.19 -22.80
C LYS A 688 8.15 -16.00 -22.74
N VAL B 6 -11.17 -18.30 37.16
CA VAL B 6 -11.43 -16.87 37.21
C VAL B 6 -11.05 -16.30 38.57
N PRO B 7 -10.52 -15.07 38.56
CA PRO B 7 -10.11 -14.44 39.82
C PRO B 7 -11.31 -14.13 40.70
N LYS B 8 -11.03 -14.06 42.02
CA LYS B 8 -12.08 -13.80 42.99
C LYS B 8 -12.70 -12.42 42.77
N TRP B 9 -11.87 -11.40 42.53
CA TRP B 9 -12.41 -10.07 42.29
C TRP B 9 -13.23 -10.02 41.01
N ILE B 10 -12.87 -10.82 40.01
CA ILE B 10 -13.65 -10.89 38.79
C ILE B 10 -15.04 -11.45 39.08
N GLN B 11 -15.11 -12.51 39.89
CA GLN B 11 -16.41 -13.06 40.27
C GLN B 11 -17.22 -12.06 41.08
N LEU B 12 -16.57 -11.34 42.00
CA LEU B 12 -17.29 -10.35 42.80
C LEU B 12 -17.82 -9.22 41.93
N ASN B 13 -17.04 -8.80 40.92
CA ASN B 13 -17.50 -7.76 40.01
C ASN B 13 -18.63 -8.25 39.12
N ASN B 14 -18.58 -9.51 38.69
CA ASN B 14 -19.67 -10.07 37.91
C ASN B 14 -20.92 -10.31 38.75
N GLU B 15 -20.77 -10.37 40.07
CA GLU B 15 -21.91 -10.53 40.96
C GLU B 15 -22.82 -9.29 40.98
N ILE B 16 -22.38 -8.17 40.41
CA ILE B 16 -23.22 -6.98 40.37
C ILE B 16 -24.48 -7.25 39.55
N MET B 17 -24.33 -7.87 38.39
CA MET B 17 -25.45 -8.08 37.50
C MET B 17 -26.40 -9.18 37.97
N ILE B 18 -25.94 -10.07 38.85
CA ILE B 18 -26.82 -11.05 39.45
C ILE B 18 -27.73 -10.30 40.42
N GLN B 19 -28.98 -10.10 40.01
CA GLN B 19 -29.89 -9.26 40.79
C GLN B 19 -30.35 -9.99 42.05
N LYS B 20 -30.45 -9.24 43.14
CA LYS B 20 -30.98 -9.73 44.39
C LYS B 20 -32.19 -8.89 44.75
N ASP B 21 -33.35 -9.54 44.90
CA ASP B 21 -34.62 -8.86 45.14
C ASP B 21 -34.92 -7.85 44.05
N GLY B 22 -34.58 -8.19 42.80
CA GLY B 22 -34.85 -7.34 41.67
C GLY B 22 -33.96 -6.13 41.52
N LYS B 23 -32.90 -6.03 42.30
CA LYS B 23 -32.00 -4.87 42.26
C LYS B 23 -30.57 -5.32 42.02
N PHE B 24 -29.82 -4.48 41.32
CA PHE B 24 -28.40 -4.77 41.07
C PHE B 24 -27.61 -4.74 42.36
N GLN B 25 -26.61 -5.60 42.46
CA GLN B 25 -25.75 -5.66 43.65
C GLN B 25 -24.54 -4.77 43.41
N PHE B 26 -24.77 -3.46 43.53
CA PHE B 26 -23.71 -2.49 43.31
C PHE B 26 -22.63 -2.61 44.38
N ASP B 27 -23.04 -2.87 45.63
CA ASP B 27 -22.07 -2.95 46.72
C ASP B 27 -21.05 -4.06 46.49
N LYS B 28 -21.43 -5.11 45.77
CA LYS B 28 -20.49 -6.17 45.44
C LYS B 28 -19.25 -5.59 44.76
N ASP B 29 -19.44 -4.56 43.93
CA ASP B 29 -18.31 -3.91 43.27
C ASP B 29 -17.24 -3.51 44.29
N LYS B 30 -17.66 -2.88 45.39
CA LYS B 30 -16.71 -2.50 46.43
C LYS B 30 -15.93 -3.71 46.91
N GLU B 31 -16.63 -4.81 47.20
CA GLU B 31 -15.96 -6.03 47.62
C GLU B 31 -14.89 -6.43 46.61
N ALA B 32 -15.22 -6.33 45.32
CA ALA B 32 -14.25 -6.68 44.28
C ALA B 32 -12.96 -5.92 44.47
N VAL B 33 -13.05 -4.60 44.67
CA VAL B 33 -11.84 -3.81 44.84
C VAL B 33 -11.01 -4.35 45.99
N HIS B 34 -11.67 -4.64 47.12
CA HIS B 34 -10.96 -5.22 48.25
C HIS B 34 -10.23 -6.48 47.82
N SER B 35 -10.95 -7.40 47.16
CA SER B 35 -10.30 -8.60 46.64
C SER B 35 -9.14 -8.22 45.73
N TYR B 36 -9.40 -7.31 44.78
CA TYR B 36 -8.38 -6.92 43.81
C TYR B 36 -7.14 -6.38 44.51
N PHE B 37 -7.30 -5.87 45.72
CA PHE B 37 -6.13 -5.40 46.47
C PHE B 37 -5.58 -6.45 47.41
N VAL B 38 -6.45 -7.28 48.01
CA VAL B 38 -5.94 -8.25 48.99
C VAL B 38 -5.46 -9.53 48.34
N ASP B 39 -5.64 -9.68 47.04
CA ASP B 39 -5.19 -10.87 46.33
C ASP B 39 -4.24 -10.60 45.18
N TYR B 40 -4.31 -9.42 44.55
CA TYR B 40 -3.45 -9.12 43.41
C TYR B 40 -2.53 -7.94 43.66
N ILE B 41 -3.05 -6.77 44.04
CA ILE B 41 -2.24 -5.55 44.06
C ILE B 41 -1.21 -5.61 45.18
N ASN B 42 -1.63 -5.99 46.39
CA ASN B 42 -0.69 -6.03 47.51
C ASN B 42 0.36 -7.12 47.32
N GLN B 43 0.00 -8.22 46.66
CA GLN B 43 0.97 -9.28 46.41
C GLN B 43 1.91 -8.90 45.27
N ASN B 44 1.41 -8.22 44.25
CA ASN B 44 2.21 -7.84 43.09
C ASN B 44 2.95 -6.52 43.29
N THR B 45 2.70 -5.81 44.38
CA THR B 45 3.43 -4.59 44.65
C THR B 45 4.82 -4.89 45.18
N VAL B 46 5.75 -3.98 44.93
CA VAL B 46 7.13 -4.10 45.40
C VAL B 46 7.31 -3.15 46.57
N PHE B 47 7.57 -3.69 47.75
CA PHE B 47 7.74 -2.90 48.95
C PHE B 47 9.21 -2.80 49.32
N PHE B 48 9.60 -1.61 49.80
CA PHE B 48 10.96 -1.36 50.25
C PHE B 48 10.95 -1.07 51.74
N HIS B 49 12.14 -1.06 52.33
CA HIS B 49 12.25 -0.80 53.77
C HIS B 49 11.74 0.59 54.12
N ASN B 50 12.08 1.59 53.32
CA ASN B 50 11.54 2.93 53.48
C ASN B 50 11.50 3.60 52.11
N LEU B 51 11.08 4.86 52.09
CA LEU B 51 10.93 5.58 50.83
C LEU B 51 12.28 5.84 50.17
N LYS B 52 13.35 5.92 50.97
CA LYS B 52 14.67 6.20 50.41
C LYS B 52 15.11 5.09 49.46
N GLU B 53 14.95 3.83 49.89
CA GLU B 53 15.34 2.71 49.04
C GLU B 53 14.48 2.66 47.78
N LYS B 54 13.18 2.93 47.91
CA LYS B 54 12.30 2.94 46.74
C LYS B 54 12.74 3.99 45.74
N LEU B 55 13.00 5.22 46.21
CA LEU B 55 13.40 6.28 45.31
C LEU B 55 14.75 5.99 44.67
N ASP B 56 15.69 5.47 45.45
CA ASP B 56 17.00 5.12 44.88
C ASP B 56 16.87 4.03 43.83
N TYR B 57 16.08 3.00 44.10
CA TYR B 57 15.90 1.92 43.12
C TYR B 57 15.24 2.45 41.86
N LEU B 58 14.25 3.33 41.99
CA LEU B 58 13.59 3.86 40.81
C LEU B 58 14.48 4.84 40.06
N VAL B 59 15.43 5.47 40.73
CA VAL B 59 16.30 6.43 40.06
C VAL B 59 17.43 5.72 39.32
N GLU B 60 18.13 4.80 39.99
CA GLU B 60 19.26 4.14 39.34
C GLU B 60 18.82 3.18 38.24
N ASN B 61 17.64 2.58 38.37
CA ASN B 61 17.13 1.65 37.37
C ASN B 61 16.44 2.37 36.22
N GLN B 62 16.66 3.66 36.06
CA GLN B 62 16.13 4.45 34.94
C GLN B 62 14.62 4.39 34.86
N TYR B 63 13.96 4.36 36.03
CA TYR B 63 12.51 4.51 36.08
C TYR B 63 12.10 5.97 36.25
N TYR B 64 12.85 6.72 37.05
CA TYR B 64 12.54 8.11 37.35
C TYR B 64 13.66 9.01 36.86
N GLU B 65 13.29 10.21 36.44
CA GLU B 65 14.27 11.26 36.20
C GLU B 65 14.77 11.79 37.54
N GLU B 66 16.09 11.89 37.70
CA GLU B 66 16.65 12.33 38.96
C GLU B 66 16.64 13.85 39.10
N GLU B 67 16.44 14.59 38.01
CA GLU B 67 16.52 16.04 38.07
C GLU B 67 15.37 16.63 38.88
N PHE B 68 14.14 16.18 38.63
CA PHE B 68 13.00 16.74 39.34
C PHE B 68 12.99 16.33 40.80
N LEU B 69 13.49 15.14 41.12
CA LEU B 69 13.60 14.71 42.51
C LEU B 69 14.77 15.39 43.23
N SER B 70 15.78 15.85 42.49
CA SER B 70 16.93 16.49 43.12
C SER B 70 16.61 17.90 43.62
N LEU B 71 15.50 18.50 43.18
CA LEU B 71 15.11 19.82 43.64
C LEU B 71 14.56 19.81 45.05
N TYR B 72 14.28 18.65 45.63
CA TYR B 72 13.77 18.52 46.98
C TYR B 72 14.75 17.71 47.82
N SER B 73 14.91 18.12 49.08
CA SER B 73 15.56 17.25 50.05
C SER B 73 14.68 16.04 50.30
N PHE B 74 15.30 14.94 50.72
CA PHE B 74 14.53 13.71 50.91
C PHE B 74 13.48 13.87 52.00
N GLU B 75 13.72 14.76 52.97
CA GLU B 75 12.69 15.02 53.99
C GLU B 75 11.44 15.60 53.35
N ASP B 76 11.61 16.51 52.39
CA ASP B 76 10.44 17.10 51.71
C ASP B 76 9.69 16.07 50.89
N ILE B 77 10.43 15.19 50.19
CA ILE B 77 9.78 14.14 49.42
C ILE B 77 9.03 13.18 50.33
N LYS B 78 9.64 12.84 51.47
CA LYS B 78 8.97 11.99 52.46
C LYS B 78 7.70 12.66 52.97
N GLU B 79 7.76 13.96 53.22
CA GLU B 79 6.57 14.69 53.68
C GLU B 79 5.49 14.68 52.62
N VAL B 80 5.87 14.84 51.35
CA VAL B 80 4.89 14.81 50.27
C VAL B 80 4.23 13.43 50.16
N PHE B 81 5.04 12.37 50.24
CA PHE B 81 4.49 11.02 50.17
C PHE B 81 3.60 10.73 51.38
N LYS B 82 3.98 11.21 52.56
CA LYS B 82 3.16 11.03 53.74
C LYS B 82 1.84 11.79 53.61
N THR B 83 1.88 12.98 53.01
CA THR B 83 0.64 13.71 52.75
C THR B 83 -0.26 12.93 51.78
N ALA B 84 0.35 12.30 50.77
CA ALA B 84 -0.42 11.51 49.83
C ALA B 84 -1.07 10.31 50.51
N TYR B 85 -0.32 9.62 51.38
CA TYR B 85 -0.84 8.43 52.04
C TYR B 85 -1.72 8.74 53.25
N ALA B 86 -1.72 9.97 53.74
CA ALA B 86 -2.54 10.31 54.89
C ALA B 86 -4.03 10.31 54.55
N LYS B 87 -4.37 10.55 53.29
CA LYS B 87 -5.76 10.56 52.88
C LYS B 87 -6.40 9.19 52.95
N LYS B 88 -5.60 8.13 52.95
CA LYS B 88 -6.11 6.74 52.93
C LYS B 88 -7.08 6.55 51.77
N PHE B 89 -6.66 6.99 50.59
CA PHE B 89 -7.53 6.92 49.42
C PHE B 89 -7.88 5.48 49.08
N ARG B 90 -9.16 5.23 48.85
CA ARG B 90 -9.66 3.92 48.45
C ARG B 90 -10.40 4.04 47.13
N PHE B 91 -10.11 3.14 46.21
CA PHE B 91 -10.84 3.10 44.96
C PHE B 91 -12.25 2.58 45.21
N PRO B 92 -13.30 3.34 44.90
CA PRO B 92 -14.66 2.87 45.21
C PRO B 92 -15.16 1.79 44.28
N SER B 93 -14.54 1.61 43.12
CA SER B 93 -14.95 0.61 42.15
C SER B 93 -13.74 -0.21 41.72
N PHE B 94 -13.99 -1.46 41.33
CA PHE B 94 -12.91 -2.33 40.89
C PHE B 94 -12.26 -1.79 39.63
N MET B 95 -13.07 -1.26 38.71
CA MET B 95 -12.53 -0.82 37.42
C MET B 95 -11.59 0.39 37.57
N SER B 96 -11.84 1.25 38.55
CA SER B 96 -10.94 2.39 38.77
C SER B 96 -9.53 1.90 39.08
N ALA B 97 -9.41 1.03 40.09
CA ALA B 97 -8.11 0.49 40.46
C ALA B 97 -7.51 -0.34 39.34
N PHE B 98 -8.34 -1.14 38.66
CA PHE B 98 -7.84 -1.97 37.57
C PHE B 98 -7.25 -1.10 36.46
N LYS B 99 -7.96 -0.04 36.08
CA LYS B 99 -7.49 0.83 35.02
C LYS B 99 -6.22 1.56 35.44
N PHE B 100 -6.15 2.03 36.68
CA PHE B 100 -4.92 2.68 37.13
C PHE B 100 -3.73 1.72 37.10
N TYR B 101 -3.90 0.52 37.68
CA TYR B 101 -2.78 -0.39 37.82
C TYR B 101 -2.47 -1.15 36.54
N ASN B 102 -3.31 -1.04 35.51
CA ASN B 102 -3.01 -1.62 34.22
C ASN B 102 -2.51 -0.61 33.19
N ASP B 103 -2.93 0.66 33.30
CA ASP B 103 -2.56 1.66 32.32
C ASP B 103 -1.64 2.74 32.84
N TYR B 104 -1.65 3.04 34.14
CA TYR B 104 -0.92 4.18 34.66
C TYR B 104 0.06 3.87 35.78
N ALA B 105 -0.13 2.81 36.54
CA ALA B 105 0.84 2.47 37.58
C ALA B 105 2.14 1.99 36.97
N LEU B 106 3.25 2.44 37.52
CA LEU B 106 4.56 2.06 37.00
C LEU B 106 4.86 0.62 37.37
N LYS B 107 5.28 -0.17 36.37
CA LYS B 107 5.65 -1.56 36.55
C LYS B 107 7.13 -1.73 36.24
N THR B 108 7.63 -2.93 36.51
CA THR B 108 9.03 -3.24 36.24
C THR B 108 9.26 -3.35 34.74
N ASN B 109 10.53 -3.59 34.37
CA ASN B 109 10.87 -3.72 32.96
C ASN B 109 10.15 -4.90 32.32
N ASP B 110 10.07 -6.02 33.03
CA ASP B 110 9.36 -7.20 32.55
C ASP B 110 7.86 -7.14 32.85
N LYS B 111 7.39 -6.08 33.51
CA LYS B 111 5.97 -5.89 33.81
C LYS B 111 5.40 -7.06 34.60
N LYS B 112 6.19 -7.57 35.56
CA LYS B 112 5.74 -8.64 36.44
C LYS B 112 5.32 -8.15 37.81
N LYS B 113 5.70 -6.95 38.20
CA LYS B 113 5.41 -6.42 39.53
C LYS B 113 5.02 -4.95 39.41
N ILE B 114 4.39 -4.44 40.46
CA ILE B 114 3.90 -3.08 40.51
C ILE B 114 4.84 -2.27 41.39
N LEU B 115 5.46 -1.24 40.82
CA LEU B 115 6.35 -0.37 41.58
C LEU B 115 5.67 0.86 42.13
N GLU B 116 4.59 1.32 41.50
CA GLU B 116 3.92 2.56 41.87
C GLU B 116 2.50 2.27 42.34
N ARG B 117 2.17 2.75 43.53
CA ARG B 117 0.80 2.80 43.98
C ARG B 117 0.13 4.06 43.45
N TYR B 118 -1.16 4.24 43.74
CA TYR B 118 -1.83 5.47 43.36
C TYR B 118 -1.22 6.67 44.08
N GLU B 119 -0.94 6.51 45.38
CA GLU B 119 -0.32 7.58 46.14
C GLU B 119 1.09 7.87 45.64
N ASP B 120 1.84 6.83 45.27
CA ASP B 120 3.19 7.03 44.75
C ASP B 120 3.16 7.82 43.44
N ARG B 121 2.26 7.42 42.53
CA ARG B 121 2.13 8.14 41.26
C ARG B 121 1.71 9.58 41.48
N ILE B 122 0.74 9.81 42.37
CA ILE B 122 0.28 11.16 42.64
C ILE B 122 1.40 12.00 43.26
N SER B 123 2.17 11.42 44.18
CA SER B 123 3.27 12.14 44.79
C SER B 123 4.33 12.51 43.76
N ILE B 124 4.66 11.58 42.85
CA ILE B 124 5.66 11.87 41.84
C ILE B 124 5.18 12.97 40.90
N VAL B 125 3.91 12.90 40.49
CA VAL B 125 3.36 13.93 39.61
C VAL B 125 3.34 15.28 40.32
N ALA B 126 2.98 15.30 41.60
CA ALA B 126 2.96 16.54 42.35
C ALA B 126 4.35 17.14 42.52
N LEU B 127 5.34 16.29 42.79
CA LEU B 127 6.70 16.77 42.93
C LEU B 127 7.23 17.31 41.61
N PHE B 128 6.86 16.67 40.49
CA PHE B 128 7.23 17.21 39.19
C PHE B 128 6.54 18.56 38.94
N PHE B 129 5.27 18.67 39.32
CA PHE B 129 4.52 19.91 39.11
C PHE B 129 5.11 21.06 39.91
N ALA B 130 5.47 20.81 41.17
CA ALA B 130 5.85 21.90 42.06
C ALA B 130 7.19 22.50 41.68
N ASN B 131 8.09 21.71 41.09
CA ASN B 131 9.40 22.19 40.64
C ASN B 131 10.21 22.77 41.80
N GLY B 132 10.29 22.02 42.89
CA GLY B 132 11.11 22.39 44.03
C GLY B 132 10.38 23.02 45.19
N ASP B 133 9.07 23.19 45.10
CA ASP B 133 8.29 23.82 46.16
C ASP B 133 7.57 22.74 46.95
N THR B 134 7.98 22.52 48.19
CA THR B 134 7.38 21.46 49.01
C THR B 134 5.92 21.75 49.31
N GLU B 135 5.60 23.00 49.66
CA GLU B 135 4.21 23.35 49.94
C GLU B 135 3.34 23.23 48.70
N LYS B 136 3.86 23.66 47.56
CA LYS B 136 3.11 23.49 46.31
C LYS B 136 2.95 22.00 45.97
N ALA B 137 3.96 21.20 46.26
CA ALA B 137 3.86 19.76 46.04
C ALA B 137 2.78 19.14 46.91
N LYS B 138 2.70 19.59 48.18
CA LYS B 138 1.63 19.11 49.06
C LYS B 138 0.26 19.57 48.58
N GLU B 139 0.17 20.80 48.06
CA GLU B 139 -1.09 21.28 47.50
C GLU B 139 -1.53 20.42 46.31
N TYR B 140 -0.59 20.10 45.43
CA TYR B 140 -0.90 19.23 44.29
C TYR B 140 -1.30 17.84 44.76
N VAL B 141 -0.62 17.33 45.79
CA VAL B 141 -0.96 16.01 46.34
C VAL B 141 -2.38 16.02 46.89
N ASN B 142 -2.74 17.06 47.63
CA ASN B 142 -4.09 17.15 48.17
C ASN B 142 -5.12 17.33 47.05
N LEU B 143 -4.74 18.02 45.98
CA LEU B 143 -5.66 18.22 44.87
C LEU B 143 -5.92 16.93 44.10
N MET B 144 -4.89 16.10 43.94
CA MET B 144 -5.04 14.87 43.15
C MET B 144 -5.53 13.69 43.98
N ILE B 145 -5.13 13.60 45.25
CA ILE B 145 -5.62 12.52 46.10
C ILE B 145 -7.09 12.72 46.46
N ASN B 146 -7.54 13.97 46.60
CA ASN B 146 -8.96 14.26 46.68
C ASN B 146 -9.65 14.08 45.33
N GLN B 147 -8.87 13.87 44.27
CA GLN B 147 -9.39 13.67 42.92
C GLN B 147 -10.20 14.88 42.45
N GLU B 148 -9.83 16.07 42.92
CA GLU B 148 -10.43 17.29 42.39
C GLU B 148 -9.90 17.62 41.00
N TYR B 149 -8.62 17.34 40.75
CA TYR B 149 -8.00 17.60 39.46
C TYR B 149 -7.28 16.35 38.99
N GLN B 150 -7.33 16.10 37.69
CA GLN B 150 -6.68 14.95 37.08
C GLN B 150 -5.83 15.42 35.90
N PRO B 151 -4.51 15.30 35.98
CA PRO B 151 -3.69 15.57 34.79
C PRO B 151 -4.01 14.57 33.69
N SER B 152 -3.81 15.01 32.45
CA SER B 152 -4.12 14.16 31.31
C SER B 152 -3.32 12.87 31.35
N THR B 153 -3.75 11.90 30.55
CA THR B 153 -3.06 10.61 30.48
C THR B 153 -1.58 10.74 30.18
N PRO B 154 -1.13 11.55 29.21
CA PRO B 154 0.32 11.72 29.04
C PRO B 154 1.01 12.28 30.28
N THR B 155 0.44 13.33 30.86
CA THR B 155 1.07 13.94 32.04
C THR B 155 1.02 13.02 33.24
N PHE B 156 -0.16 12.45 33.53
CA PHE B 156 -0.28 11.58 34.69
C PHE B 156 0.59 10.34 34.56
N LEU B 157 0.65 9.76 33.36
CA LEU B 157 1.40 8.52 33.16
C LEU B 157 2.90 8.77 33.09
N ASN B 158 3.33 9.89 32.53
CA ASN B 158 4.73 10.07 32.17
C ASN B 158 5.49 11.08 33.03
N ALA B 159 4.82 11.78 33.94
CA ALA B 159 5.51 12.78 34.74
C ALA B 159 6.57 12.14 35.62
N GLY B 160 7.78 12.67 35.55
CA GLY B 160 8.86 12.20 36.39
C GLY B 160 9.46 10.86 36.00
N ARG B 161 9.13 10.34 34.82
CA ARG B 161 9.63 9.05 34.37
C ARG B 161 10.78 9.24 33.39
N LYS B 162 11.79 8.39 33.50
CA LYS B 162 12.92 8.46 32.57
C LYS B 162 12.53 7.93 31.20
N ARG B 163 11.81 6.81 31.15
CA ARG B 163 11.37 6.21 29.89
C ARG B 163 10.09 6.86 29.37
N ARG B 164 9.78 8.07 29.82
CA ARG B 164 8.55 8.74 29.46
C ARG B 164 8.59 9.21 28.00
N GLY B 165 7.41 9.52 27.48
CA GLY B 165 7.26 10.22 26.22
C GLY B 165 7.12 11.72 26.44
N GLU B 166 6.18 12.31 25.73
CA GLU B 166 5.87 13.73 25.93
C GLU B 166 4.58 13.86 26.73
N LEU B 167 4.52 14.94 27.53
CA LEU B 167 3.36 15.20 28.35
C LEU B 167 2.22 15.87 27.59
N VAL B 168 2.47 16.32 26.36
CA VAL B 168 1.43 16.96 25.57
C VAL B 168 0.64 15.88 24.84
N SER B 169 -0.69 15.98 24.92
CA SER B 169 -1.56 14.96 24.33
C SER B 169 -1.73 15.17 22.83
N CYS B 170 -2.08 16.39 22.42
CA CYS B 170 -2.47 16.66 21.04
C CYS B 170 -1.56 17.70 20.42
N PHE B 171 -1.30 17.53 19.12
CA PHE B 171 -0.53 18.49 18.33
C PHE B 171 -1.28 18.79 17.05
N LEU B 172 -1.25 20.07 16.65
CA LEU B 172 -1.94 20.53 15.45
C LEU B 172 -0.92 21.18 14.52
N LEU B 173 -0.84 20.67 13.30
CA LEU B 173 0.14 21.15 12.32
C LEU B 173 -0.55 21.82 11.16
N GLU B 174 0.02 22.94 10.71
CA GLU B 174 -0.39 23.60 9.49
C GLU B 174 0.54 23.18 8.36
N VAL B 175 -0.04 22.69 7.27
CA VAL B 175 0.72 22.19 6.13
C VAL B 175 0.60 23.19 5.00
N ASN B 176 1.73 23.79 4.61
CA ASN B 176 1.73 24.72 3.50
C ASN B 176 1.72 23.95 2.18
N ASP B 177 1.34 24.65 1.11
CA ASP B 177 1.15 24.05 -0.21
C ASP B 177 2.50 23.98 -0.93
N SER B 178 3.29 22.98 -0.55
CA SER B 178 4.58 22.73 -1.19
C SER B 178 5.03 21.32 -0.85
N LEU B 179 5.86 20.75 -1.73
CA LEU B 179 6.41 19.41 -1.47
C LEU B 179 7.32 19.43 -0.25
N ASN B 180 8.12 20.48 -0.09
CA ASN B 180 8.96 20.59 1.10
C ASN B 180 8.13 20.63 2.36
N ASP B 181 7.05 21.42 2.35
CA ASP B 181 6.18 21.52 3.51
C ASP B 181 5.43 20.21 3.76
N ILE B 182 5.02 19.51 2.70
CA ILE B 182 4.35 18.23 2.87
C ILE B 182 5.29 17.20 3.49
N SER B 183 6.52 17.13 2.99
CA SER B 183 7.50 16.20 3.55
C SER B 183 7.83 16.54 5.00
N ARG B 184 7.98 17.84 5.30
CA ARG B 184 8.22 18.25 6.67
C ARG B 184 7.04 17.90 7.58
N ALA B 185 5.82 18.05 7.07
CA ALA B 185 4.64 17.67 7.85
C ALA B 185 4.62 16.18 8.13
N ILE B 186 4.97 15.37 7.13
CA ILE B 186 5.06 13.92 7.35
C ILE B 186 6.11 13.60 8.40
N ASP B 187 7.27 14.24 8.31
CA ASP B 187 8.34 14.01 9.28
C ASP B 187 7.90 14.40 10.68
N ILE B 188 7.28 15.56 10.82
CA ILE B 188 6.85 16.04 12.14
C ILE B 188 5.75 15.16 12.69
N SER B 189 4.85 14.68 11.82
CA SER B 189 3.81 13.76 12.27
C SER B 189 4.40 12.47 12.80
N MET B 190 5.39 11.92 12.10
CA MET B 190 6.05 10.72 12.61
C MET B 190 6.78 10.99 13.92
N GLN B 191 7.43 12.15 14.02
CA GLN B 191 8.15 12.49 15.25
C GLN B 191 7.21 12.63 16.44
N LEU B 192 6.06 13.26 16.23
CA LEU B 192 5.12 13.48 17.33
C LEU B 192 4.34 12.22 17.67
N SER B 193 4.06 11.36 16.69
CA SER B 193 3.47 10.06 17.01
C SER B 193 4.47 9.17 17.73
N LYS B 194 5.76 9.30 17.42
CA LYS B 194 6.80 8.64 18.19
C LYS B 194 6.78 9.11 19.64
N LEU B 195 6.56 10.42 19.85
CA LEU B 195 6.42 10.97 21.18
C LEU B 195 5.11 10.57 21.85
N GLY B 196 4.18 9.97 21.11
CA GLY B 196 2.95 9.47 21.67
C GLY B 196 1.74 10.37 21.50
N GLY B 197 1.92 11.57 20.94
CA GLY B 197 0.82 12.51 20.83
C GLY B 197 0.02 12.34 19.55
N GLY B 198 -1.27 12.64 19.65
CA GLY B 198 -2.13 12.64 18.47
C GLY B 198 -1.89 13.90 17.65
N VAL B 199 -1.71 13.72 16.34
CA VAL B 199 -1.32 14.80 15.45
C VAL B 199 -2.49 15.12 14.53
N SER B 200 -2.82 16.41 14.44
CA SER B 200 -3.83 16.90 13.51
C SER B 200 -3.17 17.83 12.50
N LEU B 201 -3.53 17.66 11.24
CA LEU B 201 -2.93 18.43 10.15
C LEU B 201 -4.02 19.12 9.35
N ASN B 202 -3.84 20.42 9.12
CA ASN B 202 -4.74 21.20 8.28
C ASN B 202 -4.29 21.08 6.83
N LEU B 203 -5.11 20.43 6.01
CA LEU B 203 -4.78 20.23 4.60
C LEU B 203 -5.50 21.21 3.69
N SER B 204 -6.10 22.27 4.26
CA SER B 204 -6.87 23.20 3.45
C SER B 204 -6.01 24.10 2.58
N LYS B 205 -4.74 24.32 2.95
CA LYS B 205 -3.86 25.12 2.12
C LYS B 205 -3.31 24.35 0.93
N LEU B 206 -3.25 23.02 1.01
CA LEU B 206 -2.79 22.22 -0.11
C LEU B 206 -3.74 22.38 -1.29
N ARG B 207 -3.18 22.58 -2.47
CA ARG B 207 -4.00 22.76 -3.66
C ARG B 207 -4.68 21.45 -4.05
N ALA B 208 -5.85 21.58 -4.65
CA ALA B 208 -6.70 20.44 -4.93
C ALA B 208 -6.14 19.60 -6.08
N LYS B 209 -6.82 18.49 -6.35
CA LYS B 209 -6.44 17.63 -7.46
C LYS B 209 -6.68 18.34 -8.78
N GLY B 210 -5.75 18.14 -9.72
CA GLY B 210 -5.85 18.78 -11.01
C GLY B 210 -5.35 20.21 -11.05
N GLU B 211 -4.44 20.58 -10.16
CA GLU B 211 -3.84 21.89 -10.16
C GLU B 211 -2.44 21.83 -10.77
N ALA B 212 -1.87 23.00 -11.01
CA ALA B 212 -0.62 23.12 -11.75
C ALA B 212 0.56 23.22 -10.78
N ILE B 213 1.60 22.43 -11.04
CA ILE B 213 2.87 22.53 -10.33
C ILE B 213 3.87 23.16 -11.30
N LYS B 214 4.01 24.48 -11.23
CA LYS B 214 4.88 25.24 -12.13
C LYS B 214 4.48 25.05 -13.60
N ASP B 215 3.27 25.52 -13.91
CA ASP B 215 2.80 25.74 -15.27
C ASP B 215 2.46 24.46 -16.03
N VAL B 216 2.66 23.29 -15.42
CA VAL B 216 2.16 22.05 -16.00
C VAL B 216 0.87 21.71 -15.26
N GLU B 217 -0.23 21.64 -16.00
CA GLU B 217 -1.55 21.59 -15.38
C GLU B 217 -1.99 20.15 -15.13
N ASN B 218 -3.00 20.01 -14.29
CA ASN B 218 -3.57 18.72 -13.91
C ASN B 218 -2.50 17.78 -13.40
N ALA B 219 -1.65 18.31 -12.52
CA ALA B 219 -0.47 17.61 -12.03
C ALA B 219 -0.59 17.18 -10.58
N THR B 220 -1.30 17.94 -9.75
CA THR B 220 -1.37 17.65 -8.33
C THR B 220 -2.25 16.44 -8.05
N LYS B 221 -1.87 15.68 -7.03
CA LYS B 221 -2.69 14.58 -6.55
C LYS B 221 -3.77 15.03 -5.58
N GLY B 222 -3.77 16.29 -5.20
CA GLY B 222 -4.75 16.79 -4.26
C GLY B 222 -4.42 16.42 -2.83
N VAL B 223 -5.40 16.65 -1.95
CA VAL B 223 -5.20 16.35 -0.54
C VAL B 223 -5.28 14.85 -0.28
N VAL B 224 -5.79 14.07 -1.22
CA VAL B 224 -5.90 12.62 -1.01
C VAL B 224 -4.52 11.95 -1.03
N GLY B 225 -3.62 12.38 -1.90
CA GLY B 225 -2.27 11.84 -1.89
C GLY B 225 -1.53 12.15 -0.61
N VAL B 226 -1.63 13.40 -0.15
CA VAL B 226 -1.04 13.76 1.14
C VAL B 226 -1.70 12.99 2.27
N MET B 227 -3.00 12.72 2.15
CA MET B 227 -3.70 11.91 3.14
C MET B 227 -3.14 10.51 3.20
N LYS B 228 -2.88 9.91 2.03
CA LYS B 228 -2.29 8.57 2.00
C LYS B 228 -0.89 8.57 2.60
N LEU B 229 -0.10 9.60 2.28
CA LEU B 229 1.24 9.72 2.85
C LEU B 229 1.18 9.82 4.37
N LEU B 230 0.27 10.66 4.88
CA LEU B 230 0.13 10.82 6.32
C LEU B 230 -0.39 9.55 6.97
N ASP B 231 -1.29 8.85 6.30
CA ASP B 231 -1.80 7.59 6.84
C ASP B 231 -0.68 6.56 6.97
N ASN B 232 0.18 6.45 5.96
CA ASN B 232 1.31 5.54 6.06
C ASN B 232 2.30 6.00 7.12
N ALA B 233 2.50 7.31 7.25
CA ALA B 233 3.40 7.82 8.27
C ALA B 233 2.90 7.49 9.67
N PHE B 234 1.60 7.65 9.90
CA PHE B 234 1.02 7.34 11.20
C PHE B 234 1.00 5.83 11.46
N ARG B 235 0.81 5.03 10.40
CA ARG B 235 0.92 3.58 10.55
C ARG B 235 2.34 3.18 10.95
N TYR B 236 3.34 3.81 10.35
CA TYR B 236 4.73 3.47 10.66
C TYR B 236 5.09 3.91 12.07
N ALA B 237 4.76 5.15 12.43
CA ALA B 237 5.03 5.67 13.77
C ALA B 237 3.83 5.39 14.65
N ASP B 238 3.85 4.22 15.28
CA ASP B 238 2.70 3.77 16.07
C ASP B 238 3.11 3.52 17.52
N GLN B 239 3.83 4.47 18.12
CA GLN B 239 4.24 4.39 19.53
C GLN B 239 4.98 3.08 19.82
N MET B 240 5.92 2.75 18.94
CA MET B 240 6.71 1.52 19.05
C MET B 240 5.83 0.28 19.08
N GLY B 241 4.71 0.32 18.36
CA GLY B 241 3.83 -0.83 18.26
C GLY B 241 2.91 -1.05 19.44
N GLN B 242 2.87 -0.13 20.40
CA GLN B 242 2.00 -0.29 21.57
C GLN B 242 0.60 0.25 21.31
N ARG B 243 0.49 1.51 20.93
CA ARG B 243 -0.78 2.15 20.59
C ARG B 243 -0.75 2.53 19.12
N GLN B 244 -1.82 2.18 18.40
CA GLN B 244 -1.90 2.48 16.98
C GLN B 244 -1.75 3.98 16.74
N GLY B 245 -0.91 4.34 15.77
CA GLY B 245 -0.71 5.73 15.44
C GLY B 245 -1.99 6.39 14.97
N SER B 246 -2.40 7.46 15.65
CA SER B 246 -3.66 8.13 15.37
C SER B 246 -3.37 9.52 14.81
N GLY B 247 -3.91 9.79 13.63
CA GLY B 247 -3.78 11.10 13.02
C GLY B 247 -5.13 11.64 12.60
N ALA B 248 -5.19 12.95 12.44
CA ALA B 248 -6.38 13.63 11.98
C ALA B 248 -6.02 14.55 10.82
N ALA B 249 -6.87 14.57 9.80
CA ALA B 249 -6.74 15.50 8.69
C ALA B 249 -7.97 16.39 8.68
N TYR B 250 -7.76 17.70 8.58
CA TYR B 250 -8.85 18.66 8.53
C TYR B 250 -8.83 19.37 7.19
N LEU B 251 -9.99 19.47 6.57
CA LEU B 251 -10.14 20.15 5.29
C LEU B 251 -11.33 21.09 5.36
N ASN B 252 -11.17 22.29 4.79
CA ASN B 252 -12.28 23.20 4.68
C ASN B 252 -13.31 22.66 3.71
N ILE B 253 -14.59 22.89 4.02
CA ILE B 253 -15.67 22.38 3.18
C ILE B 253 -15.70 23.06 1.83
N PHE B 254 -15.04 24.20 1.67
CA PHE B 254 -14.97 24.91 0.40
C PHE B 254 -13.78 24.48 -0.44
N HIS B 255 -12.95 23.57 0.07
CA HIS B 255 -11.90 22.97 -0.74
C HIS B 255 -12.51 22.10 -1.83
N ARG B 256 -11.90 22.11 -3.02
CA ARG B 256 -12.44 21.32 -4.12
C ARG B 256 -12.38 19.83 -3.84
N ASP B 257 -11.38 19.39 -3.07
CA ASP B 257 -11.20 17.98 -2.77
C ASP B 257 -12.13 17.49 -1.66
N ILE B 258 -13.06 18.32 -1.19
CA ILE B 258 -13.85 17.99 -0.01
C ILE B 258 -14.60 16.68 -0.21
N ASN B 259 -15.09 16.44 -1.42
CA ASN B 259 -15.75 15.16 -1.69
C ASN B 259 -14.76 14.01 -1.63
N ASP B 260 -13.64 14.13 -2.33
CA ASP B 260 -12.63 13.08 -2.31
C ASP B 260 -12.13 12.84 -0.89
N PHE B 261 -11.84 13.92 -0.16
CA PHE B 261 -11.60 13.88 1.26
C PHE B 261 -12.60 12.97 1.97
N LEU B 262 -13.89 13.28 1.82
CA LEU B 262 -14.92 12.48 2.45
C LEU B 262 -14.91 11.05 1.91
N ASP B 263 -14.60 10.90 0.63
CA ASP B 263 -14.56 9.57 0.03
C ASP B 263 -13.48 8.70 0.64
N THR B 264 -12.53 9.29 1.38
CA THR B 264 -11.55 8.47 2.08
C THR B 264 -12.18 7.64 3.19
N LYS B 265 -13.34 8.05 3.70
CA LYS B 265 -13.98 7.35 4.80
C LYS B 265 -15.19 6.52 4.36
N LYS B 266 -15.55 6.54 3.09
CA LYS B 266 -16.63 5.70 2.61
C LYS B 266 -16.24 4.23 2.71
N ILE B 267 -17.19 3.39 3.15
CA ILE B 267 -16.90 1.97 3.33
C ILE B 267 -16.72 1.24 2.01
N SER B 268 -17.13 1.84 0.90
CA SER B 268 -16.96 1.27 -0.42
C SER B 268 -15.77 1.83 -1.17
N ALA B 269 -14.94 2.63 -0.51
CA ALA B 269 -13.81 3.28 -1.16
C ALA B 269 -12.76 2.25 -1.58
N ASP B 270 -12.12 2.52 -2.71
CA ASP B 270 -11.05 1.67 -3.21
C ASP B 270 -9.80 1.83 -2.34
N GLU B 271 -8.92 0.83 -2.42
CA GLU B 271 -7.72 0.84 -1.59
C GLU B 271 -6.79 2.01 -1.92
N ASP B 272 -6.79 2.47 -3.17
CA ASP B 272 -5.95 3.60 -3.54
C ASP B 272 -6.48 4.92 -3.01
N VAL B 273 -7.72 4.96 -2.50
CA VAL B 273 -8.31 6.16 -1.94
C VAL B 273 -8.58 6.01 -0.45
N ARG B 274 -9.00 4.82 -0.02
CA ARG B 274 -9.38 4.61 1.37
C ARG B 274 -8.22 4.89 2.31
N VAL B 275 -8.50 5.60 3.40
CA VAL B 275 -7.55 5.87 4.46
C VAL B 275 -8.19 5.43 5.78
N LYS B 276 -7.47 4.62 6.56
CA LYS B 276 -8.08 3.93 7.68
C LYS B 276 -7.53 4.31 9.05
N THR B 277 -6.30 4.82 9.15
CA THR B 277 -5.74 5.23 10.44
C THR B 277 -5.70 6.74 10.62
N LEU B 278 -6.28 7.50 9.71
CA LEU B 278 -6.26 8.97 9.76
C LEU B 278 -7.70 9.47 9.87
N SER B 279 -8.04 10.02 11.02
CA SER B 279 -9.36 10.62 11.20
C SER B 279 -9.49 11.85 10.30
N ILE B 280 -10.73 12.16 9.93
CA ILE B 280 -10.99 13.27 9.02
C ILE B 280 -11.91 14.27 9.72
N GLY B 281 -11.64 15.55 9.51
CA GLY B 281 -12.49 16.60 10.01
C GLY B 281 -12.78 17.60 8.91
N VAL B 282 -13.98 18.18 8.97
CA VAL B 282 -14.44 19.15 7.98
C VAL B 282 -14.71 20.47 8.69
N VAL B 283 -14.14 21.54 8.16
CA VAL B 283 -14.32 22.88 8.71
C VAL B 283 -15.36 23.60 7.86
N ILE B 284 -16.48 23.95 8.49
CA ILE B 284 -17.63 24.50 7.79
C ILE B 284 -17.79 25.96 8.21
N PRO B 285 -17.50 26.92 7.34
CA PRO B 285 -17.84 28.32 7.64
C PRO B 285 -19.34 28.53 7.60
N ASP B 286 -19.76 29.67 8.15
CA ASP B 286 -21.18 30.03 8.12
C ASP B 286 -21.70 30.22 6.71
N LYS B 287 -20.81 30.53 5.76
CA LYS B 287 -21.25 30.69 4.38
C LYS B 287 -21.82 29.41 3.81
N PHE B 288 -21.20 28.27 4.11
CA PHE B 288 -21.71 26.99 3.61
C PHE B 288 -23.09 26.68 4.18
N VAL B 289 -23.28 26.93 5.49
CA VAL B 289 -24.58 26.69 6.10
C VAL B 289 -25.62 27.63 5.51
N GLU B 290 -25.24 28.87 5.24
CA GLU B 290 -26.16 29.81 4.62
C GLU B 290 -26.56 29.37 3.22
N LEU B 291 -25.58 28.89 2.44
CA LEU B 291 -25.88 28.41 1.09
C LEU B 291 -26.78 27.18 1.12
N ALA B 292 -26.51 26.24 2.04
CA ALA B 292 -27.36 25.06 2.15
C ALA B 292 -28.77 25.44 2.61
N ARG B 293 -28.87 26.40 3.53
CA ARG B 293 -30.18 26.82 4.01
C ARG B 293 -31.02 27.43 2.88
N GLU B 294 -30.40 28.25 2.04
CA GLU B 294 -31.09 28.88 0.93
C GLU B 294 -31.20 27.98 -0.30
N ASP B 295 -30.62 26.78 -0.25
CA ASP B 295 -30.65 25.81 -1.34
C ASP B 295 -29.98 26.33 -2.60
N LYS B 296 -29.17 27.39 -2.49
CA LYS B 296 -28.42 27.91 -3.62
C LYS B 296 -27.19 27.05 -3.85
N ALA B 297 -26.94 26.68 -5.11
CA ALA B 297 -25.79 25.84 -5.43
C ALA B 297 -24.50 26.55 -5.04
N ALA B 298 -23.63 25.84 -4.35
CA ALA B 298 -22.39 26.42 -3.85
C ALA B 298 -21.24 26.09 -4.79
N TYR B 299 -20.08 26.68 -4.49
CA TYR B 299 -18.88 26.46 -5.29
C TYR B 299 -17.73 26.10 -4.37
N VAL B 300 -17.08 24.97 -4.66
CA VAL B 300 -15.83 24.62 -4.01
C VAL B 300 -14.70 25.18 -4.86
N PHE B 301 -13.58 25.50 -4.23
CA PHE B 301 -12.56 26.30 -4.89
C PHE B 301 -11.22 25.57 -4.94
N TYR B 302 -10.43 25.94 -5.94
CA TYR B 302 -9.06 25.46 -6.07
C TYR B 302 -8.16 26.39 -5.28
N PRO B 303 -7.51 25.94 -4.22
CA PRO B 303 -6.73 26.86 -3.37
C PRO B 303 -5.60 27.57 -4.09
N HIS B 304 -4.95 26.91 -5.05
CA HIS B 304 -3.78 27.51 -5.68
C HIS B 304 -4.15 28.67 -6.57
N THR B 305 -5.29 28.59 -7.26
CA THR B 305 -5.75 29.71 -8.07
C THR B 305 -6.07 30.92 -7.20
N ILE B 306 -6.71 30.70 -6.06
CA ILE B 306 -7.00 31.78 -5.13
C ILE B 306 -5.72 32.39 -4.58
N TYR B 307 -4.74 31.53 -4.25
CA TYR B 307 -3.47 32.05 -3.75
C TYR B 307 -2.74 32.86 -4.81
N LYS B 308 -2.78 32.40 -6.06
CA LYS B 308 -2.16 33.15 -7.15
C LYS B 308 -2.83 34.50 -7.35
N GLU B 309 -4.16 34.53 -7.30
CA GLU B 309 -4.88 35.77 -7.58
C GLU B 309 -4.75 36.77 -6.44
N TYR B 310 -4.87 36.32 -5.19
CA TYR B 310 -4.94 37.21 -4.05
C TYR B 310 -3.68 37.26 -3.21
N GLY B 311 -2.78 36.30 -3.36
CA GLY B 311 -1.58 36.24 -2.55
C GLY B 311 -1.77 35.60 -1.19
N GLN B 312 -2.99 35.18 -0.86
CA GLN B 312 -3.27 34.53 0.42
C GLN B 312 -4.01 33.22 0.16
N HIS B 313 -3.91 32.32 1.13
CA HIS B 313 -4.58 31.03 1.03
C HIS B 313 -6.09 31.20 1.21
N MET B 314 -6.83 30.23 0.69
CA MET B 314 -8.30 30.30 0.76
C MET B 314 -8.78 30.26 2.20
N ASP B 315 -8.16 29.43 3.04
CA ASP B 315 -8.53 29.35 4.45
C ASP B 315 -7.88 30.44 5.29
N GLU B 316 -7.05 31.29 4.69
CA GLU B 316 -6.41 32.38 5.41
C GLU B 316 -7.30 33.62 5.53
N MET B 317 -8.43 33.67 4.82
CA MET B 317 -9.31 34.82 4.83
C MET B 317 -10.75 34.37 5.04
N ASP B 318 -11.62 35.35 5.27
CA ASP B 318 -13.01 35.10 5.63
C ASP B 318 -13.80 34.74 4.37
N MET B 319 -14.35 33.53 4.35
CA MET B 319 -15.18 33.11 3.22
C MET B 319 -16.51 33.85 3.19
N ASN B 320 -17.02 34.26 4.36
CA ASN B 320 -18.31 34.94 4.40
C ASN B 320 -18.28 36.25 3.63
N GLU B 321 -17.11 36.87 3.50
CA GLU B 321 -16.96 38.12 2.77
C GLU B 321 -16.25 37.97 1.45
N MET B 322 -15.58 36.84 1.20
CA MET B 322 -14.79 36.66 -0.02
C MET B 322 -15.35 35.59 -0.94
N TYR B 323 -16.43 34.91 -0.56
CA TYR B 323 -16.98 33.85 -1.39
C TYR B 323 -17.53 34.40 -2.71
N ASP B 324 -18.24 35.53 -2.65
CA ASP B 324 -18.77 36.13 -3.86
C ASP B 324 -17.65 36.61 -4.77
N LYS B 325 -16.58 37.17 -4.18
CA LYS B 325 -15.44 37.59 -4.97
C LYS B 325 -14.75 36.39 -5.62
N PHE B 326 -14.63 35.27 -4.90
CA PHE B 326 -14.11 34.05 -5.50
C PHE B 326 -14.96 33.58 -6.66
N VAL B 327 -16.29 33.62 -6.50
CA VAL B 327 -17.18 33.12 -7.54
C VAL B 327 -17.14 34.01 -8.78
N ASP B 328 -17.15 35.33 -8.57
CA ASP B 328 -17.17 36.27 -9.69
C ASP B 328 -15.80 36.47 -10.33
N ASN B 329 -14.74 35.91 -9.76
CA ASN B 329 -13.40 36.09 -10.28
C ASN B 329 -13.13 35.02 -11.34
N PRO B 330 -12.92 35.39 -12.61
CA PRO B 330 -12.63 34.36 -13.62
C PRO B 330 -11.27 33.71 -13.43
N ARG B 331 -10.32 34.38 -12.78
CA ARG B 331 -9.00 33.80 -12.55
C ARG B 331 -8.98 32.80 -11.40
N VAL B 332 -10.09 32.66 -10.67
CA VAL B 332 -10.23 31.66 -9.62
C VAL B 332 -10.98 30.48 -10.20
N LYS B 333 -10.43 29.28 -10.05
CA LYS B 333 -11.07 28.06 -10.54
C LYS B 333 -11.96 27.47 -9.45
N LYS B 334 -13.15 27.04 -9.86
CA LYS B 334 -14.12 26.51 -8.91
C LYS B 334 -14.98 25.45 -9.58
N GLU B 335 -15.61 24.63 -8.75
CA GLU B 335 -16.52 23.58 -9.18
C GLU B 335 -17.87 23.75 -8.48
N LYS B 336 -18.94 23.49 -9.22
CA LYS B 336 -20.28 23.59 -8.65
C LYS B 336 -20.61 22.37 -7.82
N ILE B 337 -21.19 22.60 -6.64
CA ILE B 337 -21.63 21.55 -5.74
C ILE B 337 -23.01 21.92 -5.20
N ASN B 338 -23.71 20.92 -4.67
CA ASN B 338 -24.95 21.17 -3.96
C ASN B 338 -24.66 21.15 -2.47
N PRO B 339 -24.73 22.29 -1.78
CA PRO B 339 -24.40 22.29 -0.34
C PRO B 339 -25.31 21.40 0.48
N ARG B 340 -26.58 21.27 0.11
CA ARG B 340 -27.47 20.36 0.83
C ARG B 340 -27.07 18.90 0.58
N LYS B 341 -26.67 18.58 -0.65
CA LYS B 341 -26.17 17.23 -0.92
C LYS B 341 -24.88 16.96 -0.16
N LEU B 342 -24.01 17.97 -0.04
CA LEU B 342 -22.79 17.80 0.74
C LEU B 342 -23.11 17.59 2.23
N LEU B 343 -24.10 18.32 2.75
CA LEU B 343 -24.52 18.11 4.14
C LEU B 343 -25.08 16.70 4.33
N GLU B 344 -25.88 16.23 3.38
CA GLU B 344 -26.42 14.88 3.47
C GLU B 344 -25.31 13.85 3.39
N LYS B 345 -24.29 14.10 2.56
CA LYS B 345 -23.14 13.20 2.51
C LYS B 345 -22.39 13.20 3.84
N LEU B 346 -22.25 14.35 4.48
CA LEU B 346 -21.63 14.41 5.79
C LEU B 346 -22.42 13.59 6.80
N ALA B 347 -23.75 13.74 6.78
CA ALA B 347 -24.59 12.99 7.72
C ALA B 347 -24.51 11.49 7.47
N MET B 348 -24.52 11.08 6.20
CA MET B 348 -24.41 9.66 5.87
C MET B 348 -23.05 9.10 6.31
N LEU B 349 -21.98 9.86 6.07
CA LEU B 349 -20.65 9.41 6.48
C LEU B 349 -20.55 9.28 7.99
N ARG B 350 -21.12 10.24 8.71
CA ARG B 350 -21.09 10.17 10.18
C ARG B 350 -21.94 9.02 10.70
N SER B 351 -23.06 8.72 10.03
CA SER B 351 -23.84 7.55 10.42
C SER B 351 -23.07 6.26 10.17
N GLU B 352 -22.38 6.17 9.04
CA GLU B 352 -21.68 4.93 8.71
C GLU B 352 -20.43 4.72 9.57
N SER B 353 -19.62 5.76 9.76
CA SER B 353 -18.33 5.60 10.40
C SER B 353 -18.02 6.61 11.50
N GLY B 354 -18.91 7.58 11.75
CA GLY B 354 -18.65 8.59 12.75
C GLY B 354 -17.79 9.74 12.28
N TYR B 355 -17.34 9.74 11.04
CA TYR B 355 -16.54 10.78 10.44
C TYR B 355 -17.35 11.53 9.39
N PRO B 356 -16.99 12.79 9.09
CA PRO B 356 -15.90 13.60 9.63
C PRO B 356 -16.20 14.31 10.94
N TYR B 357 -15.17 14.81 11.59
CA TYR B 357 -15.37 15.82 12.62
C TYR B 357 -15.90 17.09 11.95
N ILE B 358 -16.81 17.77 12.64
CA ILE B 358 -17.43 18.99 12.12
C ILE B 358 -16.93 20.15 12.95
N MET B 359 -16.30 21.12 12.30
CA MET B 359 -15.83 22.34 12.94
C MET B 359 -16.56 23.52 12.31
N PHE B 360 -17.42 24.17 13.09
CA PHE B 360 -18.14 25.35 12.62
C PHE B 360 -17.20 26.54 12.80
N GLN B 361 -16.53 26.93 11.71
CA GLN B 361 -15.44 27.90 11.78
C GLN B 361 -15.92 29.24 12.33
N ASP B 362 -17.08 29.71 11.87
CA ASP B 362 -17.57 31.01 12.33
C ASP B 362 -17.98 30.96 13.79
N ASN B 363 -18.53 29.84 14.25
CA ASN B 363 -18.84 29.70 15.68
C ASN B 363 -17.57 29.76 16.51
N VAL B 364 -16.47 29.21 16.01
CA VAL B 364 -15.20 29.28 16.72
C VAL B 364 -14.66 30.70 16.73
N ASN B 365 -14.73 31.39 15.59
CA ASN B 365 -14.03 32.66 15.43
C ASN B 365 -14.86 33.88 15.84
N LYS B 366 -16.16 33.72 16.08
CA LYS B 366 -16.94 34.85 16.57
C LYS B 366 -16.67 35.16 18.04
N VAL B 367 -16.15 34.19 18.78
CA VAL B 367 -15.75 34.38 20.17
C VAL B 367 -14.27 34.11 20.39
N HIS B 368 -13.52 33.82 19.33
CA HIS B 368 -12.09 33.58 19.45
C HIS B 368 -11.39 34.86 19.89
N ALA B 369 -10.58 34.75 20.94
CA ALA B 369 -9.93 35.91 21.53
C ALA B 369 -8.64 36.31 20.84
N ASN B 370 -8.11 35.48 19.95
CA ASN B 370 -6.82 35.72 19.32
C ASN B 370 -6.94 35.70 17.80
N ASN B 371 -8.01 36.31 17.27
CA ASN B 371 -8.17 36.42 15.82
C ASN B 371 -7.09 37.28 15.19
N HIS B 372 -6.50 38.20 15.94
CA HIS B 372 -5.42 39.02 15.40
C HIS B 372 -4.20 38.18 15.02
N ILE B 373 -3.85 37.22 15.86
CA ILE B 373 -2.75 36.31 15.53
C ILE B 373 -3.11 35.48 14.31
N SER B 374 -4.28 34.86 14.34
CA SER B 374 -4.79 34.04 13.25
C SER B 374 -6.20 33.57 13.59
N LYS B 375 -7.00 33.29 12.57
CA LYS B 375 -8.28 32.62 12.81
C LYS B 375 -8.06 31.13 13.01
N VAL B 376 -8.95 30.51 13.77
CA VAL B 376 -8.90 29.07 13.97
C VAL B 376 -9.42 28.40 12.71
N LYS B 377 -8.54 27.65 12.03
CA LYS B 377 -8.90 27.04 10.76
C LYS B 377 -9.14 25.55 10.85
N PHE B 378 -8.76 24.90 11.95
CA PHE B 378 -8.97 23.47 12.12
C PHE B 378 -8.87 23.14 13.60
N SER B 379 -9.17 21.89 13.93
CA SER B 379 -9.16 21.41 15.31
C SER B 379 -8.19 20.24 15.43
N ASN B 380 -8.16 19.63 16.61
CA ASN B 380 -7.25 18.55 16.91
C ASN B 380 -7.90 17.20 16.63
N LEU B 381 -7.24 16.11 17.03
CA LEU B 381 -7.75 14.77 16.80
C LEU B 381 -9.03 14.51 17.59
N CYS B 382 -9.23 15.19 18.71
CA CYS B 382 -10.45 15.07 19.49
C CYS B 382 -11.41 16.23 19.28
N SER B 383 -11.09 17.16 18.37
CA SER B 383 -11.96 18.25 17.97
C SER B 383 -12.41 19.10 19.17
N GLU B 384 -11.47 19.39 20.06
CA GLU B 384 -11.72 20.32 21.16
C GLU B 384 -10.69 21.43 21.28
N VAL B 385 -9.56 21.32 20.60
CA VAL B 385 -8.54 22.37 20.61
C VAL B 385 -8.82 23.30 19.44
N LEU B 386 -9.05 24.58 19.75
CA LEU B 386 -9.38 25.59 18.75
C LEU B 386 -8.54 26.83 19.04
N GLN B 387 -7.38 26.91 18.38
CA GLN B 387 -6.41 27.96 18.65
C GLN B 387 -5.90 28.54 17.34
N ALA B 388 -5.36 29.75 17.43
CA ALA B 388 -4.75 30.39 16.28
C ALA B 388 -3.48 29.65 15.86
N SER B 389 -3.32 29.48 14.55
CA SER B 389 -2.13 28.83 14.01
C SER B 389 -1.66 29.59 12.78
N GLN B 390 -0.35 29.75 12.67
CA GLN B 390 0.28 30.35 11.50
C GLN B 390 1.08 29.29 10.77
N VAL B 391 0.86 29.17 9.47
CA VAL B 391 1.53 28.13 8.69
C VAL B 391 3.02 28.44 8.61
N SER B 392 3.83 27.38 8.52
CA SER B 392 5.28 27.51 8.41
C SER B 392 5.70 27.37 6.96
N SER B 393 6.75 28.09 6.60
CA SER B 393 7.33 28.02 5.27
C SER B 393 8.63 27.22 5.37
N TYR B 394 8.50 25.91 5.21
CA TYR B 394 9.67 25.03 5.20
C TYR B 394 10.28 25.07 3.80
N THR B 395 11.46 25.67 3.69
CA THR B 395 12.09 25.92 2.41
C THR B 395 13.02 24.77 2.05
N ASP B 396 13.80 24.95 0.98
CA ASP B 396 14.74 23.94 0.56
C ASP B 396 15.87 23.78 1.57
N TYR B 397 16.61 22.69 1.42
CA TYR B 397 17.79 22.49 2.25
C TYR B 397 18.81 23.60 1.97
N ASP B 398 19.56 23.96 3.02
CA ASP B 398 20.51 25.08 3.03
C ASP B 398 19.82 26.43 2.93
N GLU B 399 18.49 26.47 3.08
CA GLU B 399 17.73 27.71 3.12
C GLU B 399 17.01 27.80 4.45
N GLU B 400 16.95 29.01 5.00
CA GLU B 400 16.29 29.22 6.29
C GLU B 400 14.79 29.03 6.15
N ASP B 401 14.18 28.32 7.09
CA ASP B 401 12.75 28.09 7.10
C ASP B 401 12.05 29.17 7.91
N GLU B 402 10.89 29.60 7.43
CA GLU B 402 10.04 30.54 8.16
C GLU B 402 9.13 29.72 9.07
N ILE B 403 9.45 29.72 10.37
CA ILE B 403 8.75 28.88 11.33
C ILE B 403 7.50 29.62 11.80
N GLY B 404 6.36 28.98 11.64
CA GLY B 404 5.09 29.53 12.07
C GLY B 404 4.68 29.05 13.45
N LEU B 405 3.38 28.94 13.67
CA LEU B 405 2.83 28.51 14.95
C LEU B 405 1.98 27.27 14.72
N ASP B 406 2.37 26.16 15.32
CA ASP B 406 1.62 24.91 15.29
C ASP B 406 1.04 24.64 16.66
N ILE B 407 -0.27 24.45 16.72
CA ILE B 407 -0.98 24.41 17.99
C ILE B 407 -0.54 23.20 18.81
N SER B 408 -0.44 23.40 20.12
CA SER B 408 -0.16 22.33 21.07
C SER B 408 -0.53 22.84 22.46
N CYS B 409 -1.37 22.09 23.17
CA CYS B 409 -1.78 22.47 24.52
C CYS B 409 -1.75 21.24 25.42
N ASN B 410 -1.60 21.51 26.71
CA ASN B 410 -1.55 20.47 27.74
C ASN B 410 -2.92 20.32 28.36
N LEU B 411 -3.36 19.07 28.51
CA LEU B 411 -4.70 18.77 28.98
C LEU B 411 -4.70 18.49 30.48
N GLY B 412 -5.80 18.88 31.12
CA GLY B 412 -6.03 18.59 32.52
C GLY B 412 -7.50 18.79 32.84
N SER B 413 -8.10 17.88 33.57
CA SER B 413 -9.55 17.90 33.77
C SER B 413 -9.89 18.09 35.24
N LEU B 414 -10.85 18.97 35.50
CA LEU B 414 -11.44 19.10 36.82
C LEU B 414 -12.51 18.04 37.01
N ASN B 415 -12.50 17.39 38.16
CA ASN B 415 -13.57 16.47 38.52
C ASN B 415 -14.67 17.29 39.17
N ILE B 416 -15.77 17.50 38.44
CA ILE B 416 -16.80 18.44 38.88
C ILE B 416 -17.40 18.00 40.22
N LEU B 417 -17.66 16.70 40.37
CA LEU B 417 -18.24 16.21 41.62
C LEU B 417 -17.31 16.46 42.79
N ASN B 418 -16.03 16.13 42.64
CA ASN B 418 -15.07 16.31 43.73
C ASN B 418 -14.77 17.79 43.97
N VAL B 419 -14.72 18.59 42.90
CA VAL B 419 -14.45 20.02 43.04
C VAL B 419 -15.58 20.70 43.80
N MET B 420 -16.83 20.39 43.44
CA MET B 420 -17.96 21.02 44.10
C MET B 420 -18.22 20.46 45.48
N GLU B 421 -17.91 19.17 45.70
CA GLU B 421 -18.04 18.61 47.04
C GLU B 421 -17.09 19.29 48.02
N HIS B 422 -15.86 19.58 47.56
CA HIS B 422 -14.88 20.28 48.38
C HIS B 422 -15.06 21.79 48.37
N LYS B 423 -16.02 22.30 47.58
CA LYS B 423 -16.29 23.74 47.50
C LYS B 423 -15.01 24.51 47.16
N SER B 424 -14.25 24.00 46.20
CA SER B 424 -12.92 24.51 45.88
C SER B 424 -12.75 24.70 44.39
N ILE B 425 -13.71 25.37 43.75
CA ILE B 425 -13.57 25.70 42.33
C ILE B 425 -12.35 26.59 42.13
N GLU B 426 -12.22 27.64 42.94
CA GLU B 426 -11.14 28.60 42.76
C GLU B 426 -9.77 27.94 42.96
N LYS B 427 -9.58 27.26 44.09
CA LYS B 427 -8.28 26.67 44.39
C LYS B 427 -7.91 25.60 43.37
N THR B 428 -8.87 24.74 43.02
CA THR B 428 -8.59 23.69 42.05
C THR B 428 -8.24 24.27 40.69
N VAL B 429 -9.00 25.29 40.25
CA VAL B 429 -8.73 25.89 38.95
C VAL B 429 -7.36 26.53 38.92
N LYS B 430 -7.00 27.28 39.98
CA LYS B 430 -5.70 27.94 40.00
C LYS B 430 -4.56 26.93 40.04
N LEU B 431 -4.69 25.88 40.86
CA LEU B 431 -3.63 24.88 40.94
C LEU B 431 -3.50 24.11 39.63
N ALA B 432 -4.63 23.79 38.99
CA ALA B 432 -4.58 23.11 37.70
C ALA B 432 -3.95 24.00 36.63
N THR B 433 -4.25 25.30 36.66
CA THR B 433 -3.61 26.23 35.73
C THR B 433 -2.12 26.28 35.95
N ASP B 434 -1.69 26.29 37.22
CA ASP B 434 -0.26 26.28 37.51
C ASP B 434 0.40 25.00 37.02
N SER B 435 -0.25 23.85 37.24
CA SER B 435 0.31 22.59 36.77
C SER B 435 0.41 22.53 35.26
N LEU B 436 -0.61 23.02 34.55
CA LEU B 436 -0.57 23.04 33.10
C LEU B 436 0.47 24.02 32.59
N THR B 437 0.65 25.14 33.27
CA THR B 437 1.71 26.08 32.92
C THR B 437 3.08 25.43 33.09
N HIS B 438 3.26 24.67 34.18
CA HIS B 438 4.52 23.95 34.37
C HIS B 438 4.74 22.92 33.26
N VAL B 439 3.70 22.18 32.89
CA VAL B 439 3.83 21.19 31.84
C VAL B 439 4.20 21.85 30.52
N SER B 440 3.60 23.00 30.22
CA SER B 440 3.98 23.73 29.02
C SER B 440 5.43 24.21 29.09
N GLU B 441 5.85 24.71 30.25
CA GLU B 441 7.19 25.27 30.37
C GLU B 441 8.27 24.19 30.23
N THR B 442 8.04 23.01 30.79
CA THR B 442 9.02 21.93 30.71
C THR B 442 8.90 21.12 29.42
N THR B 443 7.97 21.47 28.53
CA THR B 443 7.85 20.80 27.25
C THR B 443 8.79 21.47 26.23
N ASP B 444 9.66 20.66 25.62
CA ASP B 444 10.57 21.14 24.60
C ASP B 444 10.73 20.05 23.56
N ILE B 445 10.13 20.25 22.39
CA ILE B 445 10.15 19.27 21.31
C ILE B 445 11.17 19.70 20.27
N ARG B 446 12.17 18.86 20.04
CA ARG B 446 13.33 19.23 19.24
C ARG B 446 13.18 18.88 17.76
N ASN B 447 12.05 18.28 17.36
CA ASN B 447 11.84 17.91 15.97
C ASN B 447 10.61 18.56 15.36
N ALA B 448 9.84 19.33 16.14
CA ALA B 448 8.72 20.11 15.64
C ALA B 448 8.99 21.57 15.95
N PRO B 449 9.52 22.33 15.00
CA PRO B 449 9.92 23.72 15.32
C PRO B 449 8.73 24.64 15.54
N ALA B 450 7.69 24.52 14.70
CA ALA B 450 6.51 25.35 14.87
C ALA B 450 5.79 25.02 16.17
N VAL B 451 5.74 23.73 16.53
CA VAL B 451 5.13 23.34 17.81
C VAL B 451 5.92 23.93 18.97
N ARG B 452 7.25 23.87 18.91
CA ARG B 452 8.07 24.43 19.98
C ARG B 452 7.87 25.95 20.10
N ARG B 453 7.89 26.64 18.96
CA ARG B 453 7.71 28.09 18.98
C ARG B 453 6.34 28.48 19.50
N ALA B 454 5.30 27.75 19.09
CA ALA B 454 3.96 28.04 19.56
C ALA B 454 3.80 27.74 21.05
N ASN B 455 4.44 26.67 21.53
CA ASN B 455 4.41 26.39 22.96
C ASN B 455 5.10 27.50 23.74
N LYS B 456 6.23 28.00 23.23
CA LYS B 456 6.95 29.04 23.93
C LYS B 456 6.22 30.38 23.89
N ALA B 457 5.51 30.67 22.80
CA ALA B 457 4.89 31.97 22.61
C ALA B 457 3.45 32.02 23.12
N MET B 458 2.60 31.14 22.60
CA MET B 458 1.19 31.11 22.98
C MET B 458 1.03 30.77 24.46
N LYS B 459 1.82 29.83 24.97
CA LYS B 459 1.70 29.33 26.34
C LYS B 459 0.30 28.77 26.58
N SER B 460 -0.29 28.18 25.56
CA SER B 460 -1.66 27.70 25.63
C SER B 460 -1.75 26.42 26.46
N ILE B 461 -2.78 26.35 27.30
CA ILE B 461 -3.06 25.18 28.11
C ILE B 461 -4.52 24.80 27.91
N GLY B 462 -4.85 23.56 28.22
CA GLY B 462 -6.23 23.12 28.18
C GLY B 462 -6.70 22.57 29.52
N LEU B 463 -7.59 23.29 30.17
CA LEU B 463 -8.15 22.85 31.45
C LEU B 463 -9.58 22.38 31.20
N GLY B 464 -9.78 21.07 31.24
CA GLY B 464 -11.07 20.47 30.98
C GLY B 464 -11.85 20.20 32.26
N ALA B 465 -12.92 19.43 32.09
CA ALA B 465 -13.77 19.04 33.22
C ALA B 465 -14.35 17.66 32.94
N MET B 466 -14.51 16.88 34.01
CA MET B 466 -15.11 15.56 33.93
C MET B 466 -16.17 15.44 35.01
N ASN B 467 -16.98 14.38 34.91
CA ASN B 467 -17.99 14.04 35.91
C ASN B 467 -19.09 15.10 36.00
N LEU B 468 -19.44 15.71 34.87
CA LEU B 468 -20.61 16.58 34.85
C LEU B 468 -21.89 15.77 35.04
N HIS B 469 -22.05 14.71 34.25
CA HIS B 469 -23.23 13.87 34.36
C HIS B 469 -23.25 13.12 35.69
N GLY B 470 -22.08 12.69 36.17
CA GLY B 470 -22.02 12.04 37.47
C GLY B 470 -22.48 12.96 38.58
N TYR B 471 -22.00 14.21 38.57
CA TYR B 471 -22.42 15.16 39.59
C TYR B 471 -23.92 15.46 39.49
N LEU B 472 -24.43 15.62 38.25
CA LEU B 472 -25.84 15.94 38.09
C LEU B 472 -26.73 14.78 38.52
N ALA B 473 -26.35 13.55 38.16
CA ALA B 473 -27.17 12.39 38.52
C ALA B 473 -27.10 12.08 40.00
N GLN B 474 -25.92 12.25 40.60
CA GLN B 474 -25.77 12.02 42.04
C GLN B 474 -26.40 13.12 42.88
N ASN B 475 -26.80 14.23 42.27
CA ASN B 475 -27.49 15.32 42.97
C ASN B 475 -28.95 15.43 42.55
N GLY B 476 -29.48 14.43 41.86
CA GLY B 476 -30.87 14.45 41.45
C GLY B 476 -31.23 15.50 40.44
N ILE B 477 -30.36 15.73 39.45
CA ILE B 477 -30.62 16.70 38.38
C ILE B 477 -30.52 15.96 37.05
N ALA B 478 -31.58 16.04 36.25
CA ALA B 478 -31.56 15.44 34.93
C ALA B 478 -30.61 16.21 34.02
N TYR B 479 -29.79 15.47 33.26
CA TYR B 479 -28.79 16.11 32.40
C TYR B 479 -29.44 17.03 31.37
N GLU B 480 -30.64 16.68 30.90
CA GLU B 480 -31.34 17.50 29.92
C GLU B 480 -32.15 18.61 30.55
N SER B 481 -32.26 18.64 31.88
CA SER B 481 -33.11 19.62 32.53
C SER B 481 -32.49 21.02 32.43
N PRO B 482 -33.32 22.07 32.46
CA PRO B 482 -32.77 23.43 32.53
C PRO B 482 -31.94 23.68 33.78
N GLU B 483 -32.21 22.97 34.88
CA GLU B 483 -31.40 23.12 36.08
C GLU B 483 -29.97 22.66 35.84
N ALA B 484 -29.80 21.58 35.09
CA ALA B 484 -28.46 21.11 34.75
C ALA B 484 -27.71 22.13 33.91
N ARG B 485 -28.39 22.75 32.93
CA ARG B 485 -27.74 23.77 32.13
C ARG B 485 -27.42 25.01 32.96
N ASP B 486 -28.28 25.35 33.92
CA ASP B 486 -27.98 26.45 34.84
C ASP B 486 -26.74 26.16 35.67
N PHE B 487 -26.64 24.92 36.18
CA PHE B 487 -25.45 24.54 36.93
C PHE B 487 -24.21 24.60 36.05
N ALA B 488 -24.30 24.10 34.82
CA ALA B 488 -23.15 24.14 33.93
C ALA B 488 -22.74 25.59 33.65
N ASN B 489 -23.72 26.46 33.40
CA ASN B 489 -23.43 27.87 33.16
C ASN B 489 -22.67 28.48 34.34
N THR B 490 -23.20 28.29 35.55
CA THR B 490 -22.55 28.90 36.72
C THR B 490 -21.18 28.30 36.97
N PHE B 491 -21.07 26.97 36.94
CA PHE B 491 -19.82 26.30 37.26
C PHE B 491 -18.73 26.67 36.26
N PHE B 492 -19.05 26.68 34.97
CA PHE B 492 -18.03 26.98 33.98
C PHE B 492 -17.76 28.47 33.87
N MET B 493 -18.70 29.33 34.24
CA MET B 493 -18.36 30.75 34.40
C MET B 493 -17.37 30.93 35.54
N MET B 494 -17.57 30.21 36.66
CA MET B 494 -16.61 30.25 37.76
C MET B 494 -15.25 29.73 37.31
N VAL B 495 -15.23 28.63 36.56
CA VAL B 495 -13.97 28.06 36.07
C VAL B 495 -13.26 29.05 35.17
N ASN B 496 -13.99 29.69 34.25
CA ASN B 496 -13.40 30.67 33.36
C ASN B 496 -12.88 31.88 34.15
N PHE B 497 -13.64 32.34 35.13
CA PHE B 497 -13.23 33.48 35.94
C PHE B 497 -11.92 33.19 36.66
N TYR B 498 -11.84 32.04 37.31
CA TYR B 498 -10.64 31.73 38.08
C TYR B 498 -9.47 31.35 37.20
N SER B 499 -9.73 30.79 36.01
CA SER B 499 -8.66 30.53 35.07
C SER B 499 -8.07 31.83 34.53
N ILE B 500 -8.93 32.79 34.20
CA ILE B 500 -8.45 34.10 33.75
C ILE B 500 -7.70 34.79 34.88
N GLN B 501 -8.21 34.69 36.11
CA GLN B 501 -7.52 35.29 37.25
C GLN B 501 -6.14 34.68 37.45
N ARG B 502 -6.04 33.36 37.38
CA ARG B 502 -4.74 32.71 37.54
C ARG B 502 -3.80 33.06 36.39
N SER B 503 -4.32 33.13 35.17
CA SER B 503 -3.48 33.51 34.03
C SER B 503 -2.93 34.92 34.21
N ALA B 504 -3.78 35.85 34.64
CA ALA B 504 -3.33 37.21 34.88
C ALA B 504 -2.35 37.29 36.04
N GLU B 505 -2.57 36.49 37.08
CA GLU B 505 -1.64 36.47 38.20
C GLU B 505 -0.27 35.91 37.80
N ILE B 506 -0.26 34.88 36.96
CA ILE B 506 1.00 34.34 36.45
C ILE B 506 1.69 35.38 35.57
N ALA B 507 0.93 36.08 34.74
CA ALA B 507 1.52 37.14 33.91
C ALA B 507 2.12 38.24 34.78
N LYS B 508 1.44 38.59 35.87
CA LYS B 508 1.96 39.60 36.80
C LYS B 508 3.22 39.12 37.50
N GLU B 509 3.22 37.88 37.97
CA GLU B 509 4.36 37.37 38.74
C GLU B 509 5.57 37.11 37.85
N LYS B 510 5.36 36.83 36.56
CA LYS B 510 6.45 36.62 35.63
C LYS B 510 6.75 37.83 34.77
N GLY B 511 5.91 38.86 34.82
CA GLY B 511 6.14 40.05 34.02
C GLY B 511 6.01 39.86 32.53
N GLU B 512 5.46 38.73 32.08
CA GLU B 512 5.33 38.44 30.67
C GLU B 512 3.95 37.88 30.38
N THR B 513 3.42 38.25 29.21
CA THR B 513 2.16 37.71 28.68
C THR B 513 2.48 36.79 27.52
N PHE B 514 1.44 36.21 26.93
CA PHE B 514 1.66 35.42 25.73
C PHE B 514 1.90 36.34 24.54
N ASP B 515 2.54 35.79 23.52
CA ASP B 515 2.92 36.60 22.37
C ASP B 515 1.69 37.16 21.67
N GLN B 516 1.79 38.43 21.28
CA GLN B 516 0.70 39.15 20.61
C GLN B 516 -0.56 39.23 21.47
N TYR B 517 -0.39 39.30 22.80
CA TYR B 517 -1.55 39.45 23.66
C TYR B 517 -2.20 40.81 23.49
N GLU B 518 -1.43 41.83 23.11
CA GLU B 518 -1.94 43.20 23.06
C GLU B 518 -3.08 43.35 22.05
N GLY B 519 -3.05 42.58 20.97
CA GLY B 519 -4.12 42.60 20.00
C GLY B 519 -5.30 41.73 20.31
N SER B 520 -5.22 40.94 21.39
CA SER B 520 -6.29 40.02 21.74
C SER B 520 -7.47 40.75 22.37
N THR B 521 -8.61 40.06 22.41
CA THR B 521 -9.79 40.62 23.06
C THR B 521 -9.64 40.68 24.57
N TYR B 522 -8.69 39.94 25.14
CA TYR B 522 -8.38 40.09 26.55
C TYR B 522 -7.79 41.46 26.85
N ALA B 523 -6.90 41.93 25.98
CA ALA B 523 -6.26 43.23 26.20
C ALA B 523 -7.23 44.38 25.97
N THR B 524 -8.09 44.26 24.96
CA THR B 524 -9.04 45.32 24.64
C THR B 524 -10.25 45.32 25.55
N GLY B 525 -10.45 44.27 26.35
CA GLY B 525 -11.59 44.18 27.23
C GLY B 525 -12.86 43.68 26.59
N GLU B 526 -12.84 43.38 25.28
CA GLU B 526 -14.03 42.89 24.61
C GLU B 526 -14.44 41.52 25.14
N TYR B 527 -13.46 40.67 25.46
CA TYR B 527 -13.75 39.32 25.92
C TYR B 527 -14.65 39.32 27.15
N PHE B 528 -14.51 40.32 28.01
CA PHE B 528 -15.26 40.39 29.25
C PHE B 528 -16.63 41.03 29.09
N ASP B 529 -17.01 41.41 27.86
CA ASP B 529 -18.27 42.13 27.64
C ASP B 529 -19.45 41.38 28.25
N LYS B 530 -19.71 40.16 27.77
CA LYS B 530 -20.83 39.39 28.29
C LYS B 530 -20.69 39.08 29.77
N TYR B 531 -19.46 39.18 30.30
CA TYR B 531 -19.25 38.92 31.72
C TYR B 531 -19.43 40.18 32.58
N VAL B 532 -19.40 41.37 31.98
CA VAL B 532 -19.59 42.60 32.74
C VAL B 532 -20.99 43.17 32.54
N SER B 533 -21.87 42.47 31.85
CA SER B 533 -23.22 42.96 31.60
C SER B 533 -24.26 41.90 31.96
N THR B 534 -23.87 40.63 31.90
CA THR B 534 -24.76 39.51 32.19
C THR B 534 -24.32 38.80 33.46
N ASP B 535 -25.28 38.48 34.31
CA ASP B 535 -25.01 37.76 35.55
C ASP B 535 -25.22 36.27 35.32
N PHE B 536 -24.22 35.47 35.71
CA PHE B 536 -24.25 34.03 35.51
C PHE B 536 -24.47 33.26 36.80
N SER B 537 -25.01 33.92 37.82
CA SER B 537 -25.39 33.23 39.04
C SER B 537 -26.56 32.28 38.75
N PRO B 538 -26.69 31.19 39.52
CA PRO B 538 -27.75 30.23 39.26
C PRO B 538 -29.14 30.87 39.35
N LYS B 539 -30.01 30.50 38.41
CA LYS B 539 -31.38 30.97 38.38
C LYS B 539 -32.32 30.06 39.17
N TYR B 540 -31.86 28.89 39.58
CA TYR B 540 -32.68 27.94 40.33
C TYR B 540 -32.15 27.82 41.75
N GLU B 541 -33.07 27.66 42.70
CA GLU B 541 -32.69 27.60 44.10
C GLU B 541 -31.84 26.36 44.39
N LYS B 542 -32.15 25.24 43.74
CA LYS B 542 -31.38 24.02 43.96
C LYS B 542 -29.92 24.20 43.54
N ILE B 543 -29.70 24.83 42.39
CA ILE B 543 -28.33 25.07 41.92
C ILE B 543 -27.61 26.04 42.84
N ALA B 544 -28.31 27.09 43.30
CA ALA B 544 -27.71 28.03 44.23
C ALA B 544 -27.30 27.35 45.52
N ASN B 545 -28.14 26.44 46.03
CA ASN B 545 -27.78 25.66 47.20
C ASN B 545 -26.58 24.76 46.91
N LEU B 546 -26.53 24.18 45.71
CA LEU B 546 -25.36 23.41 45.30
C LEU B 546 -24.09 24.25 45.33
N PHE B 547 -24.19 25.53 45.01
CA PHE B 547 -23.05 26.44 45.01
C PHE B 547 -22.86 27.16 46.33
N GLU B 548 -23.54 26.73 47.39
CA GLU B 548 -23.38 27.38 48.69
C GLU B 548 -21.99 27.13 49.26
N GLY B 549 -21.50 28.09 50.03
CA GLY B 549 -20.15 28.03 50.56
C GLY B 549 -19.08 28.48 49.58
N MET B 550 -19.47 28.94 48.40
CA MET B 550 -18.53 29.37 47.37
C MET B 550 -18.97 30.71 46.81
N HIS B 551 -18.04 31.63 46.64
CA HIS B 551 -18.34 32.97 46.16
C HIS B 551 -18.49 32.94 44.65
N ILE B 552 -19.72 32.99 44.17
CA ILE B 552 -20.01 33.02 42.74
C ILE B 552 -19.67 34.41 42.21
N PRO B 553 -18.77 34.54 41.24
CA PRO B 553 -18.41 35.87 40.74
C PRO B 553 -19.60 36.57 40.11
N THR B 554 -19.72 37.86 40.41
CA THR B 554 -20.77 38.70 39.85
C THR B 554 -20.18 39.60 38.76
N THR B 555 -20.99 40.52 38.26
CA THR B 555 -20.50 41.45 37.25
C THR B 555 -19.42 42.37 37.82
N GLU B 556 -19.48 42.68 39.11
CA GLU B 556 -18.44 43.51 39.73
C GLU B 556 -17.11 42.77 39.82
N ASP B 557 -17.15 41.49 40.21
CA ASP B 557 -15.93 40.70 40.23
C ASP B 557 -15.35 40.55 38.83
N TRP B 558 -16.22 40.39 37.82
CA TRP B 558 -15.74 40.30 36.46
C TRP B 558 -15.15 41.62 35.98
N LYS B 559 -15.72 42.75 36.40
CA LYS B 559 -15.15 44.05 36.06
C LYS B 559 -13.78 44.22 36.71
N LYS B 560 -13.64 43.80 37.97
CA LYS B 560 -12.34 43.85 38.64
C LYS B 560 -11.33 42.97 37.93
N LEU B 561 -11.76 41.78 37.51
CA LEU B 561 -10.87 40.89 36.78
C LEU B 561 -10.47 41.47 35.42
N LYS B 562 -11.42 42.13 34.76
CA LYS B 562 -11.11 42.79 33.49
C LYS B 562 -10.08 43.89 33.67
N ALA B 563 -10.23 44.69 34.73
CA ALA B 563 -9.23 45.72 35.04
C ALA B 563 -7.88 45.09 35.37
N PHE B 564 -7.88 44.00 36.12
CA PHE B 564 -6.64 43.32 36.47
C PHE B 564 -5.94 42.78 35.22
N VAL B 565 -6.71 42.22 34.29
CA VAL B 565 -6.13 41.72 33.05
C VAL B 565 -5.58 42.87 32.21
N ALA B 566 -6.33 43.98 32.14
CA ALA B 566 -5.85 45.14 31.40
C ALA B 566 -4.55 45.66 31.98
N GLU B 567 -4.41 45.63 33.31
CA GLU B 567 -3.19 46.12 33.94
C GLU B 567 -2.03 45.16 33.75
N HIS B 568 -2.27 43.85 33.90
CA HIS B 568 -1.19 42.87 33.95
C HIS B 568 -1.12 41.95 32.74
N GLY B 569 -2.20 41.79 31.99
CA GLY B 569 -2.20 40.89 30.86
C GLY B 569 -2.53 39.46 31.28
N MET B 570 -2.44 38.56 30.30
CA MET B 570 -2.71 37.15 30.52
C MET B 570 -1.50 36.33 30.07
N TYR B 571 -1.12 35.35 30.89
CA TYR B 571 0.02 34.50 30.55
C TYR B 571 -0.32 33.48 29.47
N HIS B 572 -1.57 33.03 29.41
CA HIS B 572 -1.97 31.96 28.51
C HIS B 572 -2.90 32.51 27.43
N SER B 573 -2.57 32.22 26.17
CA SER B 573 -3.47 32.58 25.07
C SER B 573 -4.77 31.79 25.16
N TYR B 574 -4.68 30.51 25.54
CA TYR B 574 -5.84 29.65 25.68
C TYR B 574 -5.71 28.88 26.98
N ARG B 575 -6.82 28.72 27.69
CA ARG B 575 -6.79 28.15 29.03
C ARG B 575 -7.69 26.92 29.18
N LEU B 576 -8.89 26.94 28.62
CA LEU B 576 -9.89 25.90 28.86
C LEU B 576 -10.20 25.17 27.56
N CYS B 577 -10.05 23.85 27.60
CA CYS B 577 -10.51 22.98 26.52
C CYS B 577 -10.94 21.67 27.16
N ILE B 578 -12.13 21.19 26.78
CA ILE B 578 -12.74 20.02 27.40
C ILE B 578 -12.47 18.83 26.50
N ALA B 579 -11.46 18.05 26.85
CA ALA B 579 -11.08 16.84 26.13
C ALA B 579 -12.04 15.70 26.45
N PRO B 580 -12.05 14.65 25.62
CA PRO B 580 -12.93 13.50 25.92
C PRO B 580 -12.62 12.81 27.23
N THR B 581 -11.35 12.78 27.67
CA THR B 581 -10.94 12.12 28.92
C THR B 581 -11.43 10.68 28.97
N GLY B 582 -10.90 9.88 28.04
CA GLY B 582 -11.37 8.54 27.83
C GLY B 582 -11.12 7.56 28.97
N SER B 583 -9.85 7.23 29.22
CA SER B 583 -9.52 6.17 30.17
C SER B 583 -9.15 6.69 31.56
N ILE B 584 -8.68 7.94 31.67
CA ILE B 584 -8.35 8.48 32.98
C ILE B 584 -9.60 8.80 33.78
N SER B 585 -10.77 8.84 33.14
CA SER B 585 -12.01 9.04 33.89
C SER B 585 -12.35 7.82 34.74
N TYR B 586 -11.86 6.65 34.35
CA TYR B 586 -12.07 5.44 35.15
C TYR B 586 -11.38 5.57 36.50
N VAL B 587 -10.12 6.03 36.51
CA VAL B 587 -9.35 6.12 37.75
C VAL B 587 -9.97 7.12 38.70
N GLN B 588 -10.51 8.21 38.18
CA GLN B 588 -11.12 9.24 39.00
C GLN B 588 -12.53 8.91 39.44
N SER B 589 -13.08 7.77 39.01
CA SER B 589 -14.45 7.40 39.28
C SER B 589 -15.40 8.51 38.83
N SER B 590 -15.29 8.84 37.54
CA SER B 590 -15.99 9.98 36.97
C SER B 590 -16.53 9.60 35.60
N THR B 591 -17.63 10.24 35.23
CA THR B 591 -18.14 10.10 33.87
C THR B 591 -17.25 10.85 32.88
N ALA B 592 -17.16 10.32 31.68
CA ALA B 592 -16.21 10.84 30.69
C ALA B 592 -16.61 12.25 30.27
N SER B 593 -15.76 13.21 30.60
CA SER B 593 -15.87 14.60 30.12
C SER B 593 -17.21 15.19 30.58
N VAL B 594 -17.72 16.18 29.85
CA VAL B 594 -19.04 16.73 30.10
C VAL B 594 -20.12 16.02 29.29
N MET B 595 -19.76 14.95 28.59
CA MET B 595 -20.72 14.19 27.83
C MET B 595 -21.61 13.37 28.77
N PRO B 596 -22.85 13.10 28.38
CA PRO B 596 -23.68 12.17 29.15
C PRO B 596 -23.19 10.73 28.96
N ILE B 597 -23.50 9.90 29.95
CA ILE B 597 -23.01 8.53 29.98
C ILE B 597 -23.59 7.75 28.81
N MET B 598 -22.76 6.90 28.20
CA MET B 598 -23.25 6.04 27.13
C MET B 598 -24.14 4.93 27.68
N GLU B 599 -23.76 4.34 28.80
CA GLU B 599 -24.53 3.27 29.41
C GLU B 599 -24.37 3.34 30.92
N ARG B 600 -25.38 2.86 31.63
CA ARG B 600 -25.33 2.88 33.10
C ARG B 600 -24.29 1.90 33.61
N ILE B 601 -24.31 0.67 33.10
CA ILE B 601 -23.29 -0.34 33.41
C ILE B 601 -22.69 -0.80 32.11
N GLU B 602 -21.37 -0.67 31.98
CA GLU B 602 -20.67 -1.04 30.76
C GLU B 602 -19.96 -2.37 30.95
N GLU B 603 -20.16 -3.28 29.99
CA GLU B 603 -19.53 -4.59 30.01
C GLU B 603 -18.32 -4.56 29.09
N ARG B 604 -17.13 -4.69 29.68
CA ARG B 604 -15.88 -4.65 28.94
C ARG B 604 -15.15 -5.98 29.11
N THR B 605 -14.60 -6.49 28.01
CA THR B 605 -13.89 -7.76 28.02
C THR B 605 -12.39 -7.50 28.14
N TYR B 606 -11.78 -8.03 29.20
CA TYR B 606 -10.35 -7.95 29.41
C TYR B 606 -9.78 -9.36 29.51
N GLY B 607 -8.77 -9.66 28.70
CA GLY B 607 -8.27 -11.02 28.63
C GLY B 607 -9.38 -11.96 28.18
N ASN B 608 -9.52 -13.06 28.91
CA ASN B 608 -10.63 -13.99 28.69
C ASN B 608 -11.78 -13.75 29.65
N SER B 609 -11.71 -12.71 30.47
CA SER B 609 -12.74 -12.40 31.45
C SER B 609 -13.54 -11.18 31.01
N LYS B 610 -14.73 -11.04 31.61
CA LYS B 610 -15.59 -9.90 31.37
C LYS B 610 -15.88 -9.19 32.68
N THR B 611 -15.88 -7.87 32.64
CA THR B 611 -16.10 -7.04 33.81
C THR B 611 -17.22 -6.05 33.54
N TYR B 612 -17.92 -5.67 34.60
CA TYR B 612 -19.00 -4.69 34.50
C TYR B 612 -18.65 -3.49 35.35
N TYR B 613 -18.61 -2.31 34.73
CA TYR B 613 -18.35 -1.06 35.42
C TYR B 613 -19.64 -0.27 35.51
N PRO B 614 -20.25 -0.14 36.68
CA PRO B 614 -21.37 0.79 36.84
C PRO B 614 -20.88 2.22 36.83
N MET B 615 -21.76 3.12 36.42
CA MET B 615 -21.43 4.54 36.44
C MET B 615 -21.20 4.99 37.88
N PRO B 616 -20.30 5.93 38.13
CA PRO B 616 -19.96 6.32 39.51
C PRO B 616 -21.16 6.86 40.25
N GLY B 617 -21.49 6.22 41.37
CA GLY B 617 -22.62 6.62 42.17
C GLY B 617 -23.95 6.05 41.71
N LEU B 618 -23.95 5.16 40.73
CA LEU B 618 -25.20 4.56 40.27
C LEU B 618 -25.82 3.72 41.37
N ALA B 619 -27.13 3.87 41.55
CA ALA B 619 -27.87 3.16 42.59
C ALA B 619 -29.33 3.13 42.18
N SER B 620 -30.18 2.64 43.10
CA SER B 620 -31.61 2.57 42.80
C SER B 620 -32.25 3.95 42.78
N ASN B 621 -31.85 4.84 43.69
CA ASN B 621 -32.48 6.14 43.79
C ASN B 621 -32.08 7.08 42.65
N ASN B 622 -30.91 6.87 42.04
CA ASN B 622 -30.45 7.71 40.94
C ASN B 622 -30.28 6.92 39.66
N TRP B 623 -31.03 5.82 39.51
CA TRP B 623 -30.94 5.02 38.29
C TRP B 623 -31.44 5.80 37.09
N PHE B 624 -32.57 6.48 37.22
CA PHE B 624 -33.15 7.21 36.10
C PHE B 624 -32.54 8.58 35.90
N PHE B 625 -31.82 9.11 36.89
CA PHE B 625 -31.03 10.32 36.67
C PHE B 625 -29.78 10.02 35.86
N TYR B 626 -29.30 8.78 35.88
CA TYR B 626 -28.20 8.35 35.02
C TYR B 626 -28.73 7.90 33.66
N LYS B 627 -29.51 8.77 33.02
CA LYS B 627 -30.08 8.47 31.73
C LYS B 627 -28.99 8.27 30.69
N GLU B 628 -29.14 7.23 29.88
CA GLU B 628 -28.15 6.94 28.84
C GLU B 628 -28.21 8.00 27.75
N ALA B 629 -27.05 8.28 27.16
CA ALA B 629 -26.95 9.35 26.19
C ALA B 629 -27.78 9.08 24.95
N TYR B 630 -27.82 7.82 24.51
CA TYR B 630 -28.59 7.48 23.30
C TYR B 630 -30.09 7.71 23.50
N ASP B 631 -30.58 7.54 24.73
CA ASP B 631 -31.98 7.78 25.02
C ASP B 631 -32.31 9.26 25.17
N MET B 632 -31.30 10.13 25.18
CA MET B 632 -31.50 11.55 25.42
C MET B 632 -31.80 12.29 24.13
N ASP B 633 -32.48 13.42 24.25
CA ASP B 633 -32.68 14.32 23.13
C ASP B 633 -31.36 15.02 22.80
N MET B 634 -30.87 14.82 21.58
CA MET B 634 -29.61 15.44 21.19
C MET B 634 -29.70 16.96 21.16
N PHE B 635 -30.90 17.52 21.01
CA PHE B 635 -31.04 18.97 21.01
C PHE B 635 -30.75 19.55 22.40
N LYS B 636 -31.19 18.87 23.45
CA LYS B 636 -30.91 19.33 24.80
C LYS B 636 -29.45 19.11 25.19
N VAL B 637 -28.84 18.04 24.67
CA VAL B 637 -27.40 17.88 24.84
C VAL B 637 -26.64 18.98 24.13
N VAL B 638 -27.11 19.39 22.95
CA VAL B 638 -26.51 20.52 22.25
C VAL B 638 -26.67 21.79 23.07
N ASP B 639 -27.84 21.97 23.69
CA ASP B 639 -28.05 23.13 24.56
C ASP B 639 -27.07 23.13 25.72
N MET B 640 -26.88 21.98 26.36
CA MET B 640 -25.89 21.89 27.43
C MET B 640 -24.49 22.22 26.95
N ILE B 641 -24.10 21.67 25.80
CA ILE B 641 -22.74 21.87 25.31
C ILE B 641 -22.53 23.32 24.92
N ALA B 642 -23.55 23.98 24.37
CA ALA B 642 -23.45 25.40 24.05
C ALA B 642 -23.36 26.24 25.32
N THR B 643 -24.13 25.88 26.35
CA THR B 643 -24.06 26.58 27.62
C THR B 643 -22.66 26.49 28.23
N ILE B 644 -22.05 25.31 28.16
CA ILE B 644 -20.68 25.17 28.63
C ILE B 644 -19.71 25.92 27.73
N GLN B 645 -19.95 25.86 26.42
CA GLN B 645 -19.03 26.41 25.44
C GLN B 645 -18.95 27.93 25.53
N GLN B 646 -20.03 28.58 25.96
CA GLN B 646 -19.99 30.03 26.10
C GLN B 646 -18.94 30.48 27.11
N HIS B 647 -18.50 29.59 28.00
CA HIS B 647 -17.47 29.92 28.99
C HIS B 647 -16.14 29.24 28.70
N ILE B 648 -16.02 28.49 27.62
CA ILE B 648 -14.79 27.80 27.25
C ILE B 648 -14.21 28.49 26.03
N ASP B 649 -12.94 28.92 26.14
CA ASP B 649 -12.31 29.66 25.04
C ASP B 649 -11.97 28.75 23.87
N GLN B 650 -11.53 27.53 24.14
CA GLN B 650 -11.34 26.53 23.11
C GLN B 650 -12.63 25.73 22.97
N GLY B 651 -12.58 24.60 22.26
CA GLY B 651 -13.77 23.81 22.01
C GLY B 651 -14.00 22.72 23.04
N ILE B 652 -15.06 21.96 22.80
CA ILE B 652 -15.45 20.83 23.63
C ILE B 652 -15.63 19.63 22.72
N SER B 653 -15.05 18.49 23.10
CA SER B 653 -15.20 17.27 22.31
C SER B 653 -16.64 16.79 22.47
N PHE B 654 -17.49 17.17 21.52
CA PHE B 654 -18.93 16.91 21.58
C PHE B 654 -19.24 15.71 20.71
N THR B 655 -19.48 14.57 21.35
CA THR B 655 -19.89 13.35 20.66
C THR B 655 -21.40 13.30 20.57
N LEU B 656 -21.91 13.06 19.37
CA LEU B 656 -23.34 12.87 19.17
C LEU B 656 -23.69 11.41 19.41
N PHE B 657 -24.76 11.17 20.15
CA PHE B 657 -25.20 9.82 20.50
C PHE B 657 -26.54 9.58 19.83
N LEU B 658 -26.53 8.73 18.81
CA LEU B 658 -27.67 8.57 17.91
C LEU B 658 -28.26 7.18 18.05
N LYS B 659 -29.55 7.06 17.76
CA LYS B 659 -30.22 5.77 17.68
C LYS B 659 -30.20 5.29 16.23
N ASP B 660 -30.28 3.96 16.08
CA ASP B 660 -30.29 3.37 14.74
C ASP B 660 -31.55 3.74 13.96
N THR B 661 -32.66 4.03 14.64
CA THR B 661 -33.91 4.30 13.96
C THR B 661 -33.87 5.63 13.21
N MET B 662 -33.19 6.63 13.77
CA MET B 662 -33.17 7.95 13.17
C MET B 662 -32.37 7.97 11.87
N THR B 663 -32.72 8.91 11.00
CA THR B 663 -32.18 8.99 9.66
C THR B 663 -31.04 10.00 9.59
N THR B 664 -30.44 10.12 8.40
CA THR B 664 -29.41 11.13 8.20
C THR B 664 -29.98 12.54 8.28
N ARG B 665 -31.29 12.69 8.03
CA ARG B 665 -31.93 13.98 8.19
C ARG B 665 -31.94 14.41 9.64
N ASP B 666 -32.15 13.48 10.57
CA ASP B 666 -32.07 13.81 11.98
C ASP B 666 -30.65 14.23 12.37
N LEU B 667 -29.64 13.54 11.84
CA LEU B 667 -28.26 13.92 12.11
C LEU B 667 -27.95 15.31 11.56
N ASN B 668 -28.45 15.61 10.36
CA ASN B 668 -28.25 16.94 9.79
C ASN B 668 -28.97 18.00 10.62
N ARG B 669 -30.17 17.69 11.10
CA ARG B 669 -30.88 18.63 11.96
C ARG B 669 -30.12 18.89 13.26
N ILE B 670 -29.55 17.84 13.85
CA ILE B 670 -28.75 18.02 15.06
C ILE B 670 -27.54 18.88 14.77
N ASP B 671 -26.86 18.63 13.64
CA ASP B 671 -25.70 19.43 13.28
C ASP B 671 -26.07 20.90 13.07
N LEU B 672 -27.20 21.15 12.39
CA LEU B 672 -27.61 22.52 12.14
C LEU B 672 -28.07 23.22 13.41
N TYR B 673 -28.69 22.49 14.34
CA TYR B 673 -29.04 23.07 15.62
C TYR B 673 -27.78 23.39 16.44
N ALA B 674 -26.79 22.52 16.37
CA ALA B 674 -25.51 22.79 17.03
C ALA B 674 -24.87 24.05 16.46
N HIS B 675 -24.87 24.18 15.14
CA HIS B 675 -24.34 25.39 14.52
C HIS B 675 -25.15 26.63 14.93
N HIS B 676 -26.47 26.49 15.00
CA HIS B 676 -27.32 27.59 15.42
C HIS B 676 -27.07 28.00 16.87
N ARG B 677 -26.83 27.01 17.73
CA ARG B 677 -26.65 27.27 19.16
C ARG B 677 -25.24 27.71 19.51
N GLY B 678 -24.33 27.80 18.54
CA GLY B 678 -22.99 28.23 18.81
C GLY B 678 -22.00 27.12 19.08
N ILE B 679 -22.35 25.87 18.81
CA ILE B 679 -21.41 24.77 19.02
C ILE B 679 -20.22 24.95 18.09
N LYS B 680 -19.02 24.86 18.65
CA LYS B 680 -17.82 25.09 17.85
C LYS B 680 -17.44 23.85 17.05
N THR B 681 -17.40 22.69 17.69
CA THR B 681 -16.99 21.45 17.04
C THR B 681 -17.91 20.32 17.46
N ILE B 682 -18.03 19.33 16.57
CA ILE B 682 -18.75 18.09 16.85
C ILE B 682 -17.77 16.94 16.67
N TYR B 683 -17.64 16.10 17.70
CA TYR B 683 -16.60 15.08 17.69
C TYR B 683 -17.01 13.84 16.92
N TYR B 684 -18.01 13.12 17.40
CA TYR B 684 -18.33 11.81 16.86
C TYR B 684 -19.83 11.65 16.73
N ALA B 685 -20.23 10.80 15.80
CA ALA B 685 -21.61 10.36 15.65
C ALA B 685 -21.63 8.87 15.96
N ARG B 686 -21.75 8.55 17.24
CA ARG B 686 -21.79 7.15 17.68
C ARG B 686 -23.24 6.68 17.67
N THR B 687 -23.50 5.63 16.89
CA THR B 687 -24.85 5.08 16.76
C THR B 687 -24.98 3.82 17.60
N LYS B 688 -26.08 3.73 18.35
CA LYS B 688 -26.32 2.60 19.23
C LYS B 688 -26.66 1.34 18.44
N ASP C 37 -9.77 -37.64 -27.84
CA ASP C 37 -8.64 -37.04 -28.57
C ASP C 37 -8.40 -35.56 -28.28
N PHE C 38 -9.26 -34.95 -27.48
CA PHE C 38 -9.24 -33.49 -27.33
C PHE C 38 -9.32 -32.92 -25.91
N THR C 39 -9.88 -33.69 -24.97
CA THR C 39 -10.13 -33.16 -23.61
C THR C 39 -8.86 -32.64 -22.93
N GLN C 40 -7.76 -33.41 -23.01
CA GLN C 40 -6.50 -33.02 -22.39
C GLN C 40 -5.98 -31.67 -22.88
N MET C 41 -6.05 -31.44 -24.18
CA MET C 41 -5.62 -30.17 -24.74
C MET C 41 -6.57 -29.02 -24.35
N PHE C 42 -7.87 -29.30 -24.22
CA PHE C 42 -8.81 -28.30 -23.69
C PHE C 42 -8.57 -28.03 -22.21
N TYR C 43 -8.28 -29.08 -21.44
CA TYR C 43 -7.92 -28.93 -20.04
C TYR C 43 -6.74 -27.98 -19.89
N ASN C 44 -5.67 -28.24 -20.66
CA ASN C 44 -4.47 -27.42 -20.61
C ASN C 44 -4.73 -25.98 -21.04
N GLN C 45 -5.51 -25.81 -22.11
CA GLN C 45 -5.85 -24.49 -22.60
C GLN C 45 -6.69 -23.70 -21.59
N ASN C 46 -7.70 -24.35 -21.00
CA ASN C 46 -8.54 -23.69 -20.01
C ASN C 46 -7.76 -23.22 -18.78
N VAL C 47 -6.94 -24.10 -18.22
CA VAL C 47 -6.19 -23.75 -17.02
C VAL C 47 -5.09 -22.71 -17.29
N LYS C 48 -4.53 -22.71 -18.49
CA LYS C 48 -3.52 -21.71 -18.85
C LYS C 48 -4.14 -20.34 -19.16
N GLN C 49 -5.44 -20.31 -19.38
CA GLN C 49 -6.14 -19.07 -19.63
C GLN C 49 -6.68 -18.45 -18.34
N PHE C 50 -6.45 -19.10 -17.20
CA PHE C 50 -7.00 -18.62 -15.93
C PHE C 50 -6.62 -17.17 -15.62
N TRP C 51 -7.63 -16.39 -15.18
CA TRP C 51 -7.45 -14.98 -14.88
C TRP C 51 -8.47 -14.50 -13.84
N LEU C 52 -8.20 -13.32 -13.25
CA LEU C 52 -9.12 -12.65 -12.34
C LEU C 52 -9.26 -11.18 -12.74
N PRO C 53 -10.48 -10.61 -12.63
CA PRO C 53 -10.69 -9.21 -13.04
C PRO C 53 -9.79 -8.22 -12.32
N GLU C 54 -9.41 -8.54 -11.08
CA GLU C 54 -8.54 -7.68 -10.27
C GLU C 54 -7.14 -7.48 -10.87
N GLU C 55 -6.76 -8.34 -11.83
CA GLU C 55 -5.50 -8.20 -12.55
C GLU C 55 -5.49 -6.95 -13.45
N ILE C 56 -6.69 -6.47 -13.80
CA ILE C 56 -6.88 -5.32 -14.68
C ILE C 56 -7.37 -4.12 -13.85
N ALA C 57 -6.59 -3.06 -13.79
CA ALA C 57 -7.00 -1.84 -13.10
C ALA C 57 -7.98 -1.06 -13.97
N LEU C 58 -9.10 -0.62 -13.39
CA LEU C 58 -10.20 -0.08 -14.18
C LEU C 58 -10.36 1.43 -14.14
N ASN C 59 -9.64 2.07 -13.22
CA ASN C 59 -9.74 3.53 -13.04
C ASN C 59 -9.33 4.34 -14.28
N GLY C 60 -8.58 3.72 -15.18
CA GLY C 60 -8.22 4.31 -16.47
C GLY C 60 -9.39 4.57 -17.43
N ASP C 61 -10.48 3.79 -17.30
CA ASP C 61 -11.70 4.03 -18.08
C ASP C 61 -12.58 5.17 -17.58
N LEU C 62 -12.27 5.72 -16.40
CA LEU C 62 -13.14 6.70 -15.75
C LEU C 62 -13.50 7.90 -16.62
N LEU C 63 -12.51 8.42 -17.35
CA LEU C 63 -12.73 9.58 -18.20
C LEU C 63 -13.48 9.30 -19.50
N THR C 64 -13.09 8.26 -20.24
CA THR C 64 -13.84 7.92 -21.47
C THR C 64 -15.29 7.52 -21.16
N TRP C 65 -15.55 7.03 -19.95
CA TRP C 65 -16.92 6.72 -19.50
C TRP C 65 -17.72 7.99 -19.23
N LYS C 66 -17.13 8.88 -18.44
CA LYS C 66 -17.69 10.18 -18.13
C LYS C 66 -18.13 10.93 -19.40
N TYR C 67 -17.40 10.72 -20.50
CA TYR C 67 -17.57 11.46 -21.76
C TYR C 67 -18.67 10.92 -22.69
N LEU C 68 -19.16 9.71 -22.40
CA LEU C 68 -20.22 9.12 -23.21
C LEU C 68 -21.55 9.80 -22.92
N GLY C 69 -22.42 9.84 -23.91
CA GLY C 69 -23.79 10.33 -23.71
C GLY C 69 -24.59 9.44 -22.77
N LYS C 70 -25.67 9.99 -22.22
CA LYS C 70 -26.52 9.22 -21.31
C LYS C 70 -27.10 7.96 -21.98
N ASN C 71 -27.48 8.09 -23.25
CA ASN C 71 -27.95 6.95 -24.06
C ASN C 71 -26.90 5.84 -24.17
N GLU C 72 -25.66 6.24 -24.40
CA GLU C 72 -24.56 5.30 -24.56
C GLU C 72 -24.26 4.55 -23.25
N GLN C 73 -24.24 5.30 -22.14
CA GLN C 73 -24.00 4.72 -20.83
C GLN C 73 -25.12 3.74 -20.45
N ASP C 74 -26.37 4.12 -20.76
CA ASP C 74 -27.52 3.30 -20.46
C ASP C 74 -27.44 1.95 -21.21
N THR C 75 -27.18 2.02 -22.51
CA THR C 75 -27.05 0.81 -23.33
C THR C 75 -25.90 -0.05 -22.83
N TYR C 76 -24.76 0.58 -22.53
CA TYR C 76 -23.61 -0.15 -22.03
C TYR C 76 -23.89 -0.91 -20.72
N MET C 77 -24.52 -0.24 -19.75
CA MET C 77 -24.87 -0.88 -18.46
C MET C 77 -25.80 -2.07 -18.68
N LYS C 78 -26.77 -1.88 -19.55
CA LYS C 78 -27.82 -2.87 -19.75
C LYS C 78 -27.25 -4.09 -20.46
N VAL C 79 -26.43 -3.84 -21.47
CA VAL C 79 -25.70 -4.86 -22.23
C VAL C 79 -24.88 -5.77 -21.28
N LEU C 80 -24.10 -5.17 -20.39
CA LEU C 80 -23.29 -5.94 -19.45
C LEU C 80 -24.15 -6.67 -18.43
N ALA C 81 -25.29 -6.07 -18.05
CA ALA C 81 -26.23 -6.70 -17.13
C ALA C 81 -26.85 -7.96 -17.74
N GLY C 82 -27.18 -7.90 -19.03
CA GLY C 82 -27.68 -9.06 -19.79
C GLY C 82 -26.64 -10.17 -19.86
N LEU C 83 -25.39 -9.78 -20.02
CA LEU C 83 -24.27 -10.72 -20.00
C LEU C 83 -24.11 -11.35 -18.63
N THR C 84 -24.23 -10.54 -17.57
CA THR C 84 -24.11 -11.02 -16.20
C THR C 84 -25.15 -12.09 -15.93
N LEU C 85 -26.37 -11.87 -16.39
CA LEU C 85 -27.46 -12.83 -16.19
C LEU C 85 -27.14 -14.18 -16.86
N LEU C 86 -26.74 -14.12 -18.12
CA LEU C 86 -26.34 -15.32 -18.87
C LEU C 86 -25.22 -16.12 -18.16
N ASP C 87 -24.17 -15.44 -17.74
CA ASP C 87 -23.06 -16.09 -17.01
C ASP C 87 -23.46 -16.63 -15.63
N THR C 88 -24.35 -15.91 -14.95
CA THR C 88 -24.91 -16.38 -13.69
C THR C 88 -25.56 -17.77 -13.86
N GLU C 89 -26.37 -17.92 -14.89
CA GLU C 89 -27.08 -19.18 -15.11
C GLU C 89 -26.17 -20.25 -15.73
N GLN C 90 -25.23 -19.84 -16.56
CA GLN C 90 -24.25 -20.76 -17.14
C GLN C 90 -23.36 -21.35 -16.03
N GLY C 91 -23.02 -20.53 -15.04
CA GLY C 91 -22.18 -20.98 -13.92
C GLY C 91 -22.94 -21.73 -12.85
N ASN C 92 -24.12 -21.24 -12.48
CA ASN C 92 -24.95 -21.86 -11.44
C ASN C 92 -25.57 -23.18 -11.89
N THR C 93 -25.93 -23.25 -13.17
CA THR C 93 -26.84 -24.31 -13.64
C THR C 93 -26.29 -25.08 -14.84
N GLY C 94 -26.01 -24.36 -15.92
CA GLY C 94 -25.67 -24.97 -17.21
C GLY C 94 -24.44 -25.85 -17.19
N MET C 95 -23.29 -25.27 -16.83
CA MET C 95 -22.06 -26.05 -16.79
C MET C 95 -22.03 -27.16 -15.74
N PRO C 96 -22.49 -26.90 -14.48
CA PRO C 96 -22.56 -27.99 -13.48
C PRO C 96 -23.46 -29.15 -13.88
N ILE C 97 -24.63 -28.86 -14.44
CA ILE C 97 -25.56 -29.92 -14.85
C ILE C 97 -25.02 -30.78 -16.02
N VAL C 98 -24.40 -30.13 -17.01
CA VAL C 98 -23.74 -30.86 -18.09
C VAL C 98 -22.57 -31.70 -17.52
N ALA C 99 -21.79 -31.12 -16.61
CA ALA C 99 -20.72 -31.86 -15.94
C ALA C 99 -21.24 -33.14 -15.27
N GLU C 100 -22.41 -33.03 -14.62
CA GLU C 100 -23.01 -34.16 -13.92
C GLU C 100 -23.32 -35.34 -14.85
N HIS C 101 -23.73 -35.04 -16.07
CA HIS C 101 -24.22 -36.05 -16.99
C HIS C 101 -23.19 -36.60 -17.97
N VAL C 102 -22.07 -35.88 -18.13
CA VAL C 102 -21.00 -36.30 -19.01
C VAL C 102 -20.06 -37.25 -18.27
N ASP C 103 -19.74 -38.38 -18.91
CA ASP C 103 -18.89 -39.41 -18.31
C ASP C 103 -17.39 -39.15 -18.52
N GLY C 104 -16.61 -39.46 -17.50
CA GLY C 104 -15.15 -39.35 -17.56
C GLY C 104 -14.60 -38.23 -16.70
N HIS C 105 -13.69 -38.57 -15.79
CA HIS C 105 -13.15 -37.61 -14.82
C HIS C 105 -12.46 -36.41 -15.43
N GLN C 106 -11.79 -36.61 -16.57
CA GLN C 106 -11.13 -35.50 -17.24
C GLN C 106 -12.13 -34.56 -17.93
N ARG C 107 -13.15 -35.13 -18.57
CA ARG C 107 -14.22 -34.34 -19.18
C ARG C 107 -14.93 -33.53 -18.09
N LYS C 108 -15.18 -34.17 -16.96
CA LYS C 108 -15.82 -33.49 -15.83
C LYS C 108 -14.96 -32.37 -15.26
N ALA C 109 -13.64 -32.59 -15.22
CA ALA C 109 -12.71 -31.56 -14.73
C ALA C 109 -12.70 -30.30 -15.61
N VAL C 110 -12.77 -30.49 -16.93
CA VAL C 110 -12.85 -29.37 -17.87
C VAL C 110 -14.16 -28.61 -17.67
N LEU C 111 -15.27 -29.36 -17.63
CA LEU C 111 -16.59 -28.73 -17.45
C LEU C 111 -16.74 -28.03 -16.11
N ASN C 112 -16.19 -28.61 -15.05
CA ASN C 112 -16.16 -27.96 -13.73
C ASN C 112 -15.34 -26.66 -13.73
N PHE C 113 -14.19 -26.68 -14.41
CA PHE C 113 -13.37 -25.48 -14.54
C PHE C 113 -14.12 -24.38 -15.30
N MET C 114 -14.75 -24.74 -16.42
CA MET C 114 -15.56 -23.80 -17.20
C MET C 114 -16.70 -23.20 -16.37
N ALA C 115 -17.37 -24.04 -15.58
CA ALA C 115 -18.42 -23.57 -14.64
C ALA C 115 -17.92 -22.53 -13.64
N MET C 116 -16.73 -22.79 -13.08
CA MET C 116 -16.12 -21.86 -12.15
C MET C 116 -15.86 -20.52 -12.83
N MET C 117 -15.31 -20.56 -14.05
CA MET C 117 -15.03 -19.35 -14.80
C MET C 117 -16.30 -18.51 -14.99
N GLU C 118 -17.41 -19.18 -15.34
CA GLU C 118 -18.69 -18.50 -15.57
C GLU C 118 -19.13 -17.63 -14.39
N ASN C 119 -19.22 -18.22 -13.21
CA ASN C 119 -19.76 -17.47 -12.07
C ASN C 119 -18.76 -16.86 -11.10
N ALA C 120 -17.58 -17.47 -10.95
CA ALA C 120 -16.55 -16.95 -10.07
C ALA C 120 -15.66 -15.93 -10.74
N VAL C 121 -15.57 -15.98 -12.08
CA VAL C 121 -14.72 -15.02 -12.80
C VAL C 121 -15.50 -14.05 -13.71
N HIS C 122 -16.25 -14.61 -14.66
CA HIS C 122 -16.96 -13.79 -15.65
C HIS C 122 -18.06 -12.93 -15.05
N ALA C 123 -19.03 -13.57 -14.39
CA ALA C 123 -20.16 -12.84 -13.82
C ALA C 123 -19.68 -11.78 -12.84
N LYS C 124 -18.65 -12.11 -12.05
CA LYS C 124 -18.08 -11.18 -11.07
C LYS C 124 -17.37 -9.97 -11.69
N SER C 125 -16.65 -10.19 -12.79
CA SER C 125 -15.95 -9.12 -13.51
C SER C 125 -16.89 -7.97 -13.88
N TYR C 126 -18.14 -8.30 -14.24
CA TYR C 126 -19.09 -7.26 -14.61
C TYR C 126 -19.38 -6.35 -13.45
N SER C 127 -19.44 -6.90 -12.24
CA SER C 127 -19.63 -6.11 -11.03
C SER C 127 -18.43 -5.22 -10.75
N ASN C 128 -17.22 -5.69 -11.09
CA ASN C 128 -16.02 -4.86 -10.97
C ASN C 128 -16.14 -3.66 -11.89
N ILE C 129 -16.58 -3.90 -13.12
CA ILE C 129 -16.80 -2.81 -14.07
C ILE C 129 -17.88 -1.85 -13.54
N PHE C 130 -19.05 -2.38 -13.15
CA PHE C 130 -20.14 -1.55 -12.60
C PHE C 130 -19.70 -0.71 -11.41
N MET C 131 -18.96 -1.32 -10.49
CA MET C 131 -18.57 -0.64 -9.25
C MET C 131 -17.58 0.49 -9.48
N THR C 132 -16.81 0.39 -10.56
CA THR C 132 -15.88 1.44 -10.96
C THR C 132 -16.61 2.62 -11.62
N LEU C 133 -17.44 2.31 -12.62
CA LEU C 133 -18.04 3.34 -13.47
C LEU C 133 -19.32 3.99 -12.95
N ALA C 134 -20.12 3.24 -12.20
CA ALA C 134 -21.47 3.68 -11.88
C ALA C 134 -21.72 3.83 -10.38
N PRO C 135 -22.59 4.78 -10.00
CA PRO C 135 -23.03 4.91 -8.62
C PRO C 135 -23.99 3.78 -8.26
N THR C 136 -24.06 3.46 -6.97
CA THR C 136 -24.84 2.33 -6.47
C THR C 136 -26.30 2.29 -6.98
N GLU C 137 -26.95 3.44 -7.08
CA GLU C 137 -28.35 3.52 -7.49
C GLU C 137 -28.55 3.08 -8.93
N THR C 138 -27.60 3.43 -9.79
CA THR C 138 -27.62 3.04 -11.19
C THR C 138 -27.37 1.54 -11.31
N ILE C 139 -26.48 1.03 -10.45
CA ILE C 139 -26.22 -0.41 -10.39
C ILE C 139 -27.48 -1.17 -9.92
N ASN C 140 -28.10 -0.69 -8.83
CA ASN C 140 -29.34 -1.29 -8.33
C ASN C 140 -30.45 -1.31 -9.39
N GLU C 141 -30.62 -0.18 -10.09
CA GLU C 141 -31.61 -0.03 -11.14
C GLU C 141 -31.40 -1.00 -12.30
N VAL C 142 -30.16 -1.18 -12.74
CA VAL C 142 -29.91 -2.09 -13.88
C VAL C 142 -30.17 -3.56 -13.51
N PHE C 143 -29.90 -3.95 -12.28
CA PHE C 143 -30.21 -5.32 -11.85
C PHE C 143 -31.73 -5.53 -11.69
N GLU C 144 -32.43 -4.48 -11.27
CA GLU C 144 -33.91 -4.50 -11.28
C GLU C 144 -34.43 -4.61 -12.71
N TRP C 145 -33.78 -3.89 -13.63
CA TRP C 145 -34.14 -3.93 -15.04
C TRP C 145 -33.98 -5.33 -15.68
N VAL C 146 -32.94 -6.07 -15.31
CA VAL C 146 -32.84 -7.45 -15.85
C VAL C 146 -34.03 -8.33 -15.43
N LYS C 147 -34.48 -8.18 -14.18
CA LYS C 147 -35.60 -8.99 -13.66
C LYS C 147 -36.91 -8.78 -14.42
N GLN C 148 -37.13 -7.57 -14.92
CA GLN C 148 -38.39 -7.20 -15.56
C GLN C 148 -38.35 -7.13 -17.09
N ASN C 149 -37.15 -7.27 -17.67
CA ASN C 149 -37.00 -7.23 -19.12
C ASN C 149 -37.48 -8.52 -19.76
N LYS C 150 -38.46 -8.43 -20.64
CA LYS C 150 -39.14 -9.64 -21.16
C LYS C 150 -38.30 -10.52 -22.08
N TYR C 151 -37.39 -9.90 -22.85
CA TYR C 151 -36.51 -10.65 -23.76
C TYR C 151 -35.43 -11.42 -23.01
N LEU C 152 -34.89 -10.80 -21.96
CA LEU C 152 -33.88 -11.40 -21.13
C LEU C 152 -34.50 -12.55 -20.31
N GLN C 153 -35.70 -12.31 -19.75
CA GLN C 153 -36.42 -13.40 -19.07
C GLN C 153 -36.77 -14.56 -20.01
N LYS C 154 -37.27 -14.24 -21.20
CA LYS C 154 -37.57 -15.29 -22.18
C LYS C 154 -36.35 -16.14 -22.52
N LYS C 155 -35.19 -15.50 -22.77
CA LYS C 155 -34.02 -16.28 -23.19
C LYS C 155 -33.48 -17.15 -22.06
N ALA C 156 -33.47 -16.61 -20.84
CA ALA C 156 -33.17 -17.40 -19.63
C ALA C 156 -34.14 -18.55 -19.41
N GLN C 157 -35.44 -18.30 -19.57
CA GLN C 157 -36.46 -19.35 -19.42
C GLN C 157 -36.20 -20.50 -20.36
N MET C 158 -35.89 -20.17 -21.62
CA MET C 158 -35.69 -21.17 -22.65
C MET C 158 -34.41 -21.99 -22.45
N ILE C 159 -33.33 -21.30 -22.13
CA ILE C 159 -32.06 -21.97 -21.98
C ILE C 159 -32.04 -22.84 -20.71
N VAL C 160 -32.44 -22.25 -19.58
CA VAL C 160 -32.43 -22.94 -18.30
C VAL C 160 -33.46 -24.08 -18.29
N GLY C 161 -34.55 -23.90 -19.03
CA GLY C 161 -35.56 -24.95 -19.12
C GLY C 161 -34.97 -26.20 -19.72
N LEU C 162 -34.21 -26.02 -20.80
CA LEU C 162 -33.53 -27.14 -21.44
C LEU C 162 -32.48 -27.80 -20.52
N TYR C 163 -31.71 -27.00 -19.79
CA TYR C 163 -30.77 -27.55 -18.79
C TYR C 163 -31.47 -28.42 -17.76
N LYS C 164 -32.62 -27.95 -17.29
CA LYS C 164 -33.30 -28.66 -16.21
C LYS C 164 -34.14 -29.83 -16.71
N ALA C 165 -34.28 -29.95 -18.03
CA ALA C 165 -34.98 -31.07 -18.63
C ALA C 165 -34.07 -32.29 -18.86
N ILE C 166 -32.76 -32.15 -18.66
CA ILE C 166 -31.85 -33.29 -18.84
C ILE C 166 -32.25 -34.44 -17.93
N GLN C 167 -32.35 -35.64 -18.50
CA GLN C 167 -32.69 -36.83 -17.75
C GLN C 167 -31.45 -37.72 -17.69
N LYS C 168 -31.19 -38.28 -16.52
CA LYS C 168 -30.05 -39.17 -16.34
C LYS C 168 -30.09 -40.28 -17.38
N ASP C 169 -28.93 -40.63 -17.92
CA ASP C 169 -28.78 -41.68 -18.93
C ASP C 169 -29.62 -41.47 -20.20
N ASP C 170 -30.11 -40.26 -20.42
CA ASP C 170 -30.86 -39.95 -21.62
C ASP C 170 -30.05 -38.95 -22.44
N GLU C 171 -29.37 -39.49 -23.46
CA GLU C 171 -28.42 -38.73 -24.25
C GLU C 171 -29.09 -37.66 -25.11
N ILE C 172 -30.35 -37.88 -25.50
CA ILE C 172 -31.07 -36.91 -26.33
C ILE C 172 -31.39 -35.64 -25.55
N SER C 173 -31.85 -35.77 -24.30
CA SER C 173 -32.11 -34.58 -23.49
C SER C 173 -30.81 -33.83 -23.22
N LEU C 174 -29.71 -34.58 -23.07
CA LEU C 174 -28.38 -33.99 -22.86
C LEU C 174 -27.93 -33.22 -24.10
N PHE C 175 -28.08 -33.82 -25.27
CA PHE C 175 -27.76 -33.14 -26.56
C PHE C 175 -28.49 -31.82 -26.70
N LYS C 176 -29.79 -31.83 -26.37
CA LYS C 176 -30.61 -30.62 -26.47
C LYS C 176 -30.09 -29.49 -25.57
N ALA C 177 -29.73 -29.85 -24.34
CA ALA C 177 -29.11 -28.89 -23.43
C ALA C 177 -27.74 -28.39 -23.90
N MET C 178 -26.94 -29.27 -24.53
CA MET C 178 -25.64 -28.87 -25.08
C MET C 178 -25.79 -27.93 -26.26
N VAL C 179 -26.84 -28.13 -27.06
CA VAL C 179 -27.13 -27.20 -28.16
C VAL C 179 -27.48 -25.82 -27.57
N ALA C 180 -28.31 -25.83 -26.54
CA ALA C 180 -28.69 -24.62 -25.83
C ALA C 180 -27.45 -23.90 -25.28
N SER C 181 -26.55 -24.66 -24.66
CA SER C 181 -25.29 -24.13 -24.13
C SER C 181 -24.40 -23.54 -25.22
N VAL C 182 -24.21 -24.27 -26.33
CA VAL C 182 -23.47 -23.69 -27.46
C VAL C 182 -24.11 -22.40 -27.95
N TYR C 183 -25.46 -22.37 -28.06
CA TYR C 183 -26.14 -21.15 -28.48
C TYR C 183 -25.95 -19.99 -27.50
N LEU C 184 -25.88 -20.31 -26.21
CA LEU C 184 -25.55 -19.28 -25.19
C LEU C 184 -24.10 -18.81 -25.36
N GLU C 185 -23.16 -19.74 -25.51
CA GLU C 185 -21.72 -19.40 -25.57
C GLU C 185 -21.33 -18.61 -26.82
N SER C 186 -21.85 -19.05 -27.96
CA SER C 186 -21.34 -18.69 -29.26
C SER C 186 -22.27 -17.79 -30.07
N PHE C 187 -23.49 -17.61 -29.58
CA PHE C 187 -24.49 -16.77 -30.25
C PHE C 187 -25.06 -15.68 -29.32
N LEU C 188 -25.70 -16.10 -28.22
CA LEU C 188 -26.45 -15.17 -27.33
C LEU C 188 -25.61 -14.08 -26.62
N PHE C 189 -24.36 -14.38 -26.30
CA PHE C 189 -23.49 -13.40 -25.65
C PHE C 189 -23.19 -12.23 -26.59
N TYR C 190 -23.34 -12.45 -27.90
CA TYR C 190 -22.74 -11.51 -28.85
C TYR C 190 -23.50 -10.19 -29.08
N SER C 191 -24.79 -10.16 -28.77
CA SER C 191 -25.56 -8.92 -28.78
C SER C 191 -25.01 -8.00 -27.69
N GLY C 192 -24.50 -8.62 -26.62
CA GLY C 192 -23.84 -7.93 -25.52
C GLY C 192 -22.40 -7.56 -25.80
N PHE C 193 -21.60 -8.52 -26.27
CA PHE C 193 -20.18 -8.28 -26.59
C PHE C 193 -19.93 -7.17 -27.60
N TYR C 194 -20.89 -6.95 -28.50
CA TYR C 194 -20.73 -5.97 -29.59
C TYR C 194 -20.26 -4.62 -29.06
N TYR C 195 -20.90 -4.14 -28.01
CA TYR C 195 -20.73 -2.75 -27.59
C TYR C 195 -19.38 -2.48 -26.92
N PRO C 196 -18.95 -3.33 -25.95
CA PRO C 196 -17.58 -3.18 -25.43
C PRO C 196 -16.52 -3.28 -26.52
N LEU C 197 -16.71 -4.18 -27.49
CA LEU C 197 -15.78 -4.33 -28.61
C LEU C 197 -15.79 -3.09 -29.51
N TYR C 198 -16.98 -2.53 -29.72
CA TYR C 198 -17.16 -1.34 -30.54
C TYR C 198 -16.38 -0.16 -29.94
N PHE C 199 -16.44 -0.01 -28.62
CA PHE C 199 -15.66 1.02 -27.94
C PHE C 199 -14.15 0.75 -27.92
N TYR C 200 -13.78 -0.48 -27.57
CA TYR C 200 -12.37 -0.91 -27.55
C TYR C 200 -11.70 -0.56 -28.89
N GLY C 201 -12.41 -0.86 -29.98
CA GLY C 201 -11.91 -0.60 -31.32
C GLY C 201 -11.71 0.87 -31.66
N GLN C 202 -12.33 1.76 -30.90
CA GLN C 202 -12.18 3.22 -31.08
C GLN C 202 -11.22 3.81 -30.04
N GLY C 203 -10.62 2.94 -29.23
CA GLY C 203 -9.72 3.37 -28.17
C GLY C 203 -10.45 3.94 -26.96
N LYS C 204 -11.67 3.45 -26.72
CA LYS C 204 -12.48 3.92 -25.61
C LYS C 204 -12.83 2.75 -24.69
N LEU C 205 -12.87 3.04 -23.39
CA LEU C 205 -13.17 2.03 -22.36
C LEU C 205 -12.29 0.78 -22.53
N MET C 206 -10.99 1.00 -22.63
CA MET C 206 -10.11 -0.07 -23.01
C MET C 206 -9.77 -1.06 -21.90
N GLN C 207 -9.89 -0.64 -20.65
CA GLN C 207 -9.65 -1.55 -19.53
C GLN C 207 -10.81 -2.52 -19.35
N SER C 208 -12.04 -1.98 -19.33
CA SER C 208 -13.27 -2.79 -19.37
C SER C 208 -13.23 -3.70 -20.59
N GLY C 209 -12.80 -3.14 -21.73
CA GLY C 209 -12.68 -3.88 -22.99
C GLY C 209 -11.71 -5.04 -22.91
N GLU C 210 -10.61 -4.85 -22.17
CA GLU C 210 -9.64 -5.91 -21.94
C GLU C 210 -10.28 -7.10 -21.18
N ILE C 211 -11.06 -6.78 -20.15
CA ILE C 211 -11.82 -7.80 -19.41
C ILE C 211 -12.75 -8.58 -20.34
N ILE C 212 -13.52 -7.85 -21.15
CA ILE C 212 -14.48 -8.43 -22.07
C ILE C 212 -13.80 -9.35 -23.10
N ASN C 213 -12.63 -8.94 -23.61
CA ASN C 213 -11.86 -9.77 -24.55
C ASN C 213 -11.39 -11.08 -23.91
N LEU C 214 -11.04 -11.02 -22.63
CA LEU C 214 -10.67 -12.22 -21.89
C LEU C 214 -11.88 -13.15 -21.73
N ILE C 215 -13.02 -12.59 -21.36
CA ILE C 215 -14.28 -13.33 -21.29
C ILE C 215 -14.58 -13.96 -22.65
N LEU C 216 -14.46 -13.19 -23.72
CA LEU C 216 -14.79 -13.68 -25.07
C LEU C 216 -13.85 -14.82 -25.50
N ARG C 217 -12.57 -14.66 -25.21
CA ARG C 217 -11.58 -15.70 -25.46
C ARG C 217 -11.97 -17.02 -24.77
N ASP C 218 -12.42 -16.95 -23.51
CA ASP C 218 -12.94 -18.12 -22.78
C ASP C 218 -14.19 -18.72 -23.45
N GLU C 219 -15.18 -17.88 -23.77
CA GLU C 219 -16.44 -18.41 -24.31
C GLU C 219 -16.23 -19.10 -25.65
N ALA C 220 -15.30 -18.59 -26.46
CA ALA C 220 -14.99 -19.21 -27.75
C ALA C 220 -14.54 -20.68 -27.58
N ILE C 221 -13.65 -20.93 -26.62
CA ILE C 221 -13.21 -22.31 -26.36
C ILE C 221 -14.28 -23.16 -25.65
N HIS C 222 -15.08 -22.51 -24.80
CA HIS C 222 -16.22 -23.21 -24.15
C HIS C 222 -17.24 -23.69 -25.19
N GLY C 223 -17.56 -22.83 -26.16
CA GLY C 223 -18.49 -23.17 -27.25
C GLY C 223 -17.98 -24.30 -28.14
N VAL C 224 -16.68 -24.28 -28.44
CA VAL C 224 -16.07 -25.35 -29.23
C VAL C 224 -16.14 -26.68 -28.47
N TYR C 225 -15.71 -26.67 -27.22
CA TYR C 225 -15.69 -27.89 -26.40
C TYR C 225 -17.08 -28.53 -26.25
N VAL C 226 -18.06 -27.74 -25.80
CA VAL C 226 -19.43 -28.25 -25.68
C VAL C 226 -19.98 -28.71 -27.04
N GLY C 227 -19.65 -27.97 -28.09
CA GLY C 227 -19.98 -28.39 -29.46
C GLY C 227 -19.47 -29.77 -29.82
N LEU C 228 -18.22 -30.06 -29.45
CA LEU C 228 -17.65 -31.39 -29.72
C LEU C 228 -18.38 -32.50 -28.96
N LEU C 229 -18.76 -32.23 -27.71
CA LEU C 229 -19.55 -33.19 -26.92
C LEU C 229 -20.93 -33.44 -27.53
N ALA C 230 -21.58 -32.37 -27.99
CA ALA C 230 -22.87 -32.49 -28.67
C ALA C 230 -22.76 -33.33 -29.94
N GLN C 231 -21.72 -33.09 -30.73
CA GLN C 231 -21.49 -33.89 -31.96
C GLN C 231 -21.28 -35.37 -31.68
N GLU C 232 -20.64 -35.68 -30.54
CA GLU C 232 -20.48 -37.07 -30.12
C GLU C 232 -21.82 -37.77 -30.01
N ILE C 233 -22.78 -37.10 -29.37
CA ILE C 233 -24.11 -37.67 -29.15
C ILE C 233 -24.88 -37.77 -30.45
N TYR C 234 -24.89 -36.67 -31.22
CA TYR C 234 -25.50 -36.64 -32.54
C TYR C 234 -25.01 -37.77 -33.45
N ASN C 235 -23.70 -38.03 -33.44
CA ASN C 235 -23.12 -39.04 -34.32
C ASN C 235 -23.51 -40.48 -33.98
N LYS C 236 -24.06 -40.69 -32.79
CA LYS C 236 -24.56 -42.01 -32.37
C LYS C 236 -25.94 -42.35 -32.94
N GLN C 237 -26.62 -41.35 -33.50
CA GLN C 237 -28.03 -41.52 -33.87
C GLN C 237 -28.23 -42.12 -35.28
N THR C 238 -29.42 -42.68 -35.51
CA THR C 238 -29.84 -43.05 -36.86
C THR C 238 -29.98 -41.79 -37.71
N GLU C 239 -30.04 -41.97 -39.04
CA GLU C 239 -30.23 -40.83 -39.94
C GLU C 239 -31.55 -40.10 -39.68
N GLU C 240 -32.60 -40.88 -39.36
CA GLU C 240 -33.91 -40.33 -39.04
C GLU C 240 -33.85 -39.46 -37.77
N LYS C 241 -33.18 -39.97 -36.74
CA LYS C 241 -33.01 -39.24 -35.49
C LYS C 241 -32.19 -37.97 -35.66
N LYS C 242 -31.11 -38.07 -36.45
CA LYS C 242 -30.27 -36.93 -36.81
C LYS C 242 -31.07 -35.82 -37.46
N ALA C 243 -31.92 -36.21 -38.41
CA ALA C 243 -32.82 -35.25 -39.09
C ALA C 243 -33.71 -34.51 -38.09
N GLU C 244 -34.22 -35.21 -37.08
CA GLU C 244 -35.01 -34.57 -36.02
C GLU C 244 -34.17 -33.63 -35.14
N LEU C 245 -32.94 -34.05 -34.83
CA LEU C 245 -32.04 -33.22 -34.02
C LEU C 245 -31.64 -31.92 -34.72
N ARG C 246 -31.43 -31.98 -36.04
CA ARG C 246 -31.16 -30.77 -36.84
C ARG C 246 -32.38 -29.85 -36.81
N GLU C 247 -33.57 -30.43 -36.93
CA GLU C 247 -34.82 -29.66 -36.81
C GLU C 247 -34.90 -28.96 -35.45
N PHE C 248 -34.62 -29.71 -34.38
CA PHE C 248 -34.60 -29.13 -33.04
C PHE C 248 -33.63 -27.95 -32.98
N ALA C 249 -32.42 -28.16 -33.48
CA ALA C 249 -31.34 -27.15 -33.38
C ALA C 249 -31.69 -25.88 -34.16
N ILE C 250 -32.22 -26.07 -35.36
CA ILE C 250 -32.59 -24.95 -36.23
C ILE C 250 -33.83 -24.22 -35.71
N ASP C 251 -34.86 -24.97 -35.28
CA ASP C 251 -36.04 -24.35 -34.65
C ASP C 251 -35.67 -23.55 -33.41
N LEU C 252 -34.78 -24.10 -32.59
CA LEU C 252 -34.35 -23.41 -31.37
C LEU C 252 -33.56 -22.15 -31.72
N LEU C 253 -32.68 -22.27 -32.70
CA LEU C 253 -31.87 -21.13 -33.11
C LEU C 253 -32.77 -19.99 -33.61
N ASN C 254 -33.71 -20.31 -34.49
CA ASN C 254 -34.67 -19.32 -35.01
C ASN C 254 -35.51 -18.66 -33.90
N GLN C 255 -35.96 -19.46 -32.95
CA GLN C 255 -36.74 -18.92 -31.83
C GLN C 255 -35.90 -17.95 -30.98
N LEU C 256 -34.67 -18.36 -30.67
CA LEU C 256 -33.75 -17.51 -29.92
C LEU C 256 -33.39 -16.26 -30.73
N TYR C 257 -33.16 -16.44 -32.02
CA TYR C 257 -32.80 -15.36 -32.93
C TYR C 257 -33.88 -14.28 -32.96
N GLU C 258 -35.14 -14.67 -33.14
CA GLU C 258 -36.26 -13.73 -33.21
C GLU C 258 -36.38 -12.92 -31.93
N ASN C 259 -36.19 -13.58 -30.79
CA ASN C 259 -36.17 -12.89 -29.50
C ASN C 259 -34.98 -11.93 -29.38
N GLU C 260 -33.82 -12.37 -29.87
CA GLU C 260 -32.60 -11.55 -29.78
C GLU C 260 -32.70 -10.28 -30.64
N LEU C 261 -33.40 -10.39 -31.78
CA LEU C 261 -33.68 -9.21 -32.62
C LEU C 261 -34.42 -8.11 -31.86
N GLU C 262 -35.48 -8.50 -31.17
CA GLU C 262 -36.27 -7.58 -30.35
C GLU C 262 -35.45 -6.98 -29.20
N TYR C 263 -34.65 -7.83 -28.53
CA TYR C 263 -33.73 -7.40 -27.48
C TYR C 263 -32.72 -6.40 -28.02
N THR C 264 -32.16 -6.70 -29.19
CA THR C 264 -31.16 -5.85 -29.82
C THR C 264 -31.74 -4.46 -30.15
N GLU C 265 -32.93 -4.45 -30.75
CA GLU C 265 -33.59 -3.19 -31.08
C GLU C 265 -33.88 -2.38 -29.83
N ASP C 266 -34.38 -3.06 -28.81
CA ASP C 266 -34.69 -2.42 -27.53
C ASP C 266 -33.46 -1.72 -26.92
N LEU C 267 -32.29 -2.34 -27.01
CA LEU C 267 -31.07 -1.77 -26.43
C LEU C 267 -30.36 -0.77 -27.33
N TYR C 268 -30.27 -1.08 -28.61
CA TYR C 268 -29.40 -0.32 -29.52
C TYR C 268 -30.04 0.79 -30.33
N ASP C 269 -31.36 0.83 -30.46
CA ASP C 269 -32.01 1.91 -31.21
C ASP C 269 -31.61 3.29 -30.69
N GLN C 270 -31.51 3.42 -29.36
CA GLN C 270 -31.14 4.71 -28.74
C GLN C 270 -29.70 5.17 -29.00
N VAL C 271 -28.87 4.26 -29.51
CA VAL C 271 -27.47 4.59 -29.87
C VAL C 271 -27.19 4.42 -31.37
N GLY C 272 -28.25 4.05 -32.11
CA GLY C 272 -28.22 4.02 -33.57
C GLY C 272 -27.52 2.83 -34.21
N LEU C 273 -27.40 1.74 -33.46
CA LEU C 273 -26.54 0.63 -33.89
C LEU C 273 -27.24 -0.71 -34.14
N SER C 274 -28.57 -0.73 -34.08
CA SER C 274 -29.29 -2.00 -34.08
C SER C 274 -29.01 -2.87 -35.31
N HIS C 275 -29.00 -2.25 -36.49
CA HIS C 275 -28.76 -2.98 -37.74
C HIS C 275 -27.36 -3.61 -37.77
N ASP C 276 -26.37 -2.86 -37.29
CA ASP C 276 -24.99 -3.33 -37.20
C ASP C 276 -24.85 -4.53 -36.27
N VAL C 277 -25.46 -4.43 -35.09
CA VAL C 277 -25.45 -5.53 -34.10
C VAL C 277 -26.12 -6.78 -34.67
N LYS C 278 -27.24 -6.59 -35.36
CA LYS C 278 -27.95 -7.71 -35.99
C LYS C 278 -27.08 -8.49 -36.96
N LYS C 279 -26.27 -7.79 -37.74
CA LYS C 279 -25.32 -8.45 -38.64
C LYS C 279 -24.32 -9.26 -37.84
N PHE C 280 -23.87 -8.71 -36.71
CA PHE C 280 -22.89 -9.38 -35.84
C PHE C 280 -23.44 -10.67 -35.20
N ILE C 281 -24.69 -10.62 -34.73
CA ILE C 281 -25.29 -11.81 -34.13
C ILE C 281 -25.55 -12.93 -35.15
N ARG C 282 -25.87 -12.56 -36.39
CA ARG C 282 -26.04 -13.53 -37.46
C ARG C 282 -24.70 -14.22 -37.78
N TYR C 283 -23.64 -13.42 -37.87
CA TYR C 283 -22.27 -13.92 -38.03
C TYR C 283 -21.94 -14.96 -36.96
N ASN C 284 -22.22 -14.63 -35.70
CA ASN C 284 -21.93 -15.54 -34.60
C ASN C 284 -22.88 -16.74 -34.51
N ALA C 285 -24.14 -16.57 -34.91
CA ALA C 285 -25.04 -17.72 -35.06
C ALA C 285 -24.45 -18.81 -35.99
N ASN C 286 -23.85 -18.39 -37.10
CA ASN C 286 -23.16 -19.32 -38.00
C ASN C 286 -21.99 -20.07 -37.35
N LYS C 287 -21.26 -19.36 -36.49
CA LYS C 287 -20.17 -19.95 -35.72
C LYS C 287 -20.68 -20.97 -34.71
N ALA C 288 -21.80 -20.66 -34.07
CA ALA C 288 -22.47 -21.63 -33.17
C ALA C 288 -22.90 -22.89 -33.91
N LEU C 289 -23.54 -22.73 -35.07
CA LEU C 289 -23.92 -23.87 -35.90
C LEU C 289 -22.69 -24.69 -36.27
N MET C 290 -21.61 -24.01 -36.67
CA MET C 290 -20.38 -24.72 -37.03
C MET C 290 -19.78 -25.49 -35.85
N ASN C 291 -19.85 -24.92 -34.65
CA ASN C 291 -19.40 -25.60 -33.43
C ASN C 291 -20.18 -26.90 -33.18
N LEU C 292 -21.40 -26.94 -33.70
CA LEU C 292 -22.29 -28.11 -33.63
C LEU C 292 -22.17 -29.06 -34.84
N GLY C 293 -21.27 -28.74 -35.77
CA GLY C 293 -21.07 -29.55 -36.98
C GLY C 293 -22.11 -29.35 -38.06
N PHE C 294 -22.79 -28.21 -38.03
CA PHE C 294 -23.83 -27.89 -39.01
C PHE C 294 -23.37 -26.77 -39.96
N ASP C 295 -23.99 -26.74 -41.15
CA ASP C 295 -23.71 -25.69 -42.14
C ASP C 295 -24.20 -24.31 -41.68
N PRO C 296 -23.52 -23.23 -42.10
CA PRO C 296 -24.01 -21.87 -41.80
C PRO C 296 -25.44 -21.63 -42.32
N TYR C 297 -26.23 -20.85 -41.57
CA TYR C 297 -27.66 -20.64 -41.87
C TYR C 297 -27.94 -19.24 -42.43
N PHE C 298 -27.13 -18.26 -42.05
CA PHE C 298 -27.32 -16.89 -42.51
C PHE C 298 -26.28 -16.53 -43.56
N GLU C 299 -26.65 -15.65 -44.50
CA GLU C 299 -25.69 -15.20 -45.52
C GLU C 299 -24.66 -14.26 -44.91
N GLU C 300 -23.45 -14.28 -45.46
CA GLU C 300 -22.35 -13.42 -45.00
C GLU C 300 -22.62 -11.93 -45.25
N GLU C 301 -22.24 -11.10 -44.28
CA GLU C 301 -22.40 -9.64 -44.36
C GLU C 301 -21.14 -8.94 -43.82
N ASP C 302 -20.92 -7.69 -44.24
CA ASP C 302 -19.79 -6.89 -43.75
C ASP C 302 -20.06 -6.40 -42.32
N ILE C 303 -19.22 -6.82 -41.39
CA ILE C 303 -19.30 -6.38 -39.99
C ILE C 303 -18.54 -5.06 -39.83
N ASN C 304 -19.02 -4.19 -38.95
CA ASN C 304 -18.35 -2.92 -38.65
C ASN C 304 -16.87 -3.15 -38.38
N PRO C 305 -15.97 -2.51 -39.17
CA PRO C 305 -14.52 -2.74 -39.02
C PRO C 305 -13.99 -2.30 -37.65
N ILE C 306 -14.70 -1.39 -37.00
CA ILE C 306 -14.38 -0.96 -35.64
C ILE C 306 -14.43 -2.15 -34.68
N VAL C 307 -15.51 -2.93 -34.78
CA VAL C 307 -15.69 -4.13 -33.95
C VAL C 307 -14.62 -5.19 -34.23
N LEU C 308 -14.19 -5.28 -35.49
CA LEU C 308 -13.11 -6.19 -35.91
C LEU C 308 -11.76 -5.77 -35.35
N ASN C 309 -11.54 -4.45 -35.25
CA ASN C 309 -10.38 -3.91 -34.53
C ASN C 309 -10.51 -4.10 -33.01
N GLY C 310 -11.74 -4.21 -32.52
CA GLY C 310 -12.00 -4.54 -31.11
C GLY C 310 -11.54 -5.94 -30.72
N LEU C 311 -11.39 -6.82 -31.72
CA LEU C 311 -10.90 -8.18 -31.50
C LEU C 311 -9.37 -8.24 -31.54
N LYS C 330 3.68 -18.61 -11.58
CA LYS C 330 4.60 -19.54 -10.95
C LYS C 330 5.39 -20.33 -11.99
N ALA C 331 6.65 -20.62 -11.66
CA ALA C 331 7.52 -21.39 -12.53
C ALA C 331 7.95 -22.67 -11.82
N THR C 332 8.27 -23.68 -12.62
CA THR C 332 8.72 -24.96 -12.07
C THR C 332 9.99 -24.77 -11.25
N VAL C 333 10.06 -25.47 -10.12
CA VAL C 333 11.10 -25.27 -9.12
C VAL C 333 11.90 -26.56 -8.97
N GLU C 334 13.22 -26.47 -9.16
CA GLU C 334 14.10 -27.56 -8.81
C GLU C 334 15.05 -27.14 -7.70
N PRO C 335 15.41 -28.04 -6.79
CA PRO C 335 16.41 -27.71 -5.77
C PRO C 335 17.80 -27.58 -6.40
N LEU C 336 18.65 -26.85 -5.70
CA LEU C 336 20.01 -26.61 -6.15
C LEU C 336 20.91 -27.78 -5.72
N LYS C 337 21.58 -28.38 -6.69
CA LYS C 337 22.55 -29.43 -6.42
C LYS C 337 23.91 -28.82 -6.09
N ASP C 338 24.75 -29.61 -5.42
CA ASP C 338 26.10 -29.15 -5.09
C ASP C 338 26.95 -28.95 -6.34
N ASP C 339 26.57 -29.55 -7.46
CA ASP C 339 27.31 -29.40 -8.71
C ASP C 339 26.94 -28.15 -9.48
N ASP C 340 25.86 -27.46 -9.09
CA ASP C 340 25.47 -26.21 -9.72
C ASP C 340 26.25 -25.02 -9.18
N PHE C 341 27.07 -25.22 -8.15
CA PHE C 341 27.88 -24.17 -7.57
C PHE C 341 29.32 -24.19 -8.08
N TYR C 342 29.63 -25.07 -9.04
CA TYR C 342 30.97 -25.21 -9.56
C TYR C 342 30.92 -25.21 -11.08
N PHE C 343 31.89 -24.56 -11.71
CA PHE C 343 31.93 -24.44 -13.16
C PHE C 343 33.35 -24.64 -13.68
N ASP D 37 -22.33 -12.48 5.68
CA ASP D 37 -21.24 -11.78 6.36
C ASP D 37 -19.85 -12.27 5.97
N PHE D 38 -19.77 -13.34 5.17
CA PHE D 38 -18.50 -14.05 5.04
C PHE D 38 -18.10 -14.53 3.63
N THR D 39 -19.04 -14.64 2.72
CA THR D 39 -18.79 -15.25 1.40
C THR D 39 -17.76 -14.50 0.54
N GLN D 40 -17.83 -13.18 0.51
CA GLN D 40 -16.84 -12.43 -0.27
C GLN D 40 -15.43 -12.57 0.30
N MET D 41 -15.30 -12.55 1.62
CA MET D 41 -14.01 -12.81 2.26
C MET D 41 -13.44 -14.20 1.89
N PHE D 42 -14.29 -15.23 1.91
CA PHE D 42 -13.84 -16.58 1.54
C PHE D 42 -13.54 -16.69 0.05
N TYR D 43 -14.30 -15.96 -0.76
CA TYR D 43 -14.02 -15.87 -2.18
C TYR D 43 -12.57 -15.42 -2.39
N ASN D 44 -12.21 -14.32 -1.72
CA ASN D 44 -10.88 -13.74 -1.83
C ASN D 44 -9.79 -14.72 -1.42
N GLN D 45 -9.95 -15.33 -0.25
CA GLN D 45 -8.97 -16.28 0.26
C GLN D 45 -8.83 -17.51 -0.65
N ASN D 46 -9.95 -18.01 -1.18
CA ASN D 46 -9.93 -19.14 -2.10
C ASN D 46 -9.17 -18.87 -3.39
N VAL D 47 -9.50 -17.76 -4.05
CA VAL D 47 -8.91 -17.47 -5.36
C VAL D 47 -7.45 -17.08 -5.24
N LYS D 48 -7.06 -16.48 -4.13
CA LYS D 48 -5.66 -16.13 -3.96
C LYS D 48 -4.78 -17.34 -3.59
N GLN D 49 -5.40 -18.45 -3.24
CA GLN D 49 -4.71 -19.71 -2.95
C GLN D 49 -4.61 -20.60 -4.19
N PHE D 50 -5.00 -20.09 -5.36
CA PHE D 50 -5.03 -20.91 -6.56
C PHE D 50 -3.61 -21.38 -6.91
N TRP D 51 -3.52 -22.64 -7.31
CA TRP D 51 -2.24 -23.27 -7.68
C TRP D 51 -2.48 -24.38 -8.67
N LEU D 52 -1.40 -24.86 -9.29
CA LEU D 52 -1.47 -25.92 -10.29
C LEU D 52 -0.40 -26.98 -9.99
N PRO D 53 -0.68 -28.26 -10.31
CA PRO D 53 0.25 -29.36 -10.05
C PRO D 53 1.64 -29.14 -10.67
N GLU D 54 1.69 -28.68 -11.91
CA GLU D 54 2.93 -28.44 -12.67
C GLU D 54 3.97 -27.56 -11.95
N GLU D 55 3.52 -26.76 -10.99
CA GLU D 55 4.40 -25.81 -10.29
C GLU D 55 5.46 -26.51 -9.42
N ILE D 56 5.13 -27.70 -8.91
CA ILE D 56 6.06 -28.48 -8.10
C ILE D 56 6.63 -29.62 -8.94
N ALA D 57 7.96 -29.63 -9.10
CA ALA D 57 8.64 -30.72 -9.78
C ALA D 57 8.73 -31.92 -8.83
N LEU D 58 8.27 -33.09 -9.28
CA LEU D 58 8.16 -34.26 -8.40
C LEU D 58 9.32 -35.26 -8.44
N ASN D 59 10.12 -35.22 -9.51
CA ASN D 59 11.11 -36.27 -9.75
C ASN D 59 12.16 -36.45 -8.65
N GLY D 60 12.52 -35.36 -7.97
CA GLY D 60 13.51 -35.39 -6.89
C GLY D 60 13.09 -36.17 -5.63
N ASP D 61 11.84 -36.59 -5.58
CA ASP D 61 11.36 -37.45 -4.48
C ASP D 61 11.92 -38.86 -4.53
N LEU D 62 12.30 -39.29 -5.74
CA LEU D 62 12.84 -40.63 -5.95
C LEU D 62 14.15 -40.85 -5.19
N LEU D 63 14.80 -39.73 -4.83
CA LEU D 63 16.05 -39.74 -4.08
C LEU D 63 15.87 -40.06 -2.59
N THR D 64 14.65 -39.95 -2.08
CA THR D 64 14.36 -40.39 -0.70
C THR D 64 13.43 -41.60 -0.67
N TRP D 65 12.58 -41.72 -1.69
CA TRP D 65 11.64 -42.84 -1.83
C TRP D 65 12.37 -44.19 -1.85
N LYS D 66 13.47 -44.25 -2.60
CA LYS D 66 14.29 -45.45 -2.72
C LYS D 66 14.89 -45.92 -1.40
N TYR D 67 14.96 -45.03 -0.41
CA TYR D 67 15.54 -45.38 0.89
C TYR D 67 14.53 -45.80 1.96
N LEU D 68 13.23 -45.77 1.62
CA LEU D 68 12.21 -46.23 2.57
C LEU D 68 12.07 -47.76 2.52
N GLY D 69 11.75 -48.35 3.67
CA GLY D 69 11.42 -49.77 3.75
C GLY D 69 10.12 -50.11 3.03
N LYS D 70 9.89 -51.40 2.82
CA LYS D 70 8.68 -51.89 2.16
C LYS D 70 7.41 -51.48 2.90
N ASN D 71 7.40 -51.57 4.22
CA ASN D 71 6.24 -51.20 5.02
C ASN D 71 5.93 -49.70 4.90
N GLU D 72 6.98 -48.88 4.88
CA GLU D 72 6.82 -47.43 4.72
C GLU D 72 6.24 -47.09 3.34
N GLN D 73 6.75 -47.75 2.31
CA GLN D 73 6.29 -47.53 0.94
C GLN D 73 4.84 -48.01 0.78
N ASP D 74 4.54 -49.15 1.40
CA ASP D 74 3.19 -49.75 1.40
C ASP D 74 2.19 -48.83 2.09
N THR D 75 2.54 -48.35 3.28
CA THR D 75 1.64 -47.45 4.02
C THR D 75 1.39 -46.17 3.23
N TYR D 76 2.46 -45.55 2.74
CA TYR D 76 2.35 -44.35 1.93
C TYR D 76 1.41 -44.52 0.73
N MET D 77 1.62 -45.59 -0.04
CA MET D 77 0.77 -45.90 -1.19
C MET D 77 -0.71 -46.03 -0.79
N LYS D 78 -0.96 -46.79 0.28
CA LYS D 78 -2.33 -47.03 0.76
C LYS D 78 -3.01 -45.76 1.26
N VAL D 79 -2.25 -44.93 1.98
CA VAL D 79 -2.75 -43.66 2.49
C VAL D 79 -3.09 -42.74 1.32
N LEU D 80 -2.18 -42.68 0.35
CA LEU D 80 -2.34 -41.83 -0.80
C LEU D 80 -3.59 -42.21 -1.58
N ALA D 81 -3.80 -43.51 -1.78
CA ALA D 81 -4.97 -44.03 -2.50
C ALA D 81 -6.25 -43.71 -1.74
N GLY D 82 -6.19 -43.82 -0.41
CA GLY D 82 -7.31 -43.45 0.44
C GLY D 82 -7.72 -42.01 0.24
N LEU D 83 -6.74 -41.10 0.30
CA LEU D 83 -7.00 -39.68 0.08
C LEU D 83 -7.57 -39.43 -1.31
N THR D 84 -6.99 -40.08 -2.30
CA THR D 84 -7.41 -39.90 -3.69
C THR D 84 -8.88 -40.29 -3.87
N LEU D 85 -9.22 -41.48 -3.39
CA LEU D 85 -10.58 -41.99 -3.50
C LEU D 85 -11.60 -41.11 -2.79
N LEU D 86 -11.30 -40.68 -1.55
CA LEU D 86 -12.21 -39.78 -0.85
C LEU D 86 -12.36 -38.42 -1.53
N ASP D 87 -11.27 -37.89 -2.07
CA ASP D 87 -11.31 -36.57 -2.67
C ASP D 87 -12.11 -36.56 -3.99
N THR D 88 -12.09 -37.69 -4.69
CA THR D 88 -12.88 -37.87 -5.91
C THR D 88 -14.36 -37.79 -5.62
N GLU D 89 -14.80 -38.42 -4.52
CA GLU D 89 -16.20 -38.32 -4.12
C GLU D 89 -16.56 -36.86 -3.85
N GLN D 90 -15.65 -36.13 -3.21
CA GLN D 90 -15.91 -34.72 -2.89
C GLN D 90 -16.01 -33.86 -4.16
N GLY D 91 -15.18 -34.14 -5.15
CA GLY D 91 -15.22 -33.43 -6.44
C GLY D 91 -16.41 -33.76 -7.32
N ASN D 92 -16.76 -35.04 -7.38
CA ASN D 92 -17.87 -35.45 -8.23
C ASN D 92 -19.25 -35.27 -7.62
N THR D 93 -19.34 -35.33 -6.30
CA THR D 93 -20.64 -35.30 -5.61
C THR D 93 -20.73 -34.25 -4.51
N GLY D 94 -19.84 -34.33 -3.52
CA GLY D 94 -19.90 -33.50 -2.33
C GLY D 94 -20.02 -32.00 -2.57
N MET D 95 -19.07 -31.44 -3.30
CA MET D 95 -19.13 -30.01 -3.56
C MET D 95 -20.22 -29.65 -4.55
N PRO D 96 -20.35 -30.40 -5.66
CA PRO D 96 -21.40 -29.99 -6.60
C PRO D 96 -22.82 -30.12 -6.05
N ILE D 97 -23.07 -31.11 -5.18
CA ILE D 97 -24.42 -31.29 -4.64
C ILE D 97 -24.77 -30.17 -3.68
N VAL D 98 -23.79 -29.73 -2.89
CA VAL D 98 -24.01 -28.61 -1.96
C VAL D 98 -24.22 -27.30 -2.73
N ALA D 99 -23.41 -27.09 -3.77
CA ALA D 99 -23.57 -25.91 -4.63
C ALA D 99 -24.98 -25.86 -5.25
N GLU D 100 -25.49 -27.04 -5.63
CA GLU D 100 -26.83 -27.14 -6.21
C GLU D 100 -27.96 -26.70 -5.26
N HIS D 101 -27.87 -27.11 -3.99
CA HIS D 101 -28.96 -26.85 -3.02
C HIS D 101 -28.85 -25.54 -2.23
N VAL D 102 -27.65 -24.96 -2.16
CA VAL D 102 -27.46 -23.68 -1.47
C VAL D 102 -28.00 -22.53 -2.31
N ASP D 103 -28.76 -21.63 -1.70
CA ASP D 103 -29.25 -20.43 -2.37
C ASP D 103 -28.26 -19.28 -2.21
N GLY D 104 -28.11 -18.49 -3.27
CA GLY D 104 -27.22 -17.33 -3.24
C GLY D 104 -26.20 -17.44 -4.36
N HIS D 105 -26.16 -16.43 -5.23
CA HIS D 105 -25.21 -16.45 -6.35
C HIS D 105 -23.76 -16.48 -5.93
N GLN D 106 -23.42 -15.74 -4.89
CA GLN D 106 -22.02 -15.61 -4.48
C GLN D 106 -21.55 -16.90 -3.82
N ARG D 107 -22.44 -17.54 -3.04
CA ARG D 107 -22.13 -18.82 -2.42
C ARG D 107 -21.95 -19.91 -3.47
N LYS D 108 -22.83 -19.92 -4.48
CA LYS D 108 -22.69 -20.88 -5.57
C LYS D 108 -21.36 -20.72 -6.30
N ALA D 109 -20.89 -19.48 -6.43
CA ALA D 109 -19.62 -19.21 -7.11
C ALA D 109 -18.43 -19.75 -6.30
N VAL D 110 -18.44 -19.48 -5.00
CA VAL D 110 -17.37 -19.98 -4.12
C VAL D 110 -17.38 -21.51 -4.14
N LEU D 111 -18.56 -22.11 -3.94
CA LEU D 111 -18.68 -23.56 -4.00
C LEU D 111 -18.22 -24.16 -5.33
N ASN D 112 -18.57 -23.51 -6.45
CA ASN D 112 -18.03 -23.91 -7.77
C ASN D 112 -16.52 -23.88 -7.84
N PHE D 113 -15.94 -22.84 -7.25
CA PHE D 113 -14.49 -22.72 -7.22
C PHE D 113 -13.86 -23.89 -6.44
N MET D 114 -14.45 -24.19 -5.28
CA MET D 114 -13.98 -25.32 -4.48
C MET D 114 -14.11 -26.66 -5.23
N ALA D 115 -15.24 -26.88 -5.92
CA ALA D 115 -15.44 -28.09 -6.74
C ALA D 115 -14.38 -28.17 -7.83
N MET D 116 -14.09 -27.05 -8.49
CA MET D 116 -13.04 -26.97 -9.49
C MET D 116 -11.68 -27.43 -8.92
N MET D 117 -11.32 -26.94 -7.73
CA MET D 117 -10.05 -27.31 -7.09
C MET D 117 -9.95 -28.82 -6.84
N GLU D 118 -11.07 -29.43 -6.43
CA GLU D 118 -11.10 -30.89 -6.22
C GLU D 118 -10.80 -31.64 -7.50
N ASN D 119 -11.50 -31.29 -8.57
CA ASN D 119 -11.49 -32.04 -9.85
C ASN D 119 -10.33 -31.70 -10.79
N ALA D 120 -9.99 -30.42 -10.83
CA ALA D 120 -8.98 -29.94 -11.78
C ALA D 120 -7.58 -29.86 -11.18
N VAL D 121 -7.48 -29.68 -9.87
CA VAL D 121 -6.18 -29.44 -9.25
C VAL D 121 -5.77 -30.59 -8.34
N HIS D 122 -6.57 -30.87 -7.32
CA HIS D 122 -6.29 -31.94 -6.37
C HIS D 122 -6.18 -33.30 -7.02
N ALA D 123 -7.15 -33.65 -7.87
CA ALA D 123 -7.17 -34.98 -8.48
C ALA D 123 -5.96 -35.22 -9.38
N LYS D 124 -5.57 -34.20 -10.15
CA LYS D 124 -4.41 -34.27 -11.01
C LYS D 124 -3.12 -34.37 -10.17
N SER D 125 -3.10 -33.69 -9.02
CA SER D 125 -1.95 -33.68 -8.12
C SER D 125 -1.69 -35.05 -7.51
N TYR D 126 -2.75 -35.72 -7.07
CA TYR D 126 -2.65 -37.07 -6.51
C TYR D 126 -2.17 -38.06 -7.57
N SER D 127 -2.72 -37.94 -8.77
CA SER D 127 -2.32 -38.78 -9.91
C SER D 127 -0.83 -38.61 -10.22
N ASN D 128 -0.38 -37.35 -10.30
CA ASN D 128 1.04 -37.01 -10.51
C ASN D 128 1.97 -37.62 -9.47
N ILE D 129 1.61 -37.54 -8.20
CA ILE D 129 2.41 -38.15 -7.13
C ILE D 129 2.53 -39.67 -7.35
N PHE D 130 1.40 -40.32 -7.60
CA PHE D 130 1.38 -41.76 -7.87
C PHE D 130 2.28 -42.18 -9.04
N MET D 131 2.09 -41.52 -10.19
CA MET D 131 2.84 -41.82 -11.41
C MET D 131 4.34 -41.63 -11.24
N THR D 132 4.73 -40.72 -10.34
CA THR D 132 6.14 -40.48 -10.05
C THR D 132 6.76 -41.61 -9.23
N LEU D 133 6.04 -42.10 -8.23
CA LEU D 133 6.57 -43.04 -7.24
C LEU D 133 6.38 -44.52 -7.59
N ALA D 134 5.31 -44.86 -8.29
CA ALA D 134 5.05 -46.27 -8.60
C ALA D 134 4.88 -46.53 -10.09
N PRO D 135 5.24 -47.74 -10.56
CA PRO D 135 4.91 -48.09 -11.95
C PRO D 135 3.41 -48.37 -12.11
N THR D 136 2.92 -48.29 -13.35
CA THR D 136 1.48 -48.41 -13.64
C THR D 136 0.82 -49.62 -12.98
N GLU D 137 1.45 -50.78 -13.06
CA GLU D 137 0.89 -52.01 -12.49
C GLU D 137 0.73 -51.95 -10.97
N THR D 138 1.68 -51.33 -10.29
CA THR D 138 1.62 -51.13 -8.83
C THR D 138 0.48 -50.19 -8.42
N ILE D 139 0.29 -49.12 -9.19
CA ILE D 139 -0.80 -48.17 -8.95
C ILE D 139 -2.17 -48.88 -9.05
N ASN D 140 -2.36 -49.64 -10.13
CA ASN D 140 -3.60 -50.39 -10.34
C ASN D 140 -3.91 -51.38 -9.19
N GLU D 141 -2.88 -52.05 -8.68
CA GLU D 141 -3.04 -53.00 -7.58
C GLU D 141 -3.39 -52.35 -6.24
N VAL D 142 -2.70 -51.25 -5.93
CA VAL D 142 -2.98 -50.49 -4.71
C VAL D 142 -4.42 -49.98 -4.71
N PHE D 143 -4.88 -49.47 -5.84
CA PHE D 143 -6.25 -48.98 -5.95
C PHE D 143 -7.28 -50.11 -5.88
N GLU D 144 -6.95 -51.27 -6.44
CA GLU D 144 -7.77 -52.47 -6.27
C GLU D 144 -7.90 -52.85 -4.79
N TRP D 145 -6.79 -52.83 -4.06
CA TRP D 145 -6.75 -53.16 -2.63
C TRP D 145 -7.55 -52.18 -1.80
N VAL D 146 -7.27 -50.89 -1.98
CA VAL D 146 -7.91 -49.85 -1.19
C VAL D 146 -9.41 -49.76 -1.54
N LYS D 147 -9.75 -50.06 -2.80
CA LYS D 147 -11.15 -50.12 -3.23
C LYS D 147 -11.95 -51.23 -2.53
N GLN D 148 -11.27 -52.31 -2.15
CA GLN D 148 -11.91 -53.43 -1.44
C GLN D 148 -11.80 -53.31 0.07
N ASN D 149 -10.92 -52.43 0.55
CA ASN D 149 -10.67 -52.27 1.98
C ASN D 149 -11.90 -51.85 2.79
N LYS D 150 -12.18 -52.62 3.84
CA LYS D 150 -13.39 -52.46 4.65
C LYS D 150 -13.51 -51.08 5.34
N TYR D 151 -12.42 -50.56 5.88
CA TYR D 151 -12.46 -49.32 6.66
C TYR D 151 -12.53 -48.09 5.77
N LEU D 152 -11.82 -48.11 4.65
CA LEU D 152 -11.92 -47.05 3.66
C LEU D 152 -13.35 -47.01 3.08
N GLN D 153 -13.85 -48.16 2.64
CA GLN D 153 -15.24 -48.24 2.13
C GLN D 153 -16.29 -47.79 3.13
N LYS D 154 -16.17 -48.22 4.39
CA LYS D 154 -17.17 -47.82 5.38
C LYS D 154 -17.33 -46.30 5.43
N LYS D 155 -16.22 -45.59 5.62
CA LYS D 155 -16.30 -44.13 5.68
C LYS D 155 -16.69 -43.50 4.35
N ALA D 156 -16.15 -43.98 3.24
CA ALA D 156 -16.50 -43.40 1.94
C ALA D 156 -18.01 -43.49 1.68
N GLN D 157 -18.59 -44.67 1.93
CA GLN D 157 -20.03 -44.87 1.68
C GLN D 157 -20.94 -44.16 2.69
N MET D 158 -20.49 -44.03 3.94
CA MET D 158 -21.25 -43.24 4.93
C MET D 158 -21.43 -41.79 4.50
N ILE D 159 -20.35 -41.18 4.01
CA ILE D 159 -20.36 -39.79 3.56
C ILE D 159 -21.24 -39.63 2.32
N VAL D 160 -21.01 -40.51 1.32
CA VAL D 160 -21.74 -40.50 0.05
C VAL D 160 -23.25 -40.72 0.28
N GLY D 161 -23.58 -41.60 1.23
CA GLY D 161 -24.96 -41.85 1.61
C GLY D 161 -25.69 -40.58 2.03
N LEU D 162 -25.03 -39.75 2.84
CA LEU D 162 -25.64 -38.48 3.26
C LEU D 162 -25.78 -37.47 2.13
N TYR D 163 -24.83 -37.44 1.20
CA TYR D 163 -24.96 -36.58 -0.01
C TYR D 163 -26.13 -37.02 -0.88
N LYS D 164 -26.31 -38.33 -1.03
CA LYS D 164 -27.42 -38.86 -1.84
C LYS D 164 -28.81 -38.65 -1.20
N ALA D 165 -28.83 -38.37 0.10
CA ALA D 165 -30.09 -38.22 0.83
C ALA D 165 -30.62 -36.79 0.90
N ILE D 166 -29.88 -35.82 0.33
CA ILE D 166 -30.34 -34.44 0.29
C ILE D 166 -31.61 -34.36 -0.56
N GLN D 167 -32.64 -33.69 -0.04
CA GLN D 167 -33.88 -33.50 -0.77
C GLN D 167 -34.07 -32.03 -1.12
N LYS D 168 -34.59 -31.78 -2.31
CA LYS D 168 -34.88 -30.41 -2.75
C LYS D 168 -35.71 -29.66 -1.72
N ASP D 169 -35.33 -28.41 -1.44
CA ASP D 169 -36.02 -27.54 -0.47
C ASP D 169 -36.13 -28.10 0.95
N ASP D 170 -35.26 -29.02 1.32
CA ASP D 170 -35.24 -29.50 2.70
C ASP D 170 -33.89 -29.18 3.32
N GLU D 171 -33.88 -28.14 4.16
CA GLU D 171 -32.65 -27.63 4.75
C GLU D 171 -32.07 -28.55 5.82
N ILE D 172 -32.89 -29.43 6.41
CA ILE D 172 -32.41 -30.39 7.38
C ILE D 172 -31.48 -31.43 6.73
N SER D 173 -31.93 -31.97 5.60
CA SER D 173 -31.13 -32.94 4.85
C SER D 173 -29.87 -32.28 4.26
N LEU D 174 -29.98 -31.01 3.90
CA LEU D 174 -28.81 -30.27 3.42
C LEU D 174 -27.79 -30.10 4.55
N PHE D 175 -28.28 -29.74 5.74
CA PHE D 175 -27.41 -29.58 6.90
C PHE D 175 -26.64 -30.87 7.22
N LYS D 176 -27.35 -31.99 7.21
CA LYS D 176 -26.74 -33.30 7.48
C LYS D 176 -25.62 -33.62 6.49
N ALA D 177 -25.85 -33.30 5.23
CA ALA D 177 -24.83 -33.46 4.19
C ALA D 177 -23.63 -32.50 4.41
N MET D 178 -23.92 -31.30 4.91
CA MET D 178 -22.85 -30.32 5.17
C MET D 178 -21.96 -30.78 6.32
N VAL D 179 -22.60 -31.38 7.33
CA VAL D 179 -21.89 -31.99 8.44
C VAL D 179 -20.96 -33.09 7.94
N ALA D 180 -21.49 -33.97 7.08
CA ALA D 180 -20.70 -35.01 6.44
C ALA D 180 -19.51 -34.40 5.67
N SER D 181 -19.79 -33.34 4.91
CA SER D 181 -18.75 -32.66 4.15
C SER D 181 -17.65 -32.07 5.03
N VAL D 182 -18.05 -31.36 6.09
CA VAL D 182 -17.09 -30.83 7.05
C VAL D 182 -16.27 -31.95 7.70
N TYR D 183 -16.93 -33.05 8.05
CA TYR D 183 -16.20 -34.18 8.63
C TYR D 183 -15.18 -34.74 7.65
N LEU D 184 -15.48 -34.75 6.36
CA LEU D 184 -14.50 -35.23 5.39
C LEU D 184 -13.34 -34.23 5.26
N GLU D 185 -13.66 -32.96 5.01
CA GLU D 185 -12.65 -31.92 4.81
C GLU D 185 -11.73 -31.67 6.01
N SER D 186 -12.32 -31.70 7.20
CA SER D 186 -11.62 -31.25 8.41
C SER D 186 -11.23 -32.37 9.37
N PHE D 187 -11.54 -33.61 9.02
CA PHE D 187 -11.36 -34.70 9.98
C PHE D 187 -10.90 -35.99 9.30
N LEU D 188 -11.71 -36.54 8.40
CA LEU D 188 -11.42 -37.85 7.79
C LEU D 188 -10.14 -37.91 6.94
N PHE D 189 -9.79 -36.80 6.28
CA PHE D 189 -8.55 -36.72 5.51
C PHE D 189 -7.28 -36.85 6.38
N TYR D 190 -7.40 -36.52 7.66
CA TYR D 190 -6.20 -36.31 8.49
C TYR D 190 -5.48 -37.58 8.95
N SER D 191 -6.21 -38.71 9.05
CA SER D 191 -5.54 -39.99 9.28
C SER D 191 -4.62 -40.29 8.10
N GLY D 192 -4.95 -39.76 6.94
CA GLY D 192 -4.15 -39.90 5.74
C GLY D 192 -3.04 -38.86 5.62
N PHE D 193 -3.39 -37.59 5.79
CA PHE D 193 -2.41 -36.49 5.72
C PHE D 193 -1.23 -36.70 6.69
N TYR D 194 -1.48 -37.40 7.79
CA TYR D 194 -0.46 -37.62 8.81
C TYR D 194 0.88 -38.08 8.21
N TYR D 195 0.81 -39.08 7.35
CA TYR D 195 2.03 -39.73 6.88
C TYR D 195 2.89 -38.82 5.99
N PRO D 196 2.31 -38.22 4.92
CA PRO D 196 3.08 -37.25 4.12
C PRO D 196 3.64 -36.10 4.96
N LEU D 197 2.88 -35.62 5.93
CA LEU D 197 3.37 -34.57 6.84
C LEU D 197 4.52 -35.05 7.72
N TYR D 198 4.42 -36.31 8.17
CA TYR D 198 5.46 -36.97 8.95
C TYR D 198 6.77 -37.06 8.16
N PHE D 199 6.70 -37.49 6.90
CA PHE D 199 7.89 -37.47 6.05
C PHE D 199 8.41 -36.06 5.76
N TYR D 200 7.48 -35.17 5.43
CA TYR D 200 7.77 -33.76 5.10
C TYR D 200 8.50 -33.08 6.25
N GLY D 201 8.09 -33.38 7.47
CA GLY D 201 8.74 -32.84 8.66
C GLY D 201 10.12 -33.40 8.95
N GLN D 202 10.48 -34.51 8.29
CA GLN D 202 11.78 -35.19 8.43
C GLN D 202 12.73 -34.91 7.27
N GLY D 203 12.27 -34.20 6.25
CA GLY D 203 13.09 -33.94 5.06
C GLY D 203 12.96 -35.01 3.99
N LYS D 204 11.99 -35.91 4.13
CA LYS D 204 11.75 -36.96 3.14
C LYS D 204 10.53 -36.65 2.27
N LEU D 205 10.58 -37.07 1.00
CA LEU D 205 9.50 -36.85 0.03
C LEU D 205 8.95 -35.41 0.12
N MET D 206 9.86 -34.45 -0.02
CA MET D 206 9.58 -33.04 0.12
C MET D 206 8.71 -32.43 -0.97
N GLN D 207 8.83 -32.92 -2.20
CA GLN D 207 8.08 -32.39 -3.33
C GLN D 207 6.60 -32.80 -3.23
N SER D 208 6.35 -34.08 -2.98
CA SER D 208 4.99 -34.57 -2.80
C SER D 208 4.40 -34.05 -1.50
N GLY D 209 5.24 -33.86 -0.48
CA GLY D 209 4.82 -33.27 0.80
C GLY D 209 4.38 -31.82 0.66
N GLU D 210 5.07 -31.08 -0.21
CA GLU D 210 4.68 -29.70 -0.51
C GLU D 210 3.30 -29.69 -1.19
N ILE D 211 3.12 -30.57 -2.18
CA ILE D 211 1.82 -30.73 -2.82
C ILE D 211 0.74 -31.06 -1.81
N ILE D 212 1.00 -32.02 -0.91
CA ILE D 212 0.00 -32.42 0.06
C ILE D 212 -0.36 -31.27 1.00
N ASN D 213 0.65 -30.48 1.38
CA ASN D 213 0.42 -29.32 2.23
C ASN D 213 -0.49 -28.27 1.56
N LEU D 214 -0.38 -28.13 0.24
CA LEU D 214 -1.22 -27.18 -0.49
C LEU D 214 -2.64 -27.70 -0.56
N ILE D 215 -2.78 -29.00 -0.80
CA ILE D 215 -4.08 -29.66 -0.82
C ILE D 215 -4.75 -29.49 0.54
N LEU D 216 -4.00 -29.82 1.59
CA LEU D 216 -4.53 -29.77 2.95
C LEU D 216 -5.00 -28.35 3.29
N ARG D 217 -4.21 -27.35 2.88
CA ARG D 217 -4.57 -25.94 3.09
C ARG D 217 -5.90 -25.57 2.40
N ASP D 218 -6.13 -26.10 1.19
CA ASP D 218 -7.44 -25.96 0.53
C ASP D 218 -8.57 -26.66 1.31
N GLU D 219 -8.34 -27.91 1.74
CA GLU D 219 -9.40 -28.64 2.46
C GLU D 219 -9.77 -27.95 3.77
N ALA D 220 -8.79 -27.36 4.44
CA ALA D 220 -9.04 -26.59 5.68
C ALA D 220 -10.04 -25.46 5.46
N ILE D 221 -9.78 -24.60 4.47
CA ILE D 221 -10.72 -23.54 4.13
C ILE D 221 -12.07 -24.06 3.61
N HIS D 222 -12.07 -25.16 2.85
CA HIS D 222 -13.33 -25.78 2.43
C HIS D 222 -14.18 -26.16 3.64
N GLY D 223 -13.55 -26.85 4.60
CA GLY D 223 -14.22 -27.25 5.84
C GLY D 223 -14.77 -26.08 6.64
N VAL D 224 -14.00 -25.00 6.78
CA VAL D 224 -14.45 -23.81 7.50
C VAL D 224 -15.66 -23.16 6.81
N TYR D 225 -15.59 -23.04 5.49
CA TYR D 225 -16.65 -22.41 4.70
C TYR D 225 -17.97 -23.20 4.76
N VAL D 226 -17.89 -24.50 4.45
CA VAL D 226 -19.09 -25.35 4.52
C VAL D 226 -19.64 -25.35 5.94
N GLY D 227 -18.74 -25.32 6.94
CA GLY D 227 -19.14 -25.20 8.35
C GLY D 227 -20.00 -23.98 8.66
N LEU D 228 -19.62 -22.84 8.06
CA LEU D 228 -20.40 -21.61 8.26
C LEU D 228 -21.78 -21.72 7.60
N LEU D 229 -21.85 -22.35 6.42
CA LEU D 229 -23.14 -22.62 5.76
C LEU D 229 -24.05 -23.55 6.59
N ALA D 230 -23.45 -24.53 7.24
CA ALA D 230 -24.20 -25.44 8.13
C ALA D 230 -24.72 -24.71 9.38
N GLN D 231 -23.88 -23.87 9.98
CA GLN D 231 -24.30 -23.06 11.16
C GLN D 231 -25.45 -22.12 10.82
N GLU D 232 -25.45 -21.54 9.63
CA GLU D 232 -26.56 -20.73 9.15
C GLU D 232 -27.88 -21.50 9.18
N ILE D 233 -27.88 -22.74 8.70
CA ILE D 233 -29.09 -23.59 8.76
C ILE D 233 -29.44 -23.93 10.21
N TYR D 234 -28.45 -24.38 10.97
CA TYR D 234 -28.62 -24.74 12.38
C TYR D 234 -29.29 -23.61 13.17
N ASN D 235 -28.84 -22.37 12.93
CA ASN D 235 -29.33 -21.20 13.67
C ASN D 235 -30.76 -20.79 13.31
N LYS D 236 -31.28 -21.36 12.22
CA LYS D 236 -32.66 -21.08 11.81
C LYS D 236 -33.64 -22.06 12.47
N GLN D 237 -33.11 -23.00 13.26
CA GLN D 237 -33.94 -24.07 13.83
C GLN D 237 -34.42 -23.75 15.24
N THR D 238 -35.48 -24.43 15.66
CA THR D 238 -35.96 -24.37 17.05
C THR D 238 -34.94 -24.99 18.01
N GLU D 239 -35.16 -24.81 19.31
CA GLU D 239 -34.26 -25.38 20.30
C GLU D 239 -34.29 -26.91 20.32
N GLU D 240 -35.47 -27.49 20.15
CA GLU D 240 -35.62 -28.95 20.11
C GLU D 240 -34.95 -29.51 18.85
N LYS D 241 -35.15 -28.84 17.72
CA LYS D 241 -34.54 -29.25 16.45
C LYS D 241 -33.01 -29.12 16.51
N LYS D 242 -32.52 -28.06 17.15
CA LYS D 242 -31.08 -27.88 17.36
C LYS D 242 -30.48 -29.04 18.15
N ALA D 243 -31.09 -29.38 19.29
CA ALA D 243 -30.64 -30.50 20.12
C ALA D 243 -30.60 -31.82 19.33
N GLU D 244 -31.56 -31.97 18.41
CA GLU D 244 -31.67 -33.13 17.55
C GLU D 244 -30.56 -33.17 16.48
N LEU D 245 -30.24 -32.00 15.93
CA LEU D 245 -29.14 -31.87 14.99
C LEU D 245 -27.77 -32.06 15.66
N ARG D 246 -27.63 -31.60 16.91
CA ARG D 246 -26.42 -31.85 17.69
C ARG D 246 -26.22 -33.33 17.94
N GLU D 247 -27.28 -34.02 18.31
CA GLU D 247 -27.23 -35.47 18.52
C GLU D 247 -26.83 -36.19 17.23
N PHE D 248 -27.41 -35.77 16.10
CA PHE D 248 -27.02 -36.30 14.78
C PHE D 248 -25.52 -36.15 14.54
N ALA D 249 -25.00 -34.94 14.75
CA ALA D 249 -23.59 -34.62 14.48
C ALA D 249 -22.64 -35.45 15.36
N ILE D 250 -22.96 -35.54 16.64
CA ILE D 250 -22.14 -36.30 17.59
C ILE D 250 -22.19 -37.81 17.30
N ASP D 251 -23.39 -38.32 17.00
CA ASP D 251 -23.57 -39.72 16.64
C ASP D 251 -22.77 -40.07 15.38
N LEU D 252 -22.89 -39.24 14.35
CA LEU D 252 -22.11 -39.42 13.12
C LEU D 252 -20.61 -39.38 13.41
N LEU D 253 -20.18 -38.39 14.20
CA LEU D 253 -18.76 -38.28 14.56
C LEU D 253 -18.25 -39.56 15.23
N ASN D 254 -19.02 -40.05 16.21
CA ASN D 254 -18.71 -41.31 16.89
C ASN D 254 -18.53 -42.51 15.95
N GLN D 255 -19.46 -42.66 15.00
CA GLN D 255 -19.38 -43.77 14.05
C GLN D 255 -18.12 -43.67 13.22
N LEU D 256 -17.85 -42.47 12.69
CA LEU D 256 -16.68 -42.23 11.86
C LEU D 256 -15.40 -42.39 12.67
N TYR D 257 -15.40 -41.89 13.91
CA TYR D 257 -14.23 -41.98 14.76
C TYR D 257 -13.84 -43.42 15.09
N GLU D 258 -14.83 -44.25 15.41
CA GLU D 258 -14.54 -45.65 15.74
C GLU D 258 -13.98 -46.41 14.53
N ASN D 259 -14.50 -46.13 13.35
CA ASN D 259 -13.94 -46.67 12.11
C ASN D 259 -12.52 -46.12 11.79
N GLU D 260 -12.28 -44.84 12.08
CA GLU D 260 -10.94 -44.24 11.92
C GLU D 260 -9.88 -44.93 12.78
N LEU D 261 -10.25 -45.32 13.99
CA LEU D 261 -9.33 -46.02 14.87
C LEU D 261 -8.93 -47.34 14.25
N GLU D 262 -9.89 -48.07 13.70
CA GLU D 262 -9.62 -49.33 13.01
C GLU D 262 -8.81 -49.12 11.72
N TYR D 263 -9.19 -48.12 10.94
CA TYR D 263 -8.48 -47.73 9.73
C TYR D 263 -7.00 -47.43 10.06
N THR D 264 -6.81 -46.71 11.16
CA THR D 264 -5.49 -46.27 11.60
C THR D 264 -4.60 -47.46 11.97
N GLU D 265 -5.11 -48.36 12.81
CA GLU D 265 -4.33 -49.54 13.18
C GLU D 265 -4.00 -50.39 11.97
N ASP D 266 -4.95 -50.53 11.06
CA ASP D 266 -4.79 -51.32 9.83
C ASP D 266 -3.61 -50.83 8.97
N LEU D 267 -3.40 -49.52 8.92
CA LEU D 267 -2.35 -48.93 8.09
C LEU D 267 -1.03 -48.63 8.81
N TYR D 268 -1.13 -48.18 10.06
CA TYR D 268 0.02 -47.62 10.77
C TYR D 268 0.71 -48.51 11.80
N ASP D 269 0.05 -49.59 12.25
CA ASP D 269 0.74 -50.53 13.14
C ASP D 269 2.06 -51.07 12.53
N GLN D 270 2.07 -51.34 11.22
CA GLN D 270 3.25 -51.89 10.56
C GLN D 270 4.45 -50.93 10.52
N VAL D 271 4.20 -49.64 10.76
CA VAL D 271 5.27 -48.66 10.85
C VAL D 271 5.34 -48.00 12.23
N GLY D 272 4.59 -48.55 13.20
CA GLY D 272 4.67 -48.16 14.63
C GLY D 272 4.17 -46.78 15.03
N LEU D 273 3.24 -46.23 14.25
CA LEU D 273 2.84 -44.83 14.45
C LEU D 273 1.44 -44.59 14.99
N SER D 274 0.66 -45.67 15.14
CA SER D 274 -0.79 -45.56 15.39
C SER D 274 -1.18 -44.69 16.60
N HIS D 275 -0.46 -44.83 17.70
CA HIS D 275 -0.73 -44.01 18.91
C HIS D 275 -0.73 -42.50 18.59
N ASP D 276 0.30 -42.04 17.89
CA ASP D 276 0.41 -40.63 17.54
C ASP D 276 -0.61 -40.21 16.49
N VAL D 277 -0.91 -41.09 15.53
CA VAL D 277 -1.93 -40.80 14.53
C VAL D 277 -3.30 -40.59 15.19
N LYS D 278 -3.61 -41.43 16.18
CA LYS D 278 -4.87 -41.31 16.92
C LYS D 278 -5.02 -39.94 17.61
N LYS D 279 -3.94 -39.42 18.20
CA LYS D 279 -3.96 -38.08 18.79
C LYS D 279 -4.29 -37.03 17.73
N PHE D 280 -3.73 -37.19 16.53
CA PHE D 280 -3.93 -36.27 15.39
C PHE D 280 -5.37 -36.30 14.85
N ILE D 281 -5.95 -37.49 14.78
CA ILE D 281 -7.37 -37.64 14.44
C ILE D 281 -8.29 -36.87 15.42
N ARG D 282 -8.08 -37.02 16.72
CA ARG D 282 -8.93 -36.38 17.73
C ARG D 282 -8.81 -34.86 17.70
N TYR D 283 -7.57 -34.39 17.55
CA TYR D 283 -7.27 -32.97 17.41
C TYR D 283 -8.02 -32.38 16.19
N ASN D 284 -8.04 -33.10 15.09
CA ASN D 284 -8.73 -32.63 13.89
C ASN D 284 -10.25 -32.79 13.95
N ALA D 285 -10.72 -33.82 14.66
CA ALA D 285 -12.15 -33.96 14.98
C ALA D 285 -12.68 -32.73 15.74
N ASN D 286 -11.90 -32.26 16.71
CA ASN D 286 -12.23 -31.04 17.47
C ASN D 286 -12.30 -29.80 16.57
N LYS D 287 -11.39 -29.69 15.60
CA LYS D 287 -11.43 -28.58 14.64
C LYS D 287 -12.70 -28.63 13.78
N ALA D 288 -13.07 -29.83 13.34
CA ALA D 288 -14.28 -30.05 12.55
C ALA D 288 -15.55 -29.65 13.32
N LEU D 289 -15.60 -30.03 14.60
CA LEU D 289 -16.70 -29.63 15.47
C LEU D 289 -16.73 -28.11 15.62
N MET D 290 -15.58 -27.50 15.85
CA MET D 290 -15.55 -26.04 15.98
C MET D 290 -16.01 -25.34 14.67
N ASN D 291 -15.64 -25.90 13.51
CA ASN D 291 -16.17 -25.42 12.22
C ASN D 291 -17.70 -25.41 12.12
N LEU D 292 -18.33 -26.35 12.83
CA LEU D 292 -19.79 -26.49 12.87
C LEU D 292 -20.40 -25.73 14.05
N GLY D 293 -19.58 -24.92 14.72
CA GLY D 293 -20.03 -24.14 15.87
C GLY D 293 -20.30 -24.95 17.12
N PHE D 294 -19.76 -26.17 17.18
CA PHE D 294 -19.94 -27.06 18.33
C PHE D 294 -18.70 -27.08 19.25
N ASP D 295 -18.91 -27.50 20.49
CA ASP D 295 -17.81 -27.63 21.46
C ASP D 295 -16.89 -28.81 21.10
N PRO D 296 -15.61 -28.73 21.49
CA PRO D 296 -14.72 -29.88 21.25
C PRO D 296 -15.22 -31.11 22.00
N TYR D 297 -15.04 -32.29 21.40
CA TYR D 297 -15.51 -33.53 22.00
C TYR D 297 -14.41 -34.21 22.82
N PHE D 298 -13.17 -34.06 22.35
CA PHE D 298 -12.02 -34.74 22.92
C PHE D 298 -11.15 -33.77 23.74
N GLU D 299 -10.52 -34.29 24.79
CA GLU D 299 -9.55 -33.52 25.57
C GLU D 299 -8.38 -33.08 24.69
N GLU D 300 -7.79 -31.94 25.02
CA GLU D 300 -6.64 -31.40 24.31
C GLU D 300 -5.42 -32.31 24.48
N GLU D 301 -4.74 -32.59 23.38
CA GLU D 301 -3.53 -33.40 23.39
C GLU D 301 -2.46 -32.70 22.58
N ASP D 302 -1.20 -32.96 22.90
CA ASP D 302 -0.09 -32.43 22.11
C ASP D 302 0.08 -33.31 20.88
N ILE D 303 0.58 -32.74 19.79
CA ILE D 303 0.76 -33.50 18.55
C ILE D 303 2.23 -33.81 18.29
N ASN D 304 2.49 -34.93 17.61
CA ASN D 304 3.84 -35.31 17.20
C ASN D 304 4.60 -34.11 16.59
N PRO D 305 5.78 -33.77 17.16
CA PRO D 305 6.51 -32.57 16.71
C PRO D 305 7.04 -32.65 15.27
N ILE D 306 7.25 -33.85 14.75
CA ILE D 306 7.69 -34.01 13.37
C ILE D 306 6.55 -33.63 12.41
N VAL D 307 5.37 -34.16 12.69
CA VAL D 307 4.16 -33.76 11.97
C VAL D 307 3.89 -32.26 12.12
N LEU D 308 4.06 -31.71 13.32
CA LEU D 308 3.93 -30.25 13.50
C LEU D 308 4.91 -29.46 12.62
N ASN D 309 6.14 -29.93 12.52
CA ASN D 309 7.13 -29.29 11.66
C ASN D 309 6.73 -29.35 10.18
N GLY D 310 6.08 -30.45 9.80
CA GLY D 310 5.50 -30.58 8.47
C GLY D 310 4.36 -29.59 8.26
N LEU D 311 3.45 -29.51 9.22
CA LEU D 311 2.29 -28.62 9.15
C LEU D 311 2.66 -27.14 9.06
N LYS D 330 -25.32 1.79 7.58
CA LYS D 330 -26.08 2.52 6.58
C LYS D 330 -27.41 3.00 7.13
N ALA D 331 -27.43 4.21 7.69
CA ALA D 331 -28.67 4.81 8.15
C ALA D 331 -29.51 5.25 6.94
N THR D 332 -30.82 5.37 7.17
CA THR D 332 -31.75 5.71 6.11
C THR D 332 -31.47 7.14 5.64
N VAL D 333 -31.16 7.29 4.36
CA VAL D 333 -30.90 8.60 3.78
C VAL D 333 -32.22 9.31 3.55
N GLU D 334 -32.43 10.42 4.24
CA GLU D 334 -33.65 11.22 4.11
C GLU D 334 -33.26 12.64 3.73
N PRO D 335 -33.75 13.18 2.62
CA PRO D 335 -33.31 14.51 2.17
C PRO D 335 -33.74 15.59 3.16
N LEU D 336 -32.93 16.66 3.22
CA LEU D 336 -33.29 17.82 4.02
C LEU D 336 -34.47 18.54 3.37
N LYS D 337 -35.49 18.79 4.18
CA LYS D 337 -36.77 19.28 3.69
C LYS D 337 -36.93 20.79 3.85
N ASP D 338 -35.85 21.52 4.18
CA ASP D 338 -35.90 22.93 4.53
C ASP D 338 -36.70 23.11 5.82
N ASP D 339 -36.58 24.28 6.44
CA ASP D 339 -37.13 24.55 7.77
C ASP D 339 -36.42 23.69 8.82
N ASP D 340 -35.49 22.86 8.38
CA ASP D 340 -34.52 22.21 9.25
C ASP D 340 -33.32 23.11 9.51
N PHE D 341 -33.24 24.24 8.80
CA PHE D 341 -32.20 25.23 8.99
C PHE D 341 -32.66 26.37 9.90
N TYR D 342 -33.90 26.31 10.39
CA TYR D 342 -34.48 27.38 11.19
C TYR D 342 -34.98 26.78 12.50
N PHE D 343 -34.81 27.53 13.59
CA PHE D 343 -35.14 27.05 14.91
C PHE D 343 -35.82 28.12 15.74
PG ATP E . 15.09 19.12 -49.06
O1G ATP E . 15.00 20.14 -50.15
O2G ATP E . 16.50 19.00 -48.45
O3G ATP E . 14.08 19.34 -47.93
PB ATP E . 15.51 16.32 -50.02
O1B ATP E . 16.36 16.49 -51.21
O2B ATP E . 16.21 15.80 -48.77
O3B ATP E . 14.76 17.66 -49.62
PA ATP E . 13.13 14.65 -49.46
O1A ATP E . 13.36 13.20 -49.31
O2A ATP E . 11.80 15.03 -50.12
O3A ATP E . 14.29 15.33 -50.31
O5' ATP E . 13.21 15.39 -48.06
C5' ATP E . 12.26 16.39 -47.68
C4' ATP E . 12.54 16.82 -46.27
O4' ATP E . 11.77 16.00 -45.36
C3' ATP E . 13.99 16.69 -45.82
O3' ATP E . 14.72 17.87 -46.10
C2' ATP E . 13.84 16.46 -44.31
O2' ATP E . 13.66 17.68 -43.62
C1' ATP E . 12.58 15.62 -44.26
N9 ATP E . 12.81 14.17 -44.35
C8 ATP E . 12.41 13.33 -45.35
N7 ATP E . 12.77 12.08 -45.16
C5 ATP E . 13.46 12.10 -43.96
C6 ATP E . 14.08 11.09 -43.21
N6 ATP E . 14.14 9.82 -43.57
N1 ATP E . 14.67 11.46 -42.05
C2 ATP E . 14.63 12.74 -41.67
N3 ATP E . 14.06 13.77 -42.30
C4 ATP E . 13.49 13.39 -43.43
PB GDP F . 20.34 31.21 -44.20
O1B GDP F . 20.93 29.84 -44.38
O2B GDP F . 21.15 32.22 -44.98
O3B GDP F . 18.91 31.22 -44.70
O3A GDP F . 20.37 31.59 -42.64
PA GDP F . 19.47 30.81 -41.55
O1A GDP F . 19.01 31.74 -40.47
O2A GDP F . 18.28 30.15 -42.22
O5' GDP F . 20.48 29.70 -40.97
C5' GDP F . 20.28 29.20 -39.65
C4' GDP F . 20.42 27.69 -39.63
O4' GDP F . 19.58 27.17 -38.61
C3' GDP F . 19.99 27.08 -40.95
O3' GDP F . 21.06 26.32 -41.53
C2' GDP F . 18.82 26.15 -40.64
O2' GDP F . 19.10 24.84 -41.12
C1' GDP F . 18.73 26.14 -39.12
N9 GDP F . 17.33 26.33 -38.64
C8 GDP F . 16.80 25.68 -37.59
N7 GDP F . 15.51 26.05 -37.37
C5 GDP F . 15.21 26.99 -38.30
C6 GDP F . 14.01 27.79 -38.62
O6 GDP F . 12.96 27.69 -37.95
N1 GDP F . 14.09 28.65 -39.65
C2 GDP F . 15.21 28.79 -40.38
N2 GDP F . 15.22 29.67 -41.41
N3 GDP F . 16.34 28.08 -40.14
C4 GDP F . 16.40 27.17 -39.12
PA TTP G . 15.63 6.17 16.04
O1A TTP G . 14.47 7.08 15.68
O2A TTP G . 16.95 6.86 15.88
O3A TTP G . 15.46 5.59 17.52
PB TTP G . 15.83 6.46 18.83
O1B TTP G . 16.91 7.48 18.55
O2B TTP G . 14.59 7.15 19.35
O3B TTP G . 16.32 5.33 19.86
PG TTP G . 17.61 4.42 19.53
O1G TTP G . 18.60 5.21 18.71
O2G TTP G . 18.26 3.99 20.83
O3G TTP G . 17.16 3.20 18.77
O5' TTP G . 15.58 4.82 15.17
C5' TTP G . 14.81 3.72 15.62
C4' TTP G . 14.59 2.76 14.48
O4' TTP G . 13.33 2.11 14.67
C3' TTP G . 14.54 3.50 13.16
O3' TTP G . 15.54 3.00 12.27
C2' TTP G . 13.17 3.23 12.57
C1' TTP G . 12.46 2.30 13.55
N1 TTP G . 11.22 2.93 14.01
C2 TTP G . 9.99 2.27 13.81
O2 TTP G . 9.97 1.16 13.24
N3 TTP G . 8.83 2.81 14.22
C4 TTP G . 8.82 3.99 14.84
O4 TTP G . 7.74 4.50 15.21
C5 TTP G . 10.10 4.71 15.06
C5M TTP G . 10.12 6.04 15.75
C6 TTP G . 11.27 4.11 14.63
MG MG H . 18.80 6.45 16.69
PA TTP I . 5.67 22.61 -4.72
O1A TTP I . 6.68 21.91 -3.85
O2A TTP I . 5.37 23.99 -4.21
O3A TTP I . 6.16 22.62 -6.25
PB TTP I . 6.85 23.93 -6.90
O1B TTP I . 7.24 24.97 -5.88
O2B TTP I . 8.05 23.53 -7.71
O3B TTP I . 5.65 24.46 -7.85
PG TTP I . 4.97 25.90 -7.61
O1G TTP I . 5.93 26.99 -8.01
O2G TTP I . 3.71 26.00 -8.44
O3G TTP I . 4.63 26.05 -6.15
O5' TTP I . 4.32 21.75 -4.84
C5' TTP I . 3.09 22.38 -4.49
C4' TTP I . 1.95 21.37 -4.54
O4' TTP I . 2.13 20.47 -5.63
C3' TTP I . 1.92 20.52 -3.28
O3' TTP I . 0.95 21.00 -2.36
C2' TTP I . 1.55 19.13 -3.76
C1' TTP I . 1.62 19.18 -5.28
N1 TTP I . 2.51 18.12 -5.77
C2 TTP I . 1.96 16.87 -6.09
O2 TTP I . 0.73 16.68 -5.96
N3 TTP I . 2.73 15.87 -6.54
C4 TTP I . 4.05 16.03 -6.69
O4 TTP I . 4.76 15.10 -7.10
C5 TTP I . 4.65 17.35 -6.34
C5M TTP I . 6.13 17.58 -6.51
C6 TTP I . 3.82 18.35 -5.89
MG MG J . 5.66 26.00 -4.23
PG ATP K . -6.31 0.17 56.36
O1G ATP K . -5.28 0.39 55.31
O2G ATP K . -6.19 1.13 57.54
O3G ATP K . -7.75 0.20 55.84
PB ATP K . -6.93 -2.66 57.14
O1B ATP K . -6.02 -3.83 57.10
O2B ATP K . -7.83 -2.56 58.38
O3B ATP K . -6.14 -1.29 57.02
PA ATP K . -7.80 -3.05 54.34
O1A ATP K . -8.30 -1.98 53.45
O2A ATP K . -8.50 -4.39 54.20
O3A ATP K . -7.88 -2.61 55.87
O5' ATP K . -6.25 -3.27 54.13
C5' ATP K . -5.74 -3.87 52.91
C4' ATP K . -4.84 -2.87 52.22
O4' ATP K . -5.01 -2.99 50.79
C3' ATP K . -5.12 -1.40 52.54
O3' ATP K . -4.36 -0.98 53.66
C2' ATP K . -4.69 -0.70 51.26
O2' ATP K . -3.29 -0.48 51.21
C1' ATP K . -5.12 -1.70 50.19
N9 ATP K . -6.49 -1.53 49.72
C8 ATP K . -7.58 -2.31 50.01
N7 ATP K . -8.69 -1.93 49.44
C5 ATP K . -8.31 -0.81 48.72
C6 ATP K . -9.02 0.08 47.89
N6 ATP K . -10.33 -0.04 47.63
N1 ATP K . -8.34 1.10 47.31
C2 ATP K . -7.03 1.21 47.56
N3 ATP K . -6.26 0.44 48.32
C4 ATP K . -6.95 -0.55 48.88
PB GDP L . 9.37 5.43 58.06
O1B GDP L . 8.97 3.97 58.13
O2B GDP L . 9.12 6.07 59.41
O3B GDP L . 10.83 5.53 57.72
O3A GDP L . 8.49 6.17 56.95
PA GDP L . 8.65 5.86 55.37
O1A GDP L . 9.96 6.39 54.83
O2A GDP L . 8.54 4.37 55.11
O5' GDP L . 7.41 6.65 54.75
C5' GDP L . 7.52 7.36 53.53
C4' GDP L . 6.13 7.51 52.92
O4' GDP L . 6.19 7.02 51.58
C3' GDP L . 5.13 6.65 53.69
O3' GDP L . 3.97 7.43 54.02
C2' GDP L . 4.74 5.53 52.76
O2' GDP L . 3.32 5.36 52.74
C1' GDP L . 5.25 5.96 51.39
N9 GDP L . 5.86 4.86 50.62
C8 GDP L . 5.75 4.71 49.28
N7 GDP L . 6.41 3.62 48.85
C5 GDP L . 6.99 3.04 49.92
C6 GDP L . 7.85 1.86 50.15
O6 GDP L . 8.19 1.11 49.20
N1 GDP L . 8.24 1.61 51.41
C2 GDP L . 7.88 2.39 52.44
N2 GDP L . 8.31 2.07 53.68
N3 GDP L . 7.10 3.48 52.30
C4 GDP L . 6.63 3.86 51.08
MN MN M . -18.86 -20.02 -21.24
MN MN N . -18.84 -16.80 -19.36
MN MN O . -12.11 -30.06 -0.38
MN MN P . -9.50 -32.02 -2.53
#